data_1CTL
#
_entry.id   1CTL
#
_cell.length_a   1.000
_cell.length_b   1.000
_cell.length_c   1.000
_cell.angle_alpha   90.00
_cell.angle_beta   90.00
_cell.angle_gamma   90.00
#
_symmetry.space_group_name_H-M   'P 1'
#
loop_
_entity.id
_entity.type
_entity.pdbx_description
1 polymer 'AVIAN CYSTEINE RICH PROTEIN'
2 non-polymer 'ZINC ION'
#
_entity_poly.entity_id   1
_entity_poly.type   'polypeptide(L)'
_entity_poly.pdbx_seq_one_letter_code
;MAQKVGGSDGCPRCGQAVYAAEKVIGAGKSWHKSCFRCAKCGKSLESTTLADKDGEIYCKGCYAKNFGPKGFGFGQGAGA
LIHSQ
;
_entity_poly.pdbx_strand_id   A
#
loop_
_chem_comp.id
_chem_comp.type
_chem_comp.name
_chem_comp.formula
ZN non-polymer 'ZINC ION' 'Zn 2'
#
# COMPACT_ATOMS: atom_id res chain seq x y z
N MET A 1 -14.82 -14.91 -9.70
CA MET A 1 -14.97 -13.52 -10.17
C MET A 1 -16.13 -13.43 -11.15
N ALA A 2 -17.34 -13.41 -10.61
CA ALA A 2 -18.54 -13.14 -11.41
C ALA A 2 -19.09 -11.75 -11.07
N GLN A 3 -19.80 -11.19 -12.05
CA GLN A 3 -20.37 -9.85 -11.91
C GLN A 3 -19.25 -8.82 -11.78
N LYS A 4 -19.51 -7.63 -12.31
CA LYS A 4 -18.48 -6.61 -12.47
C LYS A 4 -18.94 -5.30 -11.84
N VAL A 5 -17.96 -4.55 -11.35
CA VAL A 5 -18.22 -3.21 -10.82
C VAL A 5 -19.19 -3.27 -9.65
N GLY A 6 -19.03 -4.29 -8.82
CA GLY A 6 -19.74 -4.37 -7.55
C GLY A 6 -20.61 -5.61 -7.50
N GLY A 7 -20.68 -6.22 -6.32
CA GLY A 7 -21.62 -7.29 -6.06
C GLY A 7 -20.92 -8.64 -6.08
N SER A 8 -20.58 -9.12 -4.90
CA SER A 8 -19.69 -10.28 -4.76
C SER A 8 -18.29 -9.94 -5.28
N ASP A 9 -17.33 -9.97 -4.36
CA ASP A 9 -16.00 -9.45 -4.62
C ASP A 9 -14.98 -10.11 -3.71
N GLY A 10 -14.03 -10.82 -4.32
CA GLY A 10 -13.20 -11.78 -3.62
C GLY A 10 -11.78 -11.24 -3.47
N CYS A 11 -10.97 -11.95 -2.67
CA CYS A 11 -9.69 -11.42 -2.21
C CYS A 11 -8.57 -12.39 -2.63
N PRO A 12 -7.84 -11.99 -3.70
CA PRO A 12 -6.60 -12.68 -4.13
C PRO A 12 -5.51 -12.72 -3.05
N ARG A 13 -5.69 -11.88 -2.04
CA ARG A 13 -4.63 -11.61 -1.07
C ARG A 13 -4.59 -12.70 0.00
N CYS A 14 -5.66 -12.77 0.79
CA CYS A 14 -5.73 -13.70 1.89
C CYS A 14 -6.29 -15.05 1.43
N GLY A 15 -6.86 -15.04 0.22
CA GLY A 15 -7.37 -16.24 -0.40
C GLY A 15 -8.79 -16.52 0.08
N GLN A 16 -9.42 -15.49 0.63
CA GLN A 16 -10.86 -15.52 0.89
C GLN A 16 -11.61 -14.72 -0.18
N ALA A 17 -12.90 -14.98 -0.27
CA ALA A 17 -13.79 -14.16 -1.09
C ALA A 17 -14.90 -13.55 -0.21
N VAL A 18 -15.33 -12.36 -0.60
CA VAL A 18 -16.15 -11.52 0.27
C VAL A 18 -17.59 -11.45 -0.26
N TYR A 19 -18.52 -11.41 0.68
CA TYR A 19 -19.94 -11.27 0.36
C TYR A 19 -20.50 -9.99 0.96
N ALA A 20 -20.17 -9.76 2.22
CA ALA A 20 -20.46 -8.50 2.88
C ALA A 20 -19.75 -7.35 2.16
N ALA A 21 -18.84 -7.72 1.27
CA ALA A 21 -18.11 -6.75 0.47
C ALA A 21 -17.28 -5.84 1.37
N GLU A 22 -16.04 -6.23 1.58
CA GLU A 22 -15.03 -5.31 2.13
C GLU A 22 -14.06 -4.89 1.03
N LYS A 23 -14.56 -4.90 -0.21
CA LYS A 23 -13.70 -4.89 -1.38
C LYS A 23 -13.13 -3.50 -1.62
N VAL A 24 -11.81 -3.45 -1.80
CA VAL A 24 -11.17 -2.28 -2.43
C VAL A 24 -10.72 -2.63 -3.84
N ILE A 25 -9.92 -1.74 -4.41
CA ILE A 25 -9.40 -1.93 -5.76
C ILE A 25 -8.08 -1.17 -5.93
N GLY A 26 -7.28 -1.64 -6.88
CA GLY A 26 -6.12 -0.90 -7.34
C GLY A 26 -5.65 -1.43 -8.70
N ALA A 27 -5.50 -0.52 -9.65
CA ALA A 27 -5.21 -0.88 -11.03
C ALA A 27 -6.36 -1.71 -11.61
N GLY A 28 -6.33 -3.01 -11.31
CA GLY A 28 -7.45 -3.90 -11.58
C GLY A 28 -7.46 -5.06 -10.59
N LYS A 29 -6.79 -4.85 -9.46
CA LYS A 29 -6.86 -5.78 -8.34
C LYS A 29 -8.08 -5.47 -7.48
N SER A 30 -8.38 -6.40 -6.56
CA SER A 30 -9.35 -6.15 -5.51
C SER A 30 -8.89 -6.80 -4.20
N TRP A 31 -9.14 -6.10 -3.10
CA TRP A 31 -8.58 -6.47 -1.80
C TRP A 31 -9.65 -6.40 -0.72
N HIS A 32 -9.27 -6.79 0.48
CA HIS A 32 -10.05 -6.49 1.68
C HIS A 32 -9.70 -5.11 2.21
N LYS A 33 -10.57 -4.61 3.09
CA LYS A 33 -10.34 -3.35 3.77
C LYS A 33 -9.07 -3.41 4.60
N SER A 34 -8.70 -4.64 4.99
CA SER A 34 -7.65 -4.85 5.97
C SER A 34 -6.63 -5.86 5.44
N CYS A 35 -6.46 -5.86 4.13
CA CYS A 35 -5.47 -6.68 3.47
C CYS A 35 -4.46 -5.82 2.71
N PHE A 36 -4.78 -4.54 2.60
CA PHE A 36 -4.00 -3.63 1.77
C PHE A 36 -2.57 -3.53 2.27
N ARG A 37 -1.66 -4.15 1.54
CA ARG A 37 -0.31 -4.40 2.01
C ARG A 37 0.70 -3.64 1.15
N CYS A 38 1.16 -2.51 1.68
CA CYS A 38 2.33 -1.83 1.11
C CYS A 38 3.56 -2.73 1.24
N ALA A 39 4.10 -3.08 0.07
CA ALA A 39 5.39 -3.74 -0.03
C ALA A 39 6.49 -2.73 -0.34
N LYS A 40 6.39 -1.57 0.32
CA LYS A 40 7.31 -0.47 0.06
C LYS A 40 7.87 0.08 1.37
N CYS A 41 6.96 0.33 2.32
CA CYS A 41 7.36 0.49 3.71
C CYS A 41 7.15 -0.83 4.47
N GLY A 42 6.44 -1.74 3.81
CA GLY A 42 6.35 -3.13 4.24
C GLY A 42 5.21 -3.31 5.24
N LYS A 43 4.31 -2.32 5.25
CA LYS A 43 3.35 -2.18 6.34
C LYS A 43 1.96 -2.58 5.88
N SER A 44 1.18 -3.13 6.81
CA SER A 44 -0.27 -3.15 6.68
C SER A 44 -0.82 -1.73 6.82
N LEU A 45 -1.76 -1.38 5.95
CA LEU A 45 -2.07 -0.01 5.63
C LEU A 45 -3.34 0.46 6.38
N GLU A 46 -3.88 1.57 5.89
CA GLU A 46 -5.22 2.00 6.26
C GLU A 46 -6.12 2.02 5.02
N SER A 47 -7.37 2.43 5.24
CA SER A 47 -8.43 2.23 4.26
C SER A 47 -8.20 3.11 3.04
N THR A 48 -8.10 4.41 3.28
CA THR A 48 -8.13 5.41 2.22
C THR A 48 -6.82 6.20 2.20
N THR A 49 -5.72 5.47 2.33
CA THR A 49 -4.39 6.06 2.27
C THR A 49 -3.44 5.14 1.53
N LEU A 50 -3.67 5.00 0.22
CA LEU A 50 -3.08 3.91 -0.55
C LEU A 50 -2.86 4.36 -2.00
N ALA A 51 -2.15 3.53 -2.75
CA ALA A 51 -1.76 3.87 -4.11
C ALA A 51 -1.45 2.60 -4.91
N ASP A 52 -2.28 2.36 -5.92
CA ASP A 52 -2.14 1.16 -6.74
C ASP A 52 -1.26 1.44 -7.94
N LYS A 53 -0.76 0.36 -8.55
CA LYS A 53 -0.09 0.45 -9.84
C LYS A 53 0.13 -0.95 -10.41
N ASP A 54 -0.17 -1.09 -11.69
CA ASP A 54 0.07 -2.34 -12.41
C ASP A 54 -0.73 -3.48 -11.79
N GLY A 55 -0.06 -4.22 -10.91
CA GLY A 55 -0.72 -5.19 -10.05
C GLY A 55 -0.03 -5.27 -8.69
N GLU A 56 0.77 -4.25 -8.40
CA GLU A 56 1.30 -4.05 -7.05
C GLU A 56 1.02 -2.61 -6.61
N ILE A 57 1.48 -2.30 -5.40
CA ILE A 57 0.95 -1.17 -4.64
C ILE A 57 1.97 -0.68 -3.62
N TYR A 58 2.10 0.64 -3.52
CA TYR A 58 2.60 1.27 -2.30
C TYR A 58 1.61 2.34 -1.83
N CYS A 59 1.91 2.99 -0.70
CA CYS A 59 0.84 3.50 0.16
C CYS A 59 0.81 5.02 0.17
N LYS A 60 -0.41 5.56 0.32
CA LYS A 60 -0.54 6.99 0.60
C LYS A 60 -0.13 7.28 2.04
N GLY A 61 0.13 6.20 2.77
CA GLY A 61 0.93 6.24 4.00
C GLY A 61 2.38 6.56 3.70
N CYS A 62 2.71 6.69 2.41
CA CYS A 62 4.11 6.72 1.98
C CYS A 62 4.35 8.04 1.21
N TYR A 63 3.44 8.29 0.28
CA TYR A 63 3.27 9.61 -0.30
C TYR A 63 2.90 10.63 0.79
N ALA A 64 2.55 10.10 1.96
CA ALA A 64 2.45 10.88 3.17
C ALA A 64 3.80 10.95 3.88
N LYS A 65 4.23 9.82 4.41
CA LYS A 65 5.34 9.77 5.36
C LYS A 65 6.61 10.30 4.72
N ASN A 66 6.73 10.07 3.42
CA ASN A 66 7.79 10.67 2.62
C ASN A 66 7.19 11.57 1.54
N PHE A 67 6.49 12.60 1.98
CA PHE A 67 5.79 13.50 1.07
C PHE A 67 6.79 14.20 0.15
N GLY A 68 8.03 14.26 0.61
CA GLY A 68 9.08 15.00 -0.08
C GLY A 68 10.45 14.37 0.23
N PRO A 69 10.83 13.38 -0.61
CA PRO A 69 12.19 12.79 -0.58
C PRO A 69 13.30 13.82 -0.72
N LYS A 70 14.42 13.55 -0.06
CA LYS A 70 15.65 14.32 -0.24
C LYS A 70 16.76 13.77 0.65
N GLY A 71 16.67 14.08 1.93
CA GLY A 71 17.53 13.47 2.94
C GLY A 71 17.22 14.04 4.32
N PHE A 72 17.49 13.23 5.34
CA PHE A 72 17.45 13.70 6.72
C PHE A 72 18.09 12.67 7.64
N GLY A 73 19.08 13.12 8.40
CA GLY A 73 19.65 12.33 9.49
C GLY A 73 20.93 12.97 9.99
N PHE A 74 20.87 14.28 10.19
CA PHE A 74 21.93 15.02 10.88
C PHE A 74 23.19 15.07 10.01
N GLY A 75 23.91 13.95 10.01
CA GLY A 75 25.14 13.84 9.24
C GLY A 75 24.82 13.66 7.76
N GLN A 76 25.80 13.99 6.92
CA GLN A 76 25.63 13.90 5.48
C GLN A 76 25.94 12.50 4.98
N GLY A 77 27.19 12.08 5.17
CA GLY A 77 27.70 10.86 4.57
C GLY A 77 29.02 11.12 3.87
N ALA A 78 29.10 12.28 3.21
CA ALA A 78 30.37 12.77 2.67
C ALA A 78 30.91 13.89 3.55
N GLY A 79 31.79 13.51 4.47
CA GLY A 79 32.24 14.42 5.53
C GLY A 79 33.71 14.74 5.36
N ALA A 80 34.55 13.81 5.80
CA ALA A 80 35.99 14.05 5.91
C ALA A 80 36.73 12.73 6.10
N LEU A 81 36.23 11.70 5.44
CA LEU A 81 36.94 10.43 5.34
C LEU A 81 38.05 10.53 4.30
N ILE A 82 37.73 11.15 3.17
CA ILE A 82 38.73 11.48 2.17
C ILE A 82 39.46 10.25 1.67
N HIS A 83 38.68 9.33 1.08
CA HIS A 83 39.25 8.19 0.36
C HIS A 83 39.89 7.22 1.34
N SER A 84 41.11 7.54 1.75
CA SER A 84 41.95 6.61 2.48
C SER A 84 41.56 6.57 3.95
N GLN A 85 41.03 7.69 4.42
CA GLN A 85 40.81 7.89 5.85
C GLN A 85 42.15 8.07 6.58
ZN ZN B . -8.18 -10.34 2.16
ZN ZN C . 4.08 2.44 2.36
N MET A 1 -10.00 -18.57 -17.01
CA MET A 1 -10.10 -19.58 -15.95
C MET A 1 -10.38 -18.89 -14.62
N ALA A 2 -11.41 -19.38 -13.93
CA ALA A 2 -11.70 -18.95 -12.57
C ALA A 2 -12.63 -19.95 -11.88
N GLN A 3 -12.58 -19.94 -10.55
CA GLN A 3 -13.55 -20.67 -9.75
C GLN A 3 -14.80 -19.82 -9.52
N LYS A 4 -15.92 -20.51 -9.36
CA LYS A 4 -17.20 -19.85 -9.15
C LYS A 4 -17.25 -19.19 -7.77
N VAL A 5 -17.61 -17.92 -7.77
CA VAL A 5 -17.68 -17.15 -6.54
C VAL A 5 -19.14 -16.81 -6.21
N GLY A 6 -19.45 -16.83 -4.92
CA GLY A 6 -20.71 -16.32 -4.43
C GLY A 6 -20.48 -15.34 -3.27
N GLY A 7 -21.51 -14.56 -2.97
CA GLY A 7 -21.38 -13.44 -2.05
C GLY A 7 -21.53 -12.11 -2.79
N SER A 8 -20.42 -11.38 -2.85
CA SER A 8 -20.43 -10.00 -3.31
C SER A 8 -19.21 -9.72 -4.20
N ASP A 9 -18.07 -9.63 -3.54
CA ASP A 9 -16.81 -9.38 -4.23
C ASP A 9 -15.64 -9.95 -3.42
N GLY A 10 -14.85 -10.81 -4.07
CA GLY A 10 -14.01 -11.77 -3.35
C GLY A 10 -12.54 -11.42 -3.53
N CYS A 11 -11.67 -12.23 -2.93
CA CYS A 11 -10.29 -11.84 -2.69
C CYS A 11 -9.34 -12.88 -3.34
N PRO A 12 -8.71 -12.44 -4.46
CA PRO A 12 -7.58 -13.16 -5.07
C PRO A 12 -6.38 -13.33 -4.13
N ARG A 13 -6.40 -12.57 -3.05
CA ARG A 13 -5.22 -12.40 -2.21
C ARG A 13 -5.11 -13.54 -1.21
N CYS A 14 -6.06 -13.57 -0.27
CA CYS A 14 -6.08 -14.55 0.79
C CYS A 14 -6.83 -15.81 0.36
N GLY A 15 -7.71 -15.62 -0.62
CA GLY A 15 -8.41 -16.73 -1.25
C GLY A 15 -9.86 -16.78 -0.80
N GLN A 16 -10.14 -16.09 0.29
CA GLN A 16 -11.51 -15.83 0.72
C GLN A 16 -12.21 -14.91 -0.27
N ALA A 17 -13.52 -14.75 -0.08
CA ALA A 17 -14.28 -13.73 -0.79
C ALA A 17 -15.35 -13.14 0.12
N VAL A 18 -15.58 -11.83 -0.04
CA VAL A 18 -16.28 -11.06 0.99
C VAL A 18 -17.76 -10.96 0.63
N TYR A 19 -18.56 -10.68 1.66
CA TYR A 19 -20.00 -10.49 1.48
C TYR A 19 -20.32 -9.02 1.31
N ALA A 20 -19.45 -8.31 0.58
CA ALA A 20 -19.48 -6.86 0.55
C ALA A 20 -19.22 -6.30 1.94
N ALA A 21 -17.98 -6.50 2.40
CA ALA A 21 -17.60 -6.15 3.76
C ALA A 21 -16.32 -5.31 3.75
N GLU A 22 -15.24 -5.93 3.29
CA GLU A 22 -13.91 -5.39 3.48
C GLU A 22 -13.16 -5.34 2.15
N LYS A 23 -13.92 -5.45 1.07
CA LYS A 23 -13.35 -5.73 -0.24
C LYS A 23 -13.10 -4.40 -0.99
N VAL A 24 -12.20 -4.47 -1.98
CA VAL A 24 -11.34 -3.31 -2.30
C VAL A 24 -10.81 -3.45 -3.71
N ILE A 25 -10.15 -2.40 -4.18
CA ILE A 25 -9.63 -2.35 -5.55
C ILE A 25 -8.30 -1.62 -5.59
N GLY A 26 -7.39 -2.15 -6.42
CA GLY A 26 -6.17 -1.44 -6.78
C GLY A 26 -5.62 -1.96 -8.11
N ALA A 27 -5.24 -1.02 -8.97
CA ALA A 27 -4.53 -1.34 -10.19
C ALA A 27 -5.40 -2.20 -11.11
N GLY A 28 -5.40 -3.50 -10.84
CA GLY A 28 -6.29 -4.43 -11.51
C GLY A 28 -6.54 -5.66 -10.63
N LYS A 29 -6.86 -5.40 -9.37
CA LYS A 29 -6.93 -6.45 -8.36
C LYS A 29 -8.04 -6.15 -7.36
N SER A 30 -8.64 -7.22 -6.84
CA SER A 30 -9.54 -7.11 -5.70
C SER A 30 -8.88 -7.69 -4.45
N TRP A 31 -9.16 -7.05 -3.31
CA TRP A 31 -8.45 -7.35 -2.08
C TRP A 31 -9.40 -7.16 -0.87
N HIS A 32 -8.90 -7.54 0.29
CA HIS A 32 -9.47 -7.12 1.56
C HIS A 32 -8.76 -5.86 2.06
N LYS A 33 -9.46 -5.11 2.90
CA LYS A 33 -8.87 -4.01 3.65
C LYS A 33 -7.78 -4.53 4.58
N SER A 34 -7.78 -5.84 4.78
CA SER A 34 -6.78 -6.50 5.60
C SER A 34 -5.90 -7.40 4.74
N CYS A 35 -5.93 -7.16 3.43
CA CYS A 35 -4.95 -7.73 2.52
C CYS A 35 -4.29 -6.63 1.70
N PHE A 36 -4.31 -5.42 2.24
CA PHE A 36 -3.95 -4.23 1.50
C PHE A 36 -2.73 -3.55 2.14
N ARG A 37 -1.55 -4.06 1.79
CA ARG A 37 -0.33 -3.75 2.52
C ARG A 37 0.68 -3.08 1.58
N CYS A 38 1.20 -1.95 2.03
CA CYS A 38 2.42 -1.36 1.45
C CYS A 38 3.58 -2.34 1.58
N ALA A 39 3.94 -2.93 0.45
CA ALA A 39 5.15 -3.73 0.34
C ALA A 39 6.38 -2.85 0.56
N LYS A 40 6.20 -1.55 0.40
CA LYS A 40 7.31 -0.61 0.24
C LYS A 40 7.95 -0.30 1.58
N CYS A 41 7.16 0.36 2.44
CA CYS A 41 7.63 0.70 3.77
C CYS A 41 7.36 -0.44 4.76
N GLY A 42 6.36 -1.25 4.41
CA GLY A 42 6.05 -2.46 5.16
C GLY A 42 4.96 -2.20 6.18
N LYS A 43 4.22 -1.11 5.98
CA LYS A 43 3.01 -0.83 6.73
C LYS A 43 1.78 -1.24 5.93
N SER A 44 0.88 -1.96 6.59
CA SER A 44 -0.45 -2.21 6.05
C SER A 44 -1.37 -1.02 6.33
N LEU A 45 -2.11 -0.63 5.30
CA LEU A 45 -3.07 0.46 5.42
C LEU A 45 -4.14 0.35 4.33
N GLU A 46 -4.98 1.37 4.26
CA GLU A 46 -6.26 1.28 3.56
C GLU A 46 -6.53 2.56 2.77
N SER A 47 -7.67 2.59 2.10
CA SER A 47 -7.94 3.58 1.07
C SER A 47 -8.04 4.97 1.69
N THR A 48 -8.06 5.98 0.81
CA THR A 48 -7.88 7.36 1.24
C THR A 48 -6.51 7.55 1.90
N THR A 49 -5.66 6.54 1.71
CA THR A 49 -4.36 6.51 2.36
C THR A 49 -3.50 5.40 1.77
N LEU A 50 -3.72 5.12 0.49
CA LEU A 50 -2.91 4.18 -0.26
C LEU A 50 -2.92 4.52 -1.74
N ALA A 51 -2.12 3.77 -2.50
CA ALA A 51 -1.83 4.10 -3.89
C ALA A 51 -1.27 2.89 -4.62
N ASP A 52 -2.10 2.33 -5.50
CA ASP A 52 -1.69 1.21 -6.33
C ASP A 52 -1.11 1.72 -7.65
N LYS A 53 -0.36 0.83 -8.31
CA LYS A 53 0.43 1.21 -9.48
C LYS A 53 0.90 -0.03 -10.22
N ASP A 54 0.33 -0.25 -11.40
CA ASP A 54 0.88 -1.19 -12.37
C ASP A 54 0.95 -2.59 -11.79
N GLY A 55 0.17 -2.80 -10.73
CA GLY A 55 -0.05 -4.14 -10.20
C GLY A 55 0.57 -4.27 -8.80
N GLU A 56 1.61 -3.49 -8.58
CA GLU A 56 2.17 -3.33 -7.24
C GLU A 56 1.78 -1.97 -6.66
N ILE A 57 2.02 -1.80 -5.36
CA ILE A 57 1.32 -0.79 -4.58
C ILE A 57 2.20 -0.29 -3.45
N TYR A 58 2.30 1.03 -3.31
CA TYR A 58 2.76 1.64 -2.06
C TYR A 58 1.72 2.64 -1.57
N CYS A 59 2.05 3.35 -0.48
CA CYS A 59 1.00 3.87 0.42
C CYS A 59 0.94 5.39 0.33
N LYS A 60 -0.22 5.93 0.71
CA LYS A 60 -0.34 7.37 0.90
C LYS A 60 0.40 7.79 2.18
N GLY A 61 0.74 6.78 2.98
CA GLY A 61 1.70 6.93 4.06
C GLY A 61 3.09 7.26 3.52
N CYS A 62 3.24 7.15 2.21
CA CYS A 62 4.58 7.10 1.61
C CYS A 62 4.77 8.32 0.70
N TYR A 63 3.75 8.58 -0.12
CA TYR A 63 3.62 9.85 -0.81
C TYR A 63 3.50 10.99 0.18
N ALA A 64 3.21 10.63 1.43
CA ALA A 64 3.10 11.60 2.50
C ALA A 64 4.42 11.69 3.27
N LYS A 65 4.84 10.54 3.80
CA LYS A 65 5.92 10.50 4.78
C LYS A 65 7.21 11.06 4.18
N ASN A 66 7.25 11.05 2.84
CA ASN A 66 8.46 11.42 2.12
C ASN A 66 8.22 12.67 1.28
N PHE A 67 7.43 13.59 1.85
CA PHE A 67 7.08 14.82 1.15
C PHE A 67 8.14 15.89 1.38
N GLY A 68 8.61 15.97 2.62
CA GLY A 68 9.49 17.04 3.05
C GLY A 68 10.95 16.55 3.09
N PRO A 69 11.70 16.93 2.05
CA PRO A 69 13.09 16.45 1.84
C PRO A 69 14.02 16.75 3.00
N LYS A 70 14.10 15.81 3.94
CA LYS A 70 15.11 15.84 4.99
C LYS A 70 14.91 17.06 5.88
N GLY A 71 15.90 17.31 6.73
CA GLY A 71 15.76 18.28 7.82
C GLY A 71 16.61 19.51 7.55
N PHE A 72 17.78 19.54 8.18
CA PHE A 72 18.59 20.76 8.23
C PHE A 72 19.66 20.73 7.15
N GLY A 73 20.41 21.82 7.05
CA GLY A 73 21.61 21.87 6.23
C GLY A 73 22.85 21.67 7.09
N PHE A 74 24.00 21.58 6.42
CA PHE A 74 25.23 21.16 7.06
C PHE A 74 26.35 22.17 6.78
N GLY A 75 26.18 22.92 5.70
CA GLY A 75 27.26 23.72 5.14
C GLY A 75 27.97 22.94 4.03
N GLN A 76 28.13 21.64 4.26
CA GLN A 76 28.54 20.72 3.21
C GLN A 76 29.99 20.97 2.82
N GLY A 77 30.21 22.04 2.07
CA GLY A 77 31.48 22.27 1.40
C GLY A 77 31.27 22.37 -0.11
N ALA A 78 32.36 22.64 -0.82
CA ALA A 78 32.30 23.01 -2.23
C ALA A 78 31.50 24.30 -2.40
N GLY A 79 31.07 24.54 -3.63
CA GLY A 79 30.11 25.60 -3.90
C GLY A 79 29.99 25.83 -5.41
N ALA A 80 29.36 26.94 -5.77
CA ALA A 80 28.99 27.20 -7.16
C ALA A 80 29.47 28.58 -7.58
N LEU A 81 29.64 28.74 -8.89
CA LEU A 81 30.03 30.01 -9.48
C LEU A 81 31.39 30.46 -8.93
N ILE A 82 31.35 31.02 -7.74
CA ILE A 82 32.50 31.69 -7.16
C ILE A 82 33.41 30.70 -6.44
N HIS A 83 32.77 29.67 -5.88
CA HIS A 83 33.50 28.55 -5.30
C HIS A 83 34.19 28.97 -4.00
N SER A 84 35.34 29.62 -4.16
CA SER A 84 36.05 30.20 -3.03
C SER A 84 36.43 29.13 -2.02
N GLN A 85 37.67 28.68 -2.12
CA GLN A 85 38.26 27.82 -1.10
C GLN A 85 39.25 28.61 -0.24
ZN ZN B . -8.10 -11.02 1.48
ZN ZN C . 4.40 2.88 2.43
N MET A 1 -16.40 -16.21 -9.27
CA MET A 1 -17.34 -15.50 -8.39
C MET A 1 -18.11 -14.47 -9.20
N ALA A 2 -17.42 -13.42 -9.61
CA ALA A 2 -17.98 -12.39 -10.47
C ALA A 2 -19.16 -11.70 -9.78
N GLN A 3 -20.32 -12.34 -9.86
CA GLN A 3 -21.57 -11.71 -9.46
C GLN A 3 -22.50 -12.73 -8.82
N LYS A 4 -21.89 -13.76 -8.24
CA LYS A 4 -22.64 -14.84 -7.61
C LYS A 4 -22.40 -14.85 -6.11
N VAL A 5 -22.95 -15.86 -5.44
CA VAL A 5 -22.71 -16.08 -4.03
C VAL A 5 -23.15 -14.89 -3.20
N GLY A 6 -24.29 -14.32 -3.58
CA GLY A 6 -24.81 -13.13 -2.94
C GLY A 6 -24.38 -11.88 -3.72
N GLY A 7 -24.79 -10.73 -3.20
CA GLY A 7 -24.29 -9.45 -3.69
C GLY A 7 -23.07 -9.01 -2.87
N SER A 8 -21.91 -9.50 -3.29
CA SER A 8 -20.70 -9.38 -2.48
C SER A 8 -19.48 -9.25 -3.38
N ASP A 9 -18.31 -9.46 -2.79
CA ASP A 9 -17.07 -9.60 -3.56
C ASP A 9 -16.13 -10.58 -2.88
N GLY A 10 -14.91 -10.65 -3.39
CA GLY A 10 -13.96 -11.67 -2.99
C GLY A 10 -12.52 -11.19 -3.18
N CYS A 11 -11.58 -11.96 -2.65
CA CYS A 11 -10.21 -11.47 -2.47
C CYS A 11 -9.23 -12.44 -3.16
N PRO A 12 -8.65 -11.96 -4.29
CA PRO A 12 -7.48 -12.59 -4.93
C PRO A 12 -6.28 -12.74 -4.01
N ARG A 13 -6.30 -11.99 -2.91
CA ARG A 13 -5.12 -11.80 -2.07
C ARG A 13 -4.99 -12.96 -1.08
N CYS A 14 -5.93 -13.00 -0.14
CA CYS A 14 -5.88 -13.97 0.95
C CYS A 14 -6.64 -15.24 0.54
N GLY A 15 -7.39 -15.13 -0.54
CA GLY A 15 -8.10 -16.27 -1.11
C GLY A 15 -9.40 -16.52 -0.36
N GLN A 16 -9.85 -15.50 0.37
CA GLN A 16 -11.19 -15.48 0.94
C GLN A 16 -12.17 -14.80 -0.01
N ALA A 17 -13.45 -15.01 0.26
CA ALA A 17 -14.51 -14.24 -0.38
C ALA A 17 -15.34 -13.50 0.67
N VAL A 18 -15.75 -12.29 0.33
CA VAL A 18 -16.26 -11.34 1.31
C VAL A 18 -17.77 -11.18 1.15
N TYR A 19 -18.45 -11.10 2.30
CA TYR A 19 -19.86 -10.76 2.34
C TYR A 19 -20.05 -9.31 2.76
N ALA A 20 -20.95 -8.63 2.04
CA ALA A 20 -21.22 -7.22 2.29
C ALA A 20 -19.96 -6.39 2.06
N ALA A 21 -19.03 -6.96 1.31
CA ALA A 21 -17.88 -6.22 0.80
C ALA A 21 -17.04 -5.68 1.95
N GLU A 22 -15.86 -6.25 2.11
CA GLU A 22 -14.82 -5.66 2.95
C GLU A 22 -13.60 -5.32 2.11
N LYS A 23 -13.83 -5.19 0.80
CA LYS A 23 -12.76 -5.32 -0.18
C LYS A 23 -12.33 -3.95 -0.70
N VAL A 24 -11.21 -3.93 -1.40
CA VAL A 24 -10.81 -2.76 -2.17
C VAL A 24 -10.79 -3.09 -3.67
N ILE A 25 -10.27 -2.15 -4.45
CA ILE A 25 -9.92 -2.41 -5.84
C ILE A 25 -9.00 -1.32 -6.36
N GLY A 26 -8.10 -1.70 -7.26
CA GLY A 26 -7.01 -0.84 -7.69
C GLY A 26 -6.26 -1.46 -8.86
N ALA A 27 -5.89 -0.61 -9.81
CA ALA A 27 -5.15 -1.05 -10.99
C ALA A 27 -5.99 -2.05 -11.79
N GLY A 28 -5.94 -3.30 -11.35
CA GLY A 28 -6.86 -4.33 -11.84
C GLY A 28 -7.09 -5.39 -10.77
N LYS A 29 -6.83 -5.01 -9.53
CA LYS A 29 -6.77 -5.96 -8.42
C LYS A 29 -7.77 -5.57 -7.34
N SER A 30 -8.59 -6.54 -6.94
CA SER A 30 -9.41 -6.42 -5.75
C SER A 30 -8.73 -7.09 -4.57
N TRP A 31 -8.91 -6.48 -3.40
CA TRP A 31 -8.26 -6.95 -2.17
C TRP A 31 -9.25 -6.86 -1.00
N HIS A 32 -8.68 -6.93 0.20
CA HIS A 32 -9.38 -6.53 1.41
C HIS A 32 -8.89 -5.18 1.90
N LYS A 33 -9.67 -4.56 2.78
CA LYS A 33 -9.24 -3.37 3.48
C LYS A 33 -8.22 -3.73 4.56
N SER A 34 -8.10 -5.03 4.81
CA SER A 34 -7.14 -5.53 5.77
C SER A 34 -6.14 -6.48 5.09
N CYS A 35 -6.01 -6.30 3.78
CA CYS A 35 -5.02 -7.03 3.00
C CYS A 35 -4.06 -6.07 2.30
N PHE A 36 -4.52 -4.83 2.17
CA PHE A 36 -3.81 -3.84 1.36
C PHE A 36 -2.42 -3.60 1.93
N ARG A 37 -1.42 -4.15 1.24
CA ARG A 37 -0.08 -4.31 1.80
C ARG A 37 0.93 -3.47 1.00
N CYS A 38 1.30 -2.33 1.58
CA CYS A 38 2.48 -1.60 1.14
C CYS A 38 3.73 -2.47 1.36
N ALA A 39 4.37 -2.81 0.23
CA ALA A 39 5.69 -3.42 0.25
C ALA A 39 6.77 -2.36 0.06
N LYS A 40 6.57 -1.23 0.73
CA LYS A 40 7.50 -0.11 0.64
C LYS A 40 7.90 0.38 2.02
N CYS A 41 6.89 0.68 2.84
CA CYS A 41 7.12 0.82 4.28
C CYS A 41 6.86 -0.51 4.98
N GLY A 42 6.27 -1.44 4.23
CA GLY A 42 6.18 -2.83 4.63
C GLY A 42 4.95 -3.05 5.50
N LYS A 43 4.03 -2.10 5.44
CA LYS A 43 2.96 -1.99 6.44
C LYS A 43 1.63 -2.42 5.84
N SER A 44 0.78 -3.00 6.69
CA SER A 44 -0.66 -3.05 6.41
C SER A 44 -1.26 -1.65 6.52
N LEU A 45 -2.15 -1.32 5.59
CA LEU A 45 -2.45 0.05 5.24
C LEU A 45 -3.79 0.50 5.85
N GLU A 46 -4.30 1.60 5.31
CA GLU A 46 -5.66 2.05 5.58
C GLU A 46 -6.51 1.93 4.32
N SER A 47 -7.61 2.67 4.30
CA SER A 47 -8.64 2.50 3.30
C SER A 47 -8.40 3.45 2.12
N THR A 48 -8.34 4.74 2.43
CA THR A 48 -8.34 5.77 1.41
C THR A 48 -6.98 6.46 1.36
N THR A 49 -5.93 5.65 1.48
CA THR A 49 -4.56 6.14 1.40
C THR A 49 -3.64 5.05 0.86
N LEU A 50 -3.67 4.87 -0.46
CA LEU A 50 -2.91 3.83 -1.11
C LEU A 50 -2.57 4.23 -2.55
N ALA A 51 -1.65 3.48 -3.14
CA ALA A 51 -1.22 3.72 -4.51
C ALA A 51 -0.90 2.40 -5.21
N ASP A 52 -1.70 2.08 -6.21
CA ASP A 52 -1.42 0.94 -7.09
C ASP A 52 -0.49 1.37 -8.22
N LYS A 53 0.15 0.37 -8.83
CA LYS A 53 1.23 0.61 -9.77
C LYS A 53 1.69 -0.70 -10.40
N ASP A 54 1.18 -0.98 -11.59
CA ASP A 54 1.66 -2.09 -12.40
C ASP A 54 1.44 -3.42 -11.66
N GLY A 55 0.57 -3.37 -10.66
CA GLY A 55 0.11 -4.57 -9.99
C GLY A 55 0.71 -4.67 -8.59
N GLU A 56 1.84 -4.00 -8.42
CA GLU A 56 2.40 -3.78 -7.09
C GLU A 56 2.14 -2.34 -6.64
N ILE A 57 2.32 -2.09 -5.36
CA ILE A 57 1.67 -0.96 -4.69
C ILE A 57 2.56 -0.43 -3.56
N TYR A 58 2.64 0.89 -3.47
CA TYR A 58 3.01 1.54 -2.20
C TYR A 58 1.94 2.58 -1.83
N CYS A 59 2.09 3.20 -0.67
CA CYS A 59 0.92 3.67 0.09
C CYS A 59 0.82 5.18 0.10
N LYS A 60 -0.43 5.67 0.14
CA LYS A 60 -0.66 7.09 0.41
C LYS A 60 -0.34 7.39 1.88
N GLY A 61 -0.14 6.32 2.64
CA GLY A 61 0.52 6.38 3.93
C GLY A 61 1.99 6.77 3.78
N CYS A 62 2.44 6.90 2.53
CA CYS A 62 3.87 6.98 2.26
C CYS A 62 4.15 8.31 1.53
N TYR A 63 3.34 8.54 0.50
CA TYR A 63 3.21 9.87 -0.10
C TYR A 63 2.69 10.87 0.93
N ALA A 64 2.21 10.32 2.04
CA ALA A 64 1.95 11.11 3.24
C ALA A 64 3.22 11.25 4.08
N LYS A 65 3.70 10.11 4.58
CA LYS A 65 4.72 10.11 5.61
C LYS A 65 6.00 10.79 5.11
N ASN A 66 6.02 11.02 3.80
CA ASN A 66 7.15 11.69 3.17
C ASN A 66 7.11 13.19 3.46
N PHE A 67 5.93 13.66 3.84
CA PHE A 67 5.72 15.08 4.06
C PHE A 67 4.54 15.31 5.00
N GLY A 68 4.86 15.78 6.21
CA GLY A 68 3.89 15.91 7.28
C GLY A 68 4.60 16.16 8.62
N PRO A 69 5.54 15.24 8.94
CA PRO A 69 6.20 15.20 10.27
C PRO A 69 6.79 16.53 10.70
N LYS A 70 5.99 17.31 11.40
CA LYS A 70 6.46 18.52 12.06
C LYS A 70 6.90 19.55 11.02
N GLY A 71 8.08 19.33 10.46
CA GLY A 71 8.75 20.33 9.63
C GLY A 71 10.24 20.35 9.93
N PHE A 72 11.00 20.78 8.93
CA PHE A 72 12.42 21.06 9.11
C PHE A 72 12.83 22.29 8.30
N GLY A 73 13.52 23.22 8.98
CA GLY A 73 13.78 24.53 8.43
C GLY A 73 14.90 25.21 9.22
N PHE A 74 14.50 26.17 10.06
CA PHE A 74 15.39 26.77 11.04
C PHE A 74 15.18 26.15 12.41
N GLY A 75 15.89 26.69 13.39
CA GLY A 75 15.65 26.36 14.79
C GLY A 75 16.91 26.59 15.61
N GLN A 76 17.89 25.72 15.42
CA GLN A 76 19.23 25.93 15.96
C GLN A 76 19.18 25.97 17.48
N GLY A 77 20.33 26.21 18.09
CA GLY A 77 20.50 26.09 19.52
C GLY A 77 19.91 27.31 20.24
N ALA A 78 19.61 27.12 21.52
CA ALA A 78 19.25 28.23 22.39
C ALA A 78 19.52 27.86 23.85
N GLY A 79 20.17 28.79 24.55
CA GLY A 79 20.70 28.52 25.88
C GLY A 79 20.62 29.77 26.75
N ALA A 80 21.00 30.90 26.16
CA ALA A 80 20.83 32.20 26.80
C ALA A 80 21.64 32.26 28.09
N LEU A 81 21.06 31.73 29.15
CA LEU A 81 21.60 31.90 30.49
C LEU A 81 22.16 30.58 31.02
N ILE A 82 23.48 30.44 30.93
CA ILE A 82 24.18 29.34 31.56
C ILE A 82 24.77 29.78 32.90
N HIS A 83 24.83 31.09 33.08
CA HIS A 83 25.20 31.67 34.36
C HIS A 83 26.69 31.47 34.63
N SER A 84 27.04 30.28 35.08
CA SER A 84 28.38 29.99 35.59
C SER A 84 28.50 28.52 35.98
N GLN A 85 29.56 28.21 36.71
CA GLN A 85 29.71 26.91 37.33
C GLN A 85 30.57 27.02 38.60
ZN ZN B . -7.93 -10.45 1.60
ZN ZN C . 3.95 2.70 2.61
N MET A 1 -15.83 -20.41 -11.12
CA MET A 1 -15.01 -19.99 -12.27
C MET A 1 -15.65 -18.79 -12.96
N ALA A 2 -14.89 -17.71 -13.08
CA ALA A 2 -15.41 -16.45 -13.55
C ALA A 2 -16.50 -15.94 -12.61
N GLN A 3 -17.18 -14.88 -13.04
CA GLN A 3 -18.38 -14.40 -12.37
C GLN A 3 -19.31 -13.73 -13.38
N LYS A 4 -20.56 -14.19 -13.40
CA LYS A 4 -21.51 -13.81 -14.42
C LYS A 4 -22.71 -13.09 -13.81
N VAL A 5 -23.22 -13.68 -12.73
CA VAL A 5 -24.49 -13.24 -12.15
C VAL A 5 -24.25 -12.17 -11.09
N GLY A 6 -23.31 -12.46 -10.19
CA GLY A 6 -23.10 -11.64 -9.01
C GLY A 6 -23.29 -12.48 -7.74
N GLY A 7 -23.07 -11.84 -6.60
CA GLY A 7 -23.19 -12.50 -5.32
C GLY A 7 -22.27 -11.86 -4.28
N SER A 8 -20.97 -11.99 -4.53
CA SER A 8 -19.97 -11.61 -3.54
C SER A 8 -18.81 -10.89 -4.22
N ASP A 9 -17.87 -10.43 -3.39
CA ASP A 9 -16.60 -9.92 -3.89
C ASP A 9 -15.45 -10.54 -3.10
N GLY A 10 -14.54 -11.18 -3.82
CA GLY A 10 -13.61 -12.14 -3.23
C GLY A 10 -12.17 -11.67 -3.40
N CYS A 11 -11.24 -12.44 -2.84
CA CYS A 11 -9.89 -11.96 -2.58
C CYS A 11 -8.86 -12.95 -3.15
N PRO A 12 -8.30 -12.60 -4.32
CA PRO A 12 -7.14 -13.33 -4.91
C PRO A 12 -5.92 -13.37 -3.99
N ARG A 13 -5.94 -12.50 -2.98
CA ARG A 13 -4.75 -12.22 -2.18
C ARG A 13 -4.55 -13.30 -1.13
N CYS A 14 -5.52 -13.37 -0.20
CA CYS A 14 -5.46 -14.32 0.89
C CYS A 14 -6.10 -15.64 0.49
N GLY A 15 -7.15 -15.53 -0.32
CA GLY A 15 -7.85 -16.70 -0.82
C GLY A 15 -9.35 -16.57 -0.59
N GLN A 16 -9.69 -15.89 0.50
CA GLN A 16 -11.07 -15.85 0.99
C GLN A 16 -11.97 -15.14 0.00
N ALA A 17 -13.28 -15.24 0.23
CA ALA A 17 -14.26 -14.43 -0.47
C ALA A 17 -15.17 -13.72 0.54
N VAL A 18 -15.58 -12.51 0.17
CA VAL A 18 -16.17 -11.58 1.13
C VAL A 18 -17.67 -11.43 0.84
N TYR A 19 -18.42 -11.18 1.92
CA TYR A 19 -19.85 -10.94 1.81
C TYR A 19 -20.21 -9.62 2.49
N ALA A 20 -19.66 -9.42 3.68
CA ALA A 20 -19.73 -8.13 4.36
C ALA A 20 -19.06 -7.05 3.52
N ALA A 21 -18.34 -7.51 2.49
CA ALA A 21 -17.67 -6.60 1.57
C ALA A 21 -16.63 -5.77 2.31
N GLU A 22 -15.39 -6.27 2.31
CA GLU A 22 -14.24 -5.45 2.68
C GLU A 22 -13.41 -5.13 1.44
N LYS A 23 -14.11 -4.96 0.31
CA LYS A 23 -13.48 -5.02 -1.00
C LYS A 23 -12.91 -3.65 -1.37
N VAL A 24 -11.61 -3.64 -1.66
CA VAL A 24 -11.00 -2.55 -2.42
C VAL A 24 -10.90 -2.93 -3.90
N ILE A 25 -10.42 -1.98 -4.70
CA ILE A 25 -10.01 -2.24 -6.07
C ILE A 25 -8.83 -1.36 -6.45
N GLY A 26 -7.93 -1.93 -7.24
CA GLY A 26 -6.87 -1.17 -7.89
C GLY A 26 -6.03 -2.06 -8.79
N ALA A 27 -5.89 -1.64 -10.05
CA ALA A 27 -5.06 -2.36 -11.00
C ALA A 27 -5.60 -3.76 -11.23
N GLY A 28 -6.92 -3.86 -11.22
CA GLY A 28 -7.61 -5.09 -11.63
C GLY A 28 -7.91 -5.97 -10.41
N LYS A 29 -7.17 -5.71 -9.33
CA LYS A 29 -7.23 -6.55 -8.14
C LYS A 29 -8.36 -6.08 -7.22
N SER A 30 -9.18 -7.04 -6.80
CA SER A 30 -10.12 -6.82 -5.70
C SER A 30 -9.59 -7.49 -4.43
N TRP A 31 -9.33 -6.67 -3.42
CA TRP A 31 -8.58 -7.08 -2.25
C TRP A 31 -9.50 -7.08 -1.02
N HIS A 32 -8.88 -7.32 0.14
CA HIS A 32 -9.50 -7.02 1.43
C HIS A 32 -9.02 -5.65 1.92
N LYS A 33 -9.83 -5.06 2.80
CA LYS A 33 -9.43 -3.89 3.56
C LYS A 33 -8.21 -4.20 4.42
N SER A 34 -7.95 -5.50 4.60
CA SER A 34 -6.93 -5.96 5.54
C SER A 34 -5.70 -6.45 4.80
N CYS A 35 -5.93 -6.91 3.57
CA CYS A 35 -4.86 -7.42 2.73
C CYS A 35 -4.22 -6.29 1.93
N PHE A 36 -4.95 -5.18 1.84
CA PHE A 36 -4.42 -3.95 1.28
C PHE A 36 -3.22 -3.47 2.07
N ARG A 37 -2.04 -3.84 1.60
CA ARG A 37 -0.80 -3.66 2.36
C ARG A 37 0.28 -3.04 1.47
N CYS A 38 0.85 -1.95 1.95
CA CYS A 38 2.11 -1.44 1.42
C CYS A 38 3.22 -2.48 1.60
N ALA A 39 3.67 -3.01 0.47
CA ALA A 39 4.90 -3.79 0.41
C ALA A 39 6.08 -2.92 0.02
N LYS A 40 6.11 -1.72 0.59
CA LYS A 40 7.15 -0.75 0.28
C LYS A 40 7.78 -0.22 1.57
N CYS A 41 6.93 0.03 2.56
CA CYS A 41 7.40 0.25 3.93
C CYS A 41 7.05 -0.93 4.81
N GLY A 42 5.97 -1.61 4.44
CA GLY A 42 5.61 -2.87 5.07
C GLY A 42 4.52 -2.65 6.13
N LYS A 43 3.86 -1.51 6.03
CA LYS A 43 2.66 -1.25 6.80
C LYS A 43 1.41 -1.53 5.97
N SER A 44 0.37 -2.01 6.65
CA SER A 44 -0.95 -2.11 6.05
C SER A 44 -1.66 -0.76 6.08
N LEU A 45 -2.44 -0.49 5.05
CA LEU A 45 -3.39 0.62 5.06
C LEU A 45 -4.34 0.51 3.87
N GLU A 46 -5.27 1.48 3.81
CA GLU A 46 -6.26 1.52 2.74
C GLU A 46 -7.04 2.82 2.80
N SER A 47 -8.22 2.80 2.19
CA SER A 47 -9.21 3.86 2.35
C SER A 47 -8.72 5.15 1.70
N THR A 48 -7.97 5.92 2.48
CA THR A 48 -7.67 7.31 2.12
C THR A 48 -6.21 7.64 2.41
N THR A 49 -5.34 6.68 2.08
CA THR A 49 -3.91 6.81 2.33
C THR A 49 -3.13 5.74 1.59
N LEU A 50 -3.56 5.47 0.36
CA LEU A 50 -2.99 4.38 -0.42
C LEU A 50 -2.68 4.85 -1.84
N ALA A 51 -1.93 4.02 -2.55
CA ALA A 51 -1.52 4.33 -3.92
C ALA A 51 -1.09 3.06 -4.65
N ASP A 52 -1.97 2.58 -5.52
CA ASP A 52 -1.63 1.52 -6.45
C ASP A 52 -0.78 2.06 -7.59
N LYS A 53 -0.22 1.13 -8.36
CA LYS A 53 0.66 1.48 -9.47
C LYS A 53 1.00 0.24 -10.29
N ASP A 54 0.32 0.10 -11.43
CA ASP A 54 0.73 -0.84 -12.47
C ASP A 54 0.73 -2.26 -11.93
N GLY A 55 0.00 -2.46 -10.82
CA GLY A 55 -0.27 -3.79 -10.31
C GLY A 55 0.31 -3.94 -8.91
N GLU A 56 1.43 -3.26 -8.68
CA GLU A 56 2.00 -3.17 -7.33
C GLU A 56 1.70 -1.80 -6.73
N ILE A 57 1.88 -1.69 -5.42
CA ILE A 57 1.21 -0.66 -4.62
C ILE A 57 2.09 -0.26 -3.44
N TYR A 58 2.28 1.05 -3.29
CA TYR A 58 2.76 1.60 -2.01
C TYR A 58 1.79 2.68 -1.53
N CYS A 59 2.15 3.33 -0.42
CA CYS A 59 1.14 3.93 0.46
C CYS A 59 1.20 5.44 0.42
N LYS A 60 0.07 6.09 0.73
CA LYS A 60 0.07 7.53 0.95
C LYS A 60 0.76 7.85 2.29
N GLY A 61 0.96 6.80 3.07
CA GLY A 61 1.87 6.83 4.20
C GLY A 61 3.31 7.03 3.75
N CYS A 62 3.51 6.98 2.43
CA CYS A 62 4.87 6.84 1.88
C CYS A 62 5.19 8.08 1.03
N TYR A 63 4.22 8.43 0.19
CA TYR A 63 4.20 9.73 -0.46
C TYR A 63 4.13 10.85 0.57
N ALA A 64 3.79 10.45 1.80
CA ALA A 64 3.84 11.36 2.94
C ALA A 64 5.21 11.30 3.61
N LYS A 65 5.48 10.15 4.23
CA LYS A 65 6.60 10.04 5.15
C LYS A 65 7.92 10.34 4.45
N ASN A 66 7.92 10.12 3.14
CA ASN A 66 9.16 10.13 2.35
C ASN A 66 9.41 11.53 1.79
N PHE A 67 8.34 12.32 1.75
CA PHE A 67 8.35 13.59 1.03
C PHE A 67 8.18 14.75 2.00
N GLY A 68 8.66 14.54 3.22
CA GLY A 68 8.61 15.56 4.25
C GLY A 68 10.04 15.84 4.77
N PRO A 69 10.87 16.42 3.88
CA PRO A 69 12.22 16.93 4.26
C PRO A 69 12.20 17.93 5.41
N LYS A 70 12.64 17.46 6.58
CA LYS A 70 12.44 18.18 7.83
C LYS A 70 13.62 19.08 8.12
N GLY A 71 13.58 20.30 7.57
CA GLY A 71 14.54 21.32 7.92
C GLY A 71 15.95 20.89 7.54
N PHE A 72 16.85 20.97 8.52
CA PHE A 72 18.23 20.49 8.35
C PHE A 72 18.83 20.10 9.69
N GLY A 73 19.60 19.01 9.67
CA GLY A 73 20.06 18.38 10.90
C GLY A 73 21.45 18.88 11.25
N PHE A 74 21.60 20.21 11.27
CA PHE A 74 22.80 20.84 11.79
C PHE A 74 22.43 21.98 12.73
N GLY A 75 22.46 21.68 14.03
CA GLY A 75 22.32 22.71 15.06
C GLY A 75 23.44 22.57 16.09
N GLN A 76 23.16 23.04 17.29
CA GLN A 76 24.02 22.80 18.44
C GLN A 76 25.34 23.57 18.28
N GLY A 77 25.40 24.72 18.94
CA GLY A 77 26.49 25.67 18.73
C GLY A 77 26.55 26.67 19.89
N ALA A 78 25.95 26.29 21.01
CA ALA A 78 26.10 27.03 22.26
C ALA A 78 26.86 26.18 23.27
N GLY A 79 26.45 24.92 23.39
CA GLY A 79 27.20 23.94 24.16
C GLY A 79 28.15 23.17 23.25
N ALA A 80 29.43 23.24 23.56
CA ALA A 80 30.48 22.76 22.67
C ALA A 80 30.42 21.24 22.58
N LEU A 81 30.93 20.71 21.47
CA LEU A 81 31.16 19.28 21.33
C LEU A 81 32.55 18.90 21.83
N ILE A 82 33.41 19.91 21.93
CA ILE A 82 34.68 19.77 22.62
C ILE A 82 35.53 18.65 22.03
N HIS A 83 35.71 18.72 20.71
CA HIS A 83 36.69 17.89 20.02
C HIS A 83 38.06 18.56 20.03
N SER A 84 38.18 19.60 19.20
CA SER A 84 39.36 20.45 19.20
C SER A 84 40.59 19.67 18.76
N GLN A 85 41.19 18.95 19.70
CA GLN A 85 42.48 18.31 19.49
C GLN A 85 42.62 17.09 20.38
ZN ZN B . -7.74 -10.89 1.53
ZN ZN C . 4.36 2.62 2.56
N MET A 1 -27.49 -24.79 2.59
CA MET A 1 -26.69 -23.60 2.25
C MET A 1 -25.32 -23.70 2.89
N ALA A 2 -24.45 -24.51 2.27
CA ALA A 2 -23.05 -24.58 2.66
C ALA A 2 -22.33 -23.31 2.24
N GLN A 3 -21.00 -23.40 2.21
CA GLN A 3 -20.16 -22.36 1.62
C GLN A 3 -20.06 -22.53 0.12
N LYS A 4 -20.49 -21.51 -0.61
CA LYS A 4 -20.39 -21.52 -2.07
C LYS A 4 -19.68 -20.25 -2.55
N VAL A 5 -19.71 -20.05 -3.86
CA VAL A 5 -19.07 -18.90 -4.47
C VAL A 5 -20.10 -17.83 -4.81
N GLY A 6 -21.16 -17.79 -4.00
CA GLY A 6 -22.12 -16.69 -4.04
C GLY A 6 -21.56 -15.47 -3.34
N GLY A 7 -20.84 -14.65 -4.09
CA GLY A 7 -20.07 -13.55 -3.53
C GLY A 7 -20.21 -12.30 -4.39
N SER A 8 -19.45 -11.27 -4.03
CA SER A 8 -19.63 -9.94 -4.60
C SER A 8 -18.33 -9.45 -5.24
N ASP A 9 -17.29 -9.42 -4.41
CA ASP A 9 -15.95 -9.06 -4.89
C ASP A 9 -14.88 -9.67 -3.99
N GLY A 10 -14.00 -10.46 -4.59
CA GLY A 10 -13.21 -11.44 -3.85
C GLY A 10 -11.75 -11.00 -3.79
N CYS A 11 -10.94 -11.79 -3.08
CA CYS A 11 -9.63 -11.34 -2.61
C CYS A 11 -8.54 -12.30 -3.13
N PRO A 12 -7.83 -11.84 -4.19
CA PRO A 12 -6.58 -12.48 -4.65
C PRO A 12 -5.48 -12.50 -3.60
N ARG A 13 -5.68 -11.70 -2.55
CA ARG A 13 -4.63 -11.40 -1.60
C ARG A 13 -4.46 -12.54 -0.61
N CYS A 14 -5.51 -12.79 0.17
CA CYS A 14 -5.49 -13.83 1.18
C CYS A 14 -6.01 -15.14 0.61
N GLY A 15 -6.80 -15.04 -0.45
CA GLY A 15 -7.27 -16.20 -1.18
C GLY A 15 -8.80 -16.22 -1.24
N GLN A 16 -9.42 -15.65 -0.21
CA GLN A 16 -10.86 -15.72 -0.03
C GLN A 16 -11.57 -14.80 -1.02
N ALA A 17 -12.87 -14.68 -0.84
CA ALA A 17 -13.64 -13.62 -1.49
C ALA A 17 -14.79 -13.17 -0.60
N VAL A 18 -15.20 -11.91 -0.77
CA VAL A 18 -16.07 -11.26 0.20
C VAL A 18 -17.48 -11.13 -0.41
N TYR A 19 -18.43 -10.80 0.46
CA TYR A 19 -19.78 -10.45 0.05
C TYR A 19 -19.96 -8.93 0.08
N ALA A 20 -19.27 -8.26 -0.84
CA ALA A 20 -19.43 -6.83 -1.01
C ALA A 20 -19.04 -6.09 0.26
N ALA A 21 -18.33 -6.78 1.14
CA ALA A 21 -18.16 -6.34 2.53
C ALA A 21 -16.90 -5.49 2.66
N GLU A 22 -15.76 -6.15 2.54
CA GLU A 22 -14.48 -5.57 2.89
C GLU A 22 -13.69 -5.22 1.63
N LYS A 23 -14.40 -5.18 0.50
CA LYS A 23 -13.76 -5.23 -0.81
C LYS A 23 -13.34 -3.83 -1.25
N VAL A 24 -12.04 -3.58 -1.20
CA VAL A 24 -11.44 -2.47 -1.93
C VAL A 24 -11.08 -2.91 -3.35
N ILE A 25 -10.31 -2.06 -4.02
CA ILE A 25 -9.90 -2.34 -5.40
C ILE A 25 -8.59 -1.62 -5.72
N GLY A 26 -7.82 -2.21 -6.62
CA GLY A 26 -6.67 -1.54 -7.22
C GLY A 26 -6.49 -1.98 -8.66
N ALA A 27 -5.23 -2.13 -9.05
CA ALA A 27 -4.90 -2.40 -10.45
C ALA A 27 -5.31 -3.83 -10.83
N GLY A 28 -6.57 -3.96 -11.24
CA GLY A 28 -7.16 -5.26 -11.49
C GLY A 28 -7.18 -6.09 -10.20
N LYS A 29 -7.13 -5.38 -9.07
CA LYS A 29 -7.10 -6.03 -7.77
C LYS A 29 -8.39 -5.72 -7.01
N SER A 30 -8.73 -6.61 -6.08
CA SER A 30 -9.78 -6.35 -5.11
C SER A 30 -9.43 -7.00 -3.77
N TRP A 31 -9.33 -6.16 -2.74
CA TRP A 31 -8.68 -6.55 -1.49
C TRP A 31 -9.71 -6.55 -0.35
N HIS A 32 -9.33 -7.15 0.76
CA HIS A 32 -10.00 -6.92 2.04
C HIS A 32 -9.51 -5.61 2.66
N LYS A 33 -10.35 -5.06 3.52
CA LYS A 33 -9.98 -3.86 4.28
C LYS A 33 -8.78 -4.13 5.17
N SER A 34 -8.44 -5.42 5.28
CA SER A 34 -7.34 -5.84 6.13
C SER A 34 -6.23 -6.47 5.29
N CYS A 35 -6.27 -6.20 3.99
CA CYS A 35 -5.41 -6.86 3.02
C CYS A 35 -4.67 -5.85 2.18
N PHE A 36 -4.74 -4.58 2.62
CA PHE A 36 -4.04 -3.50 1.94
C PHE A 36 -2.63 -3.34 2.50
N ARG A 37 -1.71 -4.08 1.89
CA ARG A 37 -0.34 -4.15 2.39
C ARG A 37 0.61 -3.42 1.45
N CYS A 38 1.11 -2.28 1.92
CA CYS A 38 2.28 -1.66 1.32
C CYS A 38 3.50 -2.58 1.48
N ALA A 39 4.00 -3.01 0.33
CA ALA A 39 5.28 -3.72 0.27
C ALA A 39 6.40 -2.76 -0.09
N LYS A 40 6.33 -1.56 0.50
CA LYS A 40 7.29 -0.51 0.21
C LYS A 40 7.87 0.06 1.49
N CYS A 41 6.99 0.40 2.43
CA CYS A 41 7.39 0.59 3.82
C CYS A 41 7.14 -0.70 4.62
N GLY A 42 6.40 -1.61 3.99
CA GLY A 42 6.27 -2.97 4.47
C GLY A 42 5.12 -3.07 5.48
N LYS A 43 4.25 -2.07 5.44
CA LYS A 43 3.30 -1.83 6.53
C LYS A 43 1.89 -2.25 6.13
N SER A 44 1.15 -2.77 7.10
CA SER A 44 -0.31 -2.82 7.02
C SER A 44 -0.88 -1.40 7.11
N LEU A 45 -1.69 -1.04 6.13
CA LEU A 45 -1.96 0.34 5.81
C LEU A 45 -3.19 0.85 6.59
N GLU A 46 -3.69 2.00 6.12
CA GLU A 46 -4.66 2.78 6.89
C GLU A 46 -5.86 3.13 6.02
N SER A 47 -6.84 2.24 6.01
CA SER A 47 -8.17 2.56 5.51
C SER A 47 -8.11 2.84 4.01
N THR A 48 -7.83 4.09 3.67
CA THR A 48 -7.98 4.58 2.31
C THR A 48 -6.92 5.63 2.00
N THR A 49 -5.67 5.16 1.95
CA THR A 49 -4.54 6.04 1.70
C THR A 49 -3.40 5.26 1.05
N LEU A 50 -3.57 4.97 -0.24
CA LEU A 50 -2.73 4.00 -0.92
C LEU A 50 -2.51 4.42 -2.37
N ALA A 51 -1.80 3.56 -3.11
CA ALA A 51 -1.59 3.77 -4.54
C ALA A 51 -1.33 2.44 -5.23
N ASP A 52 -2.35 1.97 -5.94
CA ASP A 52 -2.26 0.71 -6.67
C ASP A 52 -1.69 0.94 -8.06
N LYS A 53 -1.08 -0.10 -8.61
CA LYS A 53 -0.69 -0.12 -10.01
C LYS A 53 0.02 -1.43 -10.35
N ASP A 54 -0.27 -1.95 -11.53
CA ASP A 54 0.49 -3.07 -12.09
C ASP A 54 0.39 -4.29 -11.18
N GLY A 55 -0.62 -4.27 -10.32
CA GLY A 55 -1.00 -5.45 -9.55
C GLY A 55 -0.58 -5.30 -8.10
N GLU A 56 0.49 -4.54 -7.90
CA GLU A 56 1.02 -4.29 -6.56
C GLU A 56 0.84 -2.82 -6.19
N ILE A 57 1.26 -2.48 -4.97
CA ILE A 57 0.78 -1.29 -4.30
C ILE A 57 1.87 -0.72 -3.38
N TYR A 58 1.97 0.61 -3.36
CA TYR A 58 2.57 1.30 -2.20
C TYR A 58 1.64 2.44 -1.77
N CYS A 59 1.96 3.08 -0.65
CA CYS A 59 0.92 3.66 0.21
C CYS A 59 0.93 5.17 0.16
N LYS A 60 -0.27 5.76 0.31
CA LYS A 60 -0.37 7.20 0.55
C LYS A 60 0.10 7.53 1.96
N GLY A 61 0.31 6.47 2.74
CA GLY A 61 1.12 6.52 3.95
C GLY A 61 2.58 6.81 3.64
N CYS A 62 2.89 6.88 2.34
CA CYS A 62 4.29 6.88 1.91
C CYS A 62 4.56 8.16 1.10
N TYR A 63 3.69 8.37 0.12
CA TYR A 63 3.60 9.64 -0.57
C TYR A 63 3.25 10.76 0.42
N ALA A 64 2.80 10.35 1.60
CA ALA A 64 2.71 11.25 2.74
C ALA A 64 4.02 11.24 3.53
N LYS A 65 4.31 10.09 4.13
CA LYS A 65 5.35 10.00 5.15
C LYS A 65 6.71 10.41 4.58
N ASN A 66 6.74 10.52 3.26
CA ASN A 66 7.95 10.92 2.55
C ASN A 66 7.61 11.75 1.32
N PHE A 67 6.80 12.78 1.54
CA PHE A 67 6.59 13.83 0.54
C PHE A 67 7.64 14.93 0.71
N GLY A 68 7.85 15.33 1.96
CA GLY A 68 8.73 16.44 2.28
C GLY A 68 9.94 15.92 3.08
N PRO A 69 9.66 15.43 4.31
CA PRO A 69 10.71 14.92 5.23
C PRO A 69 11.55 13.80 4.63
N LYS A 70 12.85 13.84 4.94
CA LYS A 70 13.79 12.86 4.43
C LYS A 70 14.40 12.05 5.58
N GLY A 71 14.85 10.85 5.25
CA GLY A 71 15.65 10.06 6.17
C GLY A 71 17.12 10.37 6.01
N PHE A 72 17.81 10.46 7.14
CA PHE A 72 19.18 10.98 7.17
C PHE A 72 20.14 9.93 6.63
N GLY A 73 20.49 8.97 7.48
CA GLY A 73 21.42 7.92 7.12
C GLY A 73 21.72 7.03 8.32
N PHE A 74 22.33 5.89 8.04
CA PHE A 74 22.87 5.03 9.09
C PHE A 74 24.40 4.96 8.99
N GLY A 75 24.99 4.10 9.79
CA GLY A 75 26.44 4.06 9.97
C GLY A 75 27.10 3.57 8.69
N GLN A 76 28.20 2.84 8.88
CA GLN A 76 29.08 2.47 7.76
C GLN A 76 30.17 1.51 8.24
N GLY A 77 31.03 2.02 9.11
CA GLY A 77 32.14 1.25 9.64
C GLY A 77 33.19 2.16 10.24
N ALA A 78 33.89 1.65 11.26
CA ALA A 78 34.77 2.46 12.08
C ALA A 78 35.52 1.58 13.08
N GLY A 79 36.53 2.18 13.71
CA GLY A 79 37.20 1.56 14.84
C GLY A 79 38.65 1.22 14.47
N ALA A 80 39.42 2.26 14.17
CA ALA A 80 40.85 2.14 14.02
C ALA A 80 41.49 3.52 13.87
N LEU A 81 42.05 4.01 14.96
CA LEU A 81 42.89 5.20 14.94
C LEU A 81 44.15 4.95 14.13
N ILE A 82 44.88 6.03 13.86
CA ILE A 82 46.22 5.94 13.29
C ILE A 82 47.17 5.24 14.25
N HIS A 83 47.67 4.09 13.84
CA HIS A 83 48.75 3.42 14.54
C HIS A 83 49.41 2.38 13.63
N SER A 84 50.69 2.12 13.91
CA SER A 84 51.44 1.12 13.16
C SER A 84 51.24 -0.26 13.79
N GLN A 85 51.95 -0.49 14.89
CA GLN A 85 51.73 -1.67 15.71
C GLN A 85 52.46 -1.53 17.05
ZN ZN B . -8.05 -10.62 1.82
ZN ZN C . 4.16 2.61 2.41
N MET A 1 -20.66 -3.86 -16.72
CA MET A 1 -21.39 -4.48 -17.83
C MET A 1 -22.00 -5.80 -17.37
N ALA A 2 -23.33 -5.78 -17.21
CA ALA A 2 -24.03 -6.91 -16.61
C ALA A 2 -23.55 -7.14 -15.18
N GLN A 3 -24.21 -8.06 -14.49
CA GLN A 3 -24.03 -8.24 -13.06
C GLN A 3 -22.72 -9.00 -12.79
N LYS A 4 -21.68 -8.24 -12.47
CA LYS A 4 -20.44 -8.81 -11.97
C LYS A 4 -19.44 -7.70 -11.65
N VAL A 5 -18.42 -8.06 -10.87
CA VAL A 5 -17.28 -7.19 -10.64
C VAL A 5 -17.72 -5.94 -9.88
N GLY A 6 -18.88 -6.04 -9.23
CA GLY A 6 -19.33 -5.03 -8.29
C GLY A 6 -20.23 -5.65 -7.23
N GLY A 7 -20.75 -4.79 -6.36
CA GLY A 7 -21.45 -5.24 -5.16
C GLY A 7 -20.51 -6.04 -4.26
N SER A 8 -20.67 -7.36 -4.30
CA SER A 8 -19.69 -8.28 -3.74
C SER A 8 -18.35 -8.15 -4.48
N ASP A 9 -17.29 -8.55 -3.79
CA ASP A 9 -15.96 -8.59 -4.40
C ASP A 9 -15.02 -9.45 -3.57
N GLY A 10 -14.00 -10.00 -4.22
CA GLY A 10 -13.27 -11.15 -3.70
C GLY A 10 -11.79 -10.82 -3.55
N CYS A 11 -11.06 -11.76 -2.96
CA CYS A 11 -9.71 -11.46 -2.45
C CYS A 11 -8.72 -12.52 -3.00
N PRO A 12 -7.93 -12.09 -4.00
CA PRO A 12 -6.80 -12.89 -4.53
C PRO A 12 -5.73 -13.20 -3.48
N ARG A 13 -5.82 -12.50 -2.35
CA ARG A 13 -4.72 -12.47 -1.38
C ARG A 13 -4.83 -13.67 -0.44
N CYS A 14 -5.90 -13.69 0.35
CA CYS A 14 -6.12 -14.75 1.33
C CYS A 14 -6.82 -15.94 0.67
N GLY A 15 -7.58 -15.63 -0.38
CA GLY A 15 -8.33 -16.64 -1.11
C GLY A 15 -9.83 -16.37 -1.01
N GLN A 16 -10.23 -15.78 0.11
CA GLN A 16 -11.63 -15.56 0.42
C GLN A 16 -12.26 -14.64 -0.61
N ALA A 17 -13.55 -14.81 -0.83
CA ALA A 17 -14.36 -13.84 -1.56
C ALA A 17 -15.42 -13.24 -0.63
N VAL A 18 -15.64 -11.94 -0.78
CA VAL A 18 -16.32 -11.16 0.24
C VAL A 18 -17.77 -10.90 -0.19
N TYR A 19 -18.66 -10.98 0.79
CA TYR A 19 -20.07 -10.66 0.59
C TYR A 19 -20.50 -9.53 1.51
N ALA A 20 -20.00 -9.57 2.74
CA ALA A 20 -20.11 -8.45 3.67
C ALA A 20 -19.43 -7.22 3.10
N ALA A 21 -18.66 -7.45 2.02
CA ALA A 21 -17.94 -6.37 1.36
C ALA A 21 -16.94 -5.74 2.31
N GLU A 22 -15.69 -6.21 2.24
CA GLU A 22 -14.57 -5.52 2.85
C GLU A 22 -13.58 -5.10 1.76
N LYS A 23 -14.10 -4.90 0.56
CA LYS A 23 -13.28 -4.90 -0.65
C LYS A 23 -12.76 -3.49 -0.96
N VAL A 24 -11.46 -3.40 -1.19
CA VAL A 24 -10.89 -2.28 -1.92
C VAL A 24 -10.72 -2.66 -3.40
N ILE A 25 -10.13 -1.74 -4.15
CA ILE A 25 -9.64 -2.02 -5.49
C ILE A 25 -8.37 -1.25 -5.78
N GLY A 26 -7.54 -1.80 -6.66
CA GLY A 26 -6.40 -1.08 -7.21
C GLY A 26 -5.70 -1.93 -8.27
N ALA A 27 -5.33 -1.27 -9.36
CA ALA A 27 -4.54 -1.92 -10.41
C ALA A 27 -5.32 -3.08 -11.01
N GLY A 28 -6.61 -3.11 -10.71
CA GLY A 28 -7.47 -4.22 -11.11
C GLY A 28 -7.85 -5.06 -9.91
N LYS A 29 -6.93 -5.14 -8.95
CA LYS A 29 -7.06 -6.07 -7.83
C LYS A 29 -8.29 -5.74 -7.01
N SER A 30 -8.68 -6.68 -6.15
CA SER A 30 -9.64 -6.42 -5.09
C SER A 30 -9.20 -7.08 -3.79
N TRP A 31 -9.08 -6.27 -2.75
CA TRP A 31 -8.41 -6.66 -1.52
C TRP A 31 -9.41 -6.64 -0.35
N HIS A 32 -9.05 -7.37 0.70
CA HIS A 32 -9.54 -7.07 2.06
C HIS A 32 -8.73 -5.93 2.66
N LYS A 33 -9.35 -5.26 3.63
CA LYS A 33 -8.67 -4.27 4.45
C LYS A 33 -7.51 -4.92 5.20
N SER A 34 -7.49 -6.25 5.20
CA SER A 34 -6.51 -7.00 5.97
C SER A 34 -5.70 -7.92 5.06
N CYS A 35 -5.73 -7.61 3.77
CA CYS A 35 -4.76 -8.16 2.83
C CYS A 35 -4.15 -7.04 1.99
N PHE A 36 -3.98 -5.89 2.64
CA PHE A 36 -3.72 -4.64 1.90
C PHE A 36 -2.46 -3.98 2.45
N ARG A 37 -1.34 -4.24 1.79
CA ARG A 37 -0.03 -3.97 2.35
C ARG A 37 0.81 -3.14 1.38
N CYS A 38 1.33 -2.03 1.90
CA CYS A 38 2.42 -1.30 1.26
C CYS A 38 3.65 -2.21 1.11
N ALA A 39 3.94 -2.53 -0.15
CA ALA A 39 5.17 -3.22 -0.51
C ALA A 39 6.38 -2.32 -0.27
N LYS A 40 6.12 -1.02 -0.29
CA LYS A 40 7.18 -0.02 -0.23
C LYS A 40 7.81 0.00 1.16
N CYS A 41 7.07 0.57 2.11
CA CYS A 41 7.60 0.86 3.43
C CYS A 41 7.44 -0.34 4.35
N GLY A 42 6.56 -1.25 3.94
CA GLY A 42 6.41 -2.53 4.59
C GLY A 42 5.39 -2.44 5.72
N LYS A 43 4.55 -1.41 5.65
CA LYS A 43 3.41 -1.29 6.55
C LYS A 43 2.13 -1.75 5.86
N SER A 44 1.41 -2.64 6.53
CA SER A 44 0.04 -2.98 6.14
C SER A 44 -0.92 -1.89 6.60
N LEU A 45 -1.63 -1.31 5.63
CA LEU A 45 -2.64 -0.31 5.92
C LEU A 45 -3.79 -0.40 4.92
N GLU A 46 -4.71 0.56 5.03
CA GLU A 46 -5.71 0.77 3.98
C GLU A 46 -6.35 2.14 4.16
N SER A 47 -5.56 3.18 3.85
CA SER A 47 -5.94 4.55 4.12
C SER A 47 -6.58 5.18 2.89
N THR A 48 -6.68 6.51 2.91
CA THR A 48 -7.45 7.24 1.93
C THR A 48 -6.78 7.17 0.56
N THR A 49 -5.54 6.71 0.56
CA THR A 49 -4.73 6.71 -0.66
C THR A 49 -3.92 5.42 -0.76
N LEU A 50 -3.90 4.86 -1.97
CA LEU A 50 -2.90 3.86 -2.34
C LEU A 50 -2.39 4.12 -3.76
N ALA A 51 -1.26 3.50 -4.06
CA ALA A 51 -0.57 3.74 -5.33
C ALA A 51 -0.27 2.41 -6.02
N ASP A 52 -1.31 1.84 -6.61
CA ASP A 52 -1.21 0.52 -7.23
C ASP A 52 -0.35 0.60 -8.49
N LYS A 53 0.29 -0.52 -8.80
CA LYS A 53 0.95 -0.70 -10.09
C LYS A 53 1.62 -2.07 -10.16
N ASP A 54 1.42 -2.72 -11.30
CA ASP A 54 2.06 -4.02 -11.56
C ASP A 54 1.61 -5.04 -10.53
N GLY A 55 0.45 -4.77 -9.93
CA GLY A 55 -0.22 -5.75 -9.08
C GLY A 55 -0.22 -5.29 -7.62
N GLU A 56 0.89 -4.67 -7.23
CA GLU A 56 1.07 -4.22 -5.86
C GLU A 56 0.89 -2.70 -5.78
N ILE A 57 1.20 -2.14 -4.62
CA ILE A 57 0.70 -0.83 -4.23
C ILE A 57 1.71 -0.12 -3.32
N TYR A 58 1.52 1.17 -3.15
CA TYR A 58 2.16 1.90 -2.05
C TYR A 58 1.13 2.81 -1.38
N CYS A 59 1.50 3.38 -0.23
CA CYS A 59 0.52 3.73 0.80
C CYS A 59 0.27 5.23 0.82
N LYS A 60 -0.90 5.62 1.31
CA LYS A 60 -1.17 7.00 1.67
C LYS A 60 -0.21 7.46 2.78
N GLY A 61 0.30 6.47 3.50
CA GLY A 61 1.32 6.70 4.52
C GLY A 61 2.64 7.14 3.89
N CYS A 62 2.68 7.13 2.56
CA CYS A 62 3.97 7.24 1.85
C CYS A 62 3.96 8.51 0.99
N TYR A 63 2.84 8.70 0.29
CA TYR A 63 2.52 9.98 -0.32
C TYR A 63 2.41 11.07 0.75
N ALA A 64 2.31 10.63 1.99
CA ALA A 64 2.39 11.51 3.14
C ALA A 64 3.81 11.56 3.68
N LYS A 65 4.23 10.46 4.28
CA LYS A 65 5.43 10.45 5.11
C LYS A 65 6.66 10.83 4.28
N ASN A 66 6.46 10.85 2.97
CA ASN A 66 7.51 11.25 2.05
C ASN A 66 7.93 12.69 2.30
N PHE A 67 6.93 13.57 2.34
CA PHE A 67 7.13 14.96 2.75
C PHE A 67 8.05 15.67 1.76
N GLY A 68 9.35 15.45 1.92
CA GLY A 68 10.37 16.15 1.16
C GLY A 68 11.67 16.24 1.98
N PRO A 69 12.32 15.06 2.15
CA PRO A 69 13.48 14.92 3.05
C PRO A 69 14.66 15.79 2.67
N LYS A 70 14.92 15.86 1.37
CA LYS A 70 16.16 16.43 0.85
C LYS A 70 17.35 15.58 1.28
N GLY A 71 18.30 15.43 0.37
CA GLY A 71 19.40 14.49 0.55
C GLY A 71 19.80 13.89 -0.80
N PHE A 72 20.85 13.07 -0.76
CA PHE A 72 21.50 12.60 -1.98
C PHE A 72 22.02 11.18 -1.78
N GLY A 73 22.65 10.96 -0.64
CA GLY A 73 23.24 9.67 -0.32
C GLY A 73 24.74 9.69 -0.55
N PHE A 74 25.48 9.10 0.38
CA PHE A 74 26.90 8.85 0.21
C PHE A 74 27.17 7.36 0.14
N GLY A 75 26.17 6.62 -0.35
CA GLY A 75 26.26 5.17 -0.48
C GLY A 75 27.25 4.80 -1.58
N GLN A 76 28.54 4.84 -1.25
CA GLN A 76 29.58 4.31 -2.12
C GLN A 76 29.73 5.18 -3.36
N GLY A 77 30.98 5.51 -3.67
CA GLY A 77 31.29 6.51 -4.68
C GLY A 77 32.17 7.61 -4.11
N ALA A 78 33.20 7.97 -4.88
CA ALA A 78 34.00 9.15 -4.57
C ALA A 78 33.16 10.42 -4.69
N GLY A 79 32.65 10.86 -3.55
CA GLY A 79 32.01 12.16 -3.44
C GLY A 79 32.60 12.96 -2.28
N ALA A 80 32.22 14.24 -2.22
CA ALA A 80 32.53 15.06 -1.06
C ALA A 80 31.34 15.10 -0.11
N LEU A 81 31.35 16.08 0.78
CA LEU A 81 30.19 16.38 1.62
C LEU A 81 29.93 17.88 1.65
N ILE A 82 30.53 18.55 2.63
CA ILE A 82 30.21 19.94 2.92
C ILE A 82 31.49 20.71 3.27
N HIS A 83 32.15 20.26 4.33
CA HIS A 83 33.38 20.89 4.78
C HIS A 83 34.45 19.84 5.05
N SER A 84 34.32 19.16 6.18
CA SER A 84 35.37 18.29 6.69
C SER A 84 35.12 16.85 6.26
N GLN A 85 36.20 16.07 6.23
CA GLN A 85 36.11 14.66 5.89
C GLN A 85 37.04 13.83 6.78
ZN ZN B . -8.13 -11.17 2.03
ZN ZN C . 4.18 2.98 2.45
N MET A 1 -20.69 -16.56 -10.31
CA MET A 1 -19.97 -17.71 -10.88
C MET A 1 -19.74 -17.49 -12.37
N ALA A 2 -20.62 -16.71 -12.97
CA ALA A 2 -20.44 -16.28 -14.35
C ALA A 2 -20.18 -14.77 -14.39
N GLN A 3 -20.35 -14.20 -15.58
CA GLN A 3 -20.34 -12.75 -15.74
C GLN A 3 -21.61 -12.14 -15.15
N LYS A 4 -21.68 -10.82 -15.18
CA LYS A 4 -22.72 -10.08 -14.47
C LYS A 4 -22.57 -10.27 -12.97
N VAL A 5 -22.03 -9.24 -12.32
CA VAL A 5 -21.63 -9.33 -10.93
C VAL A 5 -22.22 -8.17 -10.12
N GLY A 6 -22.69 -8.50 -8.92
CA GLY A 6 -23.48 -7.58 -8.12
C GLY A 6 -22.60 -6.82 -7.14
N GLY A 7 -22.93 -6.94 -5.87
CA GLY A 7 -22.34 -6.11 -4.82
C GLY A 7 -21.00 -6.70 -4.37
N SER A 8 -20.90 -8.02 -4.46
CA SER A 8 -19.79 -8.74 -3.86
C SER A 8 -18.47 -8.30 -4.48
N ASP A 9 -17.39 -8.50 -3.74
CA ASP A 9 -16.04 -8.35 -4.27
C ASP A 9 -15.05 -9.18 -3.45
N GLY A 10 -14.26 -9.98 -4.15
CA GLY A 10 -13.54 -11.08 -3.52
C GLY A 10 -12.05 -10.79 -3.47
N CYS A 11 -11.32 -11.65 -2.77
CA CYS A 11 -9.93 -11.35 -2.41
C CYS A 11 -9.02 -12.50 -2.92
N PRO A 12 -8.36 -12.22 -4.06
CA PRO A 12 -7.30 -13.11 -4.61
C PRO A 12 -6.11 -13.29 -3.67
N ARG A 13 -6.05 -12.45 -2.65
CA ARG A 13 -4.85 -12.29 -1.84
C ARG A 13 -4.79 -13.37 -0.77
N CYS A 14 -5.76 -13.32 0.13
CA CYS A 14 -5.84 -14.29 1.22
C CYS A 14 -6.56 -15.56 0.75
N GLY A 15 -7.41 -15.39 -0.25
CA GLY A 15 -8.06 -16.51 -0.92
C GLY A 15 -9.57 -16.37 -0.86
N GLN A 16 -10.04 -15.61 0.12
CA GLN A 16 -11.46 -15.51 0.43
C GLN A 16 -12.14 -14.57 -0.55
N ALA A 17 -13.46 -14.46 -0.42
CA ALA A 17 -14.22 -13.41 -1.08
C ALA A 17 -15.14 -12.72 -0.07
N VAL A 18 -15.50 -11.48 -0.38
CA VAL A 18 -16.15 -10.59 0.58
C VAL A 18 -17.60 -10.36 0.19
N TYR A 19 -18.46 -10.31 1.21
CA TYR A 19 -19.89 -10.15 0.99
C TYR A 19 -20.41 -8.91 1.72
N ALA A 20 -19.77 -8.61 2.85
CA ALA A 20 -20.02 -7.38 3.56
C ALA A 20 -19.03 -6.29 3.13
N ALA A 21 -18.40 -6.53 1.98
CA ALA A 21 -17.66 -5.48 1.28
C ALA A 21 -16.52 -4.97 2.16
N GLU A 22 -15.34 -5.53 1.95
CA GLU A 22 -14.10 -4.94 2.43
C GLU A 22 -13.14 -4.70 1.27
N LYS A 23 -13.73 -4.53 0.08
CA LYS A 23 -12.99 -4.67 -1.17
C LYS A 23 -12.46 -3.32 -1.63
N VAL A 24 -11.14 -3.17 -1.60
CA VAL A 24 -10.47 -2.14 -2.39
C VAL A 24 -10.30 -2.60 -3.84
N ILE A 25 -9.56 -1.80 -4.60
CA ILE A 25 -9.15 -2.18 -5.94
C ILE A 25 -7.73 -1.70 -6.22
N GLY A 26 -7.00 -2.52 -6.98
CA GLY A 26 -5.63 -2.20 -7.36
C GLY A 26 -5.39 -2.51 -8.83
N ALA A 27 -5.51 -1.48 -9.65
CA ALA A 27 -5.30 -1.61 -11.08
C ALA A 27 -6.31 -2.59 -11.68
N GLY A 28 -5.98 -3.87 -11.57
CA GLY A 28 -6.91 -4.94 -11.91
C GLY A 28 -6.99 -5.96 -10.79
N LYS A 29 -6.97 -5.45 -9.55
CA LYS A 29 -7.07 -6.30 -8.37
C LYS A 29 -8.22 -5.84 -7.48
N SER A 30 -8.55 -6.69 -6.51
CA SER A 30 -9.45 -6.30 -5.44
C SER A 30 -9.05 -6.98 -4.13
N TRP A 31 -8.97 -6.18 -3.07
CA TRP A 31 -8.31 -6.58 -1.83
C TRP A 31 -9.24 -6.34 -0.65
N HIS A 32 -8.95 -7.03 0.45
CA HIS A 32 -9.51 -6.72 1.75
C HIS A 32 -8.89 -5.43 2.29
N LYS A 33 -9.69 -4.68 3.04
CA LYS A 33 -9.16 -3.67 3.97
C LYS A 33 -8.52 -4.37 5.18
N SER A 34 -7.41 -5.05 4.90
CA SER A 34 -6.77 -5.93 5.86
C SER A 34 -5.52 -6.56 5.24
N CYS A 35 -5.68 -6.96 3.99
CA CYS A 35 -4.63 -7.68 3.26
C CYS A 35 -3.78 -6.70 2.45
N PHE A 36 -3.91 -5.43 2.80
CA PHE A 36 -3.44 -4.34 1.94
C PHE A 36 -2.09 -3.83 2.43
N ARG A 37 -1.06 -4.65 2.20
CA ARG A 37 0.26 -4.42 2.75
C ARG A 37 1.12 -3.65 1.76
N CYS A 38 1.53 -2.45 2.16
CA CYS A 38 2.59 -1.71 1.49
C CYS A 38 3.89 -2.52 1.54
N ALA A 39 4.27 -3.02 0.37
CA ALA A 39 5.58 -3.63 0.18
C ALA A 39 6.69 -2.60 0.30
N LYS A 40 6.31 -1.33 0.07
CA LYS A 40 7.27 -0.26 -0.11
C LYS A 40 7.95 0.08 1.21
N CYS A 41 7.15 0.59 2.14
CA CYS A 41 7.66 1.01 3.44
C CYS A 41 7.61 -0.14 4.43
N GLY A 42 6.64 -1.03 4.22
CA GLY A 42 6.54 -2.26 5.01
C GLY A 42 5.18 -2.31 5.70
N LYS A 43 4.60 -1.15 5.93
CA LYS A 43 3.41 -1.03 6.76
C LYS A 43 2.21 -1.70 6.09
N SER A 44 1.55 -2.56 6.86
CA SER A 44 0.26 -3.11 6.46
C SER A 44 -0.87 -2.18 6.87
N LEU A 45 -1.44 -1.49 5.89
CA LEU A 45 -2.52 -0.56 6.13
C LEU A 45 -3.71 -0.89 5.22
N GLU A 46 -4.69 0.01 5.23
CA GLU A 46 -6.04 -0.31 4.77
C GLU A 46 -6.54 0.76 3.80
N SER A 47 -7.81 0.64 3.44
CA SER A 47 -8.40 1.48 2.40
C SER A 47 -8.41 2.94 2.83
N THR A 48 -8.74 3.81 1.88
CA THR A 48 -8.71 5.24 2.08
C THR A 48 -7.31 5.71 2.49
N THR A 49 -6.35 4.81 2.29
CA THR A 49 -4.96 5.11 2.61
C THR A 49 -4.03 4.24 1.78
N LEU A 50 -4.36 4.11 0.49
CA LEU A 50 -3.64 3.20 -0.39
C LEU A 50 -3.24 3.91 -1.67
N ALA A 51 -2.47 3.21 -2.50
CA ALA A 51 -2.18 3.67 -3.86
C ALA A 51 -1.60 2.52 -4.68
N ASP A 52 -2.30 2.17 -5.75
CA ASP A 52 -1.95 1.00 -6.53
C ASP A 52 -1.14 1.40 -7.76
N LYS A 53 -0.58 0.40 -8.43
CA LYS A 53 0.00 0.57 -9.76
C LYS A 53 0.60 -0.73 -10.26
N ASP A 54 0.26 -1.09 -11.49
CA ASP A 54 0.99 -2.11 -12.24
C ASP A 54 0.92 -3.44 -11.50
N GLY A 55 -0.07 -3.56 -10.61
CA GLY A 55 -0.39 -4.83 -9.98
C GLY A 55 0.26 -4.94 -8.61
N GLU A 56 1.30 -4.12 -8.42
CA GLU A 56 1.88 -3.94 -7.10
C GLU A 56 1.47 -2.57 -6.52
N ILE A 57 1.73 -2.39 -5.23
CA ILE A 57 1.00 -1.40 -4.44
C ILE A 57 1.95 -0.72 -3.45
N TYR A 58 1.75 0.58 -3.25
CA TYR A 58 2.24 1.25 -2.05
C TYR A 58 1.13 2.13 -1.48
N CYS A 59 1.47 2.89 -0.41
CA CYS A 59 0.45 3.29 0.55
C CYS A 59 0.19 4.79 0.47
N LYS A 60 -0.94 5.22 1.02
CA LYS A 60 -1.19 6.64 1.22
C LYS A 60 -0.42 7.15 2.42
N GLY A 61 0.11 6.20 3.20
CA GLY A 61 1.13 6.47 4.19
C GLY A 61 2.42 6.96 3.52
N CYS A 62 2.47 6.86 2.20
CA CYS A 62 3.74 6.97 1.48
C CYS A 62 3.68 8.19 0.56
N TYR A 63 2.60 8.25 -0.22
CA TYR A 63 2.24 9.45 -0.95
C TYR A 63 2.00 10.61 0.02
N ALA A 64 1.80 10.26 1.28
CA ALA A 64 1.79 11.24 2.36
C ALA A 64 3.19 11.47 2.90
N LYS A 65 3.74 10.42 3.52
CA LYS A 65 4.95 10.56 4.33
C LYS A 65 6.11 11.07 3.48
N ASN A 66 5.91 11.04 2.16
CA ASN A 66 6.93 11.46 1.22
C ASN A 66 6.30 12.21 0.05
N PHE A 67 5.43 13.16 0.39
CA PHE A 67 4.71 13.93 -0.61
C PHE A 67 5.58 15.06 -1.14
N GLY A 68 5.74 15.08 -2.45
CA GLY A 68 6.35 16.20 -3.15
C GLY A 68 7.80 16.41 -2.64
N PRO A 69 8.76 15.91 -3.46
CA PRO A 69 10.20 16.17 -3.23
C PRO A 69 10.56 17.66 -3.16
N LYS A 70 11.77 17.93 -2.70
CA LYS A 70 12.34 19.27 -2.78
C LYS A 70 13.65 19.25 -3.55
N GLY A 71 13.98 20.39 -4.14
CA GLY A 71 15.09 20.48 -5.08
C GLY A 71 16.41 20.65 -4.33
N PHE A 72 16.67 21.89 -3.92
CA PHE A 72 17.77 22.17 -3.00
C PHE A 72 17.23 22.64 -1.66
N GLY A 73 18.07 22.51 -0.63
CA GLY A 73 17.80 23.10 0.67
C GLY A 73 18.89 24.09 1.05
N PHE A 74 19.35 23.98 2.30
CA PHE A 74 20.53 24.70 2.76
C PHE A 74 21.26 23.90 3.82
N GLY A 75 22.57 23.77 3.64
CA GLY A 75 23.45 23.22 4.66
C GLY A 75 24.68 22.58 4.02
N GLN A 76 25.80 23.30 4.10
CA GLN A 76 27.10 22.76 3.73
C GLN A 76 27.85 22.31 4.98
N GLY A 77 28.35 21.08 4.92
CA GLY A 77 29.11 20.50 6.02
C GLY A 77 28.85 19.01 6.11
N ALA A 78 29.36 18.28 5.12
CA ALA A 78 29.38 16.82 5.18
C ALA A 78 30.23 16.26 4.03
N GLY A 79 31.16 15.40 4.39
CA GLY A 79 32.19 14.93 3.46
C GLY A 79 33.06 13.86 4.11
N ALA A 80 33.57 12.97 3.26
CA ALA A 80 34.42 11.88 3.73
C ALA A 80 35.88 12.33 3.76
N LEU A 81 36.77 11.34 3.82
CA LEU A 81 38.19 11.59 4.07
C LEU A 81 38.37 12.28 5.42
N ILE A 82 38.89 11.51 6.39
CA ILE A 82 39.32 12.06 7.66
C ILE A 82 40.75 11.62 7.97
N HIS A 83 41.56 12.58 8.39
CA HIS A 83 42.95 12.32 8.74
C HIS A 83 43.09 12.12 10.24
N SER A 84 42.42 12.98 11.00
CA SER A 84 42.27 12.79 12.44
C SER A 84 40.80 12.59 12.80
N GLN A 85 40.57 11.88 13.89
CA GLN A 85 39.25 11.77 14.49
C GLN A 85 39.35 11.75 16.01
ZN ZN B . -7.92 -10.71 1.85
ZN ZN C . 4.09 2.75 2.29
N MET A 1 -8.28 -28.54 -6.99
CA MET A 1 -8.26 -27.06 -7.06
C MET A 1 -9.52 -26.51 -6.39
N ALA A 2 -9.55 -25.19 -6.23
CA ALA A 2 -10.76 -24.50 -5.78
C ALA A 2 -11.89 -24.71 -6.79
N GLN A 3 -11.50 -25.08 -8.00
CA GLN A 3 -12.43 -25.11 -9.12
C GLN A 3 -12.81 -23.68 -9.53
N LYS A 4 -13.81 -23.14 -8.84
CA LYS A 4 -14.15 -21.73 -8.96
C LYS A 4 -15.01 -21.29 -7.78
N VAL A 5 -14.53 -20.27 -7.08
CA VAL A 5 -15.33 -19.59 -6.07
C VAL A 5 -15.37 -18.09 -6.33
N GLY A 6 -16.44 -17.46 -5.86
CA GLY A 6 -16.61 -16.02 -6.01
C GLY A 6 -16.92 -15.39 -4.66
N GLY A 7 -18.18 -14.97 -4.50
CA GLY A 7 -18.61 -14.27 -3.30
C GLY A 7 -19.25 -12.93 -3.66
N SER A 8 -19.50 -12.13 -2.63
CA SER A 8 -20.09 -10.82 -2.81
C SER A 8 -19.07 -9.84 -3.38
N ASP A 9 -18.04 -9.57 -2.59
CA ASP A 9 -16.82 -8.93 -3.10
C ASP A 9 -15.59 -9.60 -2.49
N GLY A 10 -14.86 -10.34 -3.32
CA GLY A 10 -13.96 -11.37 -2.83
C GLY A 10 -12.51 -10.98 -3.11
N CYS A 11 -11.58 -11.85 -2.71
CA CYS A 11 -10.19 -11.45 -2.52
C CYS A 11 -9.27 -12.45 -3.27
N PRO A 12 -8.67 -11.95 -4.37
CA PRO A 12 -7.53 -12.61 -5.04
C PRO A 12 -6.32 -12.83 -4.13
N ARG A 13 -6.29 -12.07 -3.05
CA ARG A 13 -5.12 -11.99 -2.19
C ARG A 13 -5.07 -13.19 -1.25
N CYS A 14 -5.97 -13.18 -0.26
CA CYS A 14 -5.95 -14.15 0.81
C CYS A 14 -6.75 -15.39 0.42
N GLY A 15 -7.50 -15.26 -0.68
CA GLY A 15 -8.23 -16.37 -1.25
C GLY A 15 -9.52 -16.62 -0.47
N GLN A 16 -9.92 -15.62 0.30
CA GLN A 16 -11.27 -15.59 0.89
C GLN A 16 -12.23 -14.91 -0.06
N ALA A 17 -13.44 -14.63 0.45
CA ALA A 17 -14.36 -13.72 -0.22
C ALA A 17 -15.29 -13.07 0.82
N VAL A 18 -15.65 -11.83 0.54
CA VAL A 18 -16.25 -10.96 1.56
C VAL A 18 -17.77 -10.91 1.36
N TYR A 19 -18.41 -10.17 2.27
CA TYR A 19 -19.84 -9.88 2.15
C TYR A 19 -20.04 -8.57 1.40
N ALA A 20 -19.34 -8.43 0.28
CA ALA A 20 -19.34 -7.18 -0.48
C ALA A 20 -18.79 -6.04 0.37
N ALA A 21 -17.88 -6.39 1.29
CA ALA A 21 -17.61 -5.54 2.44
C ALA A 21 -16.43 -4.60 2.15
N GLU A 22 -15.23 -5.19 2.08
CA GLU A 22 -14.01 -4.47 2.41
C GLU A 22 -13.36 -3.88 1.14
N LYS A 23 -13.89 -4.28 -0.01
CA LYS A 23 -13.08 -4.46 -1.22
C LYS A 23 -12.39 -3.15 -1.60
N VAL A 24 -11.06 -3.22 -1.73
CA VAL A 24 -10.32 -2.24 -2.52
C VAL A 24 -10.14 -2.74 -3.95
N ILE A 25 -9.56 -1.88 -4.78
CA ILE A 25 -9.07 -2.27 -6.09
C ILE A 25 -7.77 -1.54 -6.42
N GLY A 26 -6.95 -2.17 -7.24
CA GLY A 26 -5.79 -1.52 -7.83
C GLY A 26 -5.43 -2.17 -9.16
N ALA A 27 -5.15 -1.33 -10.14
CA ALA A 27 -4.75 -1.79 -11.47
C ALA A 27 -5.87 -2.63 -12.09
N GLY A 28 -5.92 -3.89 -11.70
CA GLY A 28 -7.04 -4.77 -12.06
C GLY A 28 -7.33 -5.74 -10.92
N LYS A 29 -6.87 -5.39 -9.73
CA LYS A 29 -6.90 -6.29 -8.59
C LYS A 29 -8.03 -5.92 -7.64
N SER A 30 -8.31 -6.81 -6.70
CA SER A 30 -9.16 -6.49 -5.56
C SER A 30 -8.66 -7.19 -4.31
N TRP A 31 -8.91 -6.55 -3.16
CA TRP A 31 -8.28 -6.94 -1.91
C TRP A 31 -9.28 -6.77 -0.76
N HIS A 32 -8.83 -7.17 0.44
CA HIS A 32 -9.44 -6.70 1.69
C HIS A 32 -8.72 -5.44 2.16
N LYS A 33 -9.37 -4.74 3.08
CA LYS A 33 -8.83 -3.50 3.63
C LYS A 33 -7.68 -3.82 4.59
N SER A 34 -7.76 -4.99 5.21
CA SER A 34 -6.71 -5.45 6.11
C SER A 34 -5.57 -6.08 5.30
N CYS A 35 -5.89 -6.44 4.06
CA CYS A 35 -4.99 -7.23 3.24
C CYS A 35 -3.99 -6.33 2.52
N PHE A 36 -4.30 -5.03 2.51
CA PHE A 36 -3.54 -4.08 1.70
C PHE A 36 -2.12 -3.92 2.27
N ARG A 37 -1.15 -4.43 1.52
CA ARG A 37 0.22 -4.54 2.02
C ARG A 37 1.15 -3.65 1.19
N CYS A 38 1.46 -2.48 1.73
CA CYS A 38 2.57 -1.67 1.23
C CYS A 38 3.89 -2.44 1.42
N ALA A 39 4.51 -2.76 0.29
CA ALA A 39 5.88 -3.26 0.27
C ALA A 39 6.85 -2.13 -0.06
N LYS A 40 6.61 -0.98 0.56
CA LYS A 40 7.43 0.19 0.34
C LYS A 40 7.88 0.78 1.67
N CYS A 41 6.93 0.92 2.59
CA CYS A 41 7.26 1.09 4.00
C CYS A 41 7.17 -0.27 4.72
N GLY A 42 6.56 -1.22 4.03
CA GLY A 42 6.61 -2.62 4.41
C GLY A 42 5.48 -2.96 5.37
N LYS A 43 4.47 -2.09 5.38
CA LYS A 43 3.48 -2.09 6.46
C LYS A 43 2.14 -2.60 5.96
N SER A 44 1.39 -3.23 6.85
CA SER A 44 -0.06 -3.37 6.69
C SER A 44 -0.73 -2.01 6.85
N LEU A 45 -1.71 -1.74 5.98
CA LEU A 45 -2.13 -0.39 5.67
C LEU A 45 -3.44 -0.06 6.41
N GLU A 46 -4.05 1.03 5.95
CA GLU A 46 -5.19 1.62 6.63
C GLU A 46 -6.40 1.70 5.69
N SER A 47 -7.54 2.04 6.27
CA SER A 47 -8.72 2.41 5.49
C SER A 47 -8.43 3.64 4.64
N THR A 48 -7.31 4.29 4.95
CA THR A 48 -6.80 5.39 4.16
C THR A 48 -6.50 4.94 2.74
N THR A 49 -5.98 5.87 1.94
CA THR A 49 -5.86 5.65 0.50
C THR A 49 -4.58 4.88 0.18
N LEU A 50 -4.31 4.74 -1.11
CA LEU A 50 -3.24 3.85 -1.56
C LEU A 50 -2.71 4.32 -2.92
N ALA A 51 -1.87 3.49 -3.51
CA ALA A 51 -1.43 3.69 -4.90
C ALA A 51 -1.00 2.36 -5.51
N ASP A 52 -1.87 1.82 -6.36
CA ASP A 52 -1.54 0.66 -7.17
C ASP A 52 -0.70 1.07 -8.38
N LYS A 53 0.04 0.12 -8.92
CA LYS A 53 1.03 0.39 -9.95
C LYS A 53 1.73 -0.90 -10.38
N ASP A 54 1.47 -1.29 -11.63
CA ASP A 54 2.23 -2.37 -12.24
C ASP A 54 2.04 -3.68 -11.47
N GLY A 55 0.95 -3.72 -10.69
CA GLY A 55 0.49 -4.96 -10.07
C GLY A 55 0.88 -4.99 -8.60
N GLU A 56 1.93 -4.26 -8.26
CA GLU A 56 2.27 -4.00 -6.86
C GLU A 56 1.75 -2.62 -6.45
N ILE A 57 2.09 -2.22 -5.24
CA ILE A 57 1.36 -1.16 -4.53
C ILE A 57 2.25 -0.53 -3.47
N TYR A 58 2.15 0.80 -3.35
CA TYR A 58 2.57 1.49 -2.13
C TYR A 58 1.46 2.44 -1.66
N CYS A 59 1.68 3.08 -0.51
CA CYS A 59 0.55 3.49 0.34
C CYS A 59 0.37 4.99 0.36
N LYS A 60 -0.90 5.41 0.51
CA LYS A 60 -1.19 6.81 0.80
C LYS A 60 -0.79 7.13 2.25
N GLY A 61 -0.47 6.07 2.98
CA GLY A 61 0.29 6.15 4.22
C GLY A 61 1.72 6.62 3.96
N CYS A 62 2.05 6.80 2.68
CA CYS A 62 3.45 7.00 2.30
C CYS A 62 3.58 8.34 1.56
N TYR A 63 2.68 8.50 0.58
CA TYR A 63 2.42 9.80 -0.02
C TYR A 63 1.93 10.79 1.03
N ALA A 64 1.58 10.23 2.20
CA ALA A 64 1.35 11.03 3.39
C ALA A 64 2.62 11.16 4.21
N LYS A 65 3.13 10.02 4.66
CA LYS A 65 4.16 9.99 5.70
C LYS A 65 5.41 10.72 5.21
N ASN A 66 5.46 10.96 3.91
CA ASN A 66 6.46 11.83 3.31
C ASN A 66 5.81 12.93 2.49
N PHE A 67 5.00 13.73 3.17
CA PHE A 67 4.44 14.95 2.59
C PHE A 67 5.52 16.01 2.42
N GLY A 68 5.15 17.10 1.75
CA GLY A 68 6.11 18.11 1.32
C GLY A 68 5.96 19.37 2.20
N PRO A 69 7.13 19.97 2.52
CA PRO A 69 7.18 21.24 3.28
C PRO A 69 6.50 22.41 2.59
N LYS A 70 6.39 22.31 1.26
CA LYS A 70 5.66 23.27 0.47
C LYS A 70 6.31 24.65 0.56
N GLY A 71 7.62 24.64 0.80
CA GLY A 71 8.43 25.84 0.70
C GLY A 71 9.11 26.16 2.04
N PHE A 72 9.92 25.21 2.50
CA PHE A 72 10.79 25.44 3.64
C PHE A 72 12.25 25.18 3.24
N GLY A 73 12.49 24.01 2.69
CA GLY A 73 13.77 23.69 2.08
C GLY A 73 14.90 23.79 3.10
N PHE A 74 14.52 23.74 4.36
CA PHE A 74 15.48 23.75 5.46
C PHE A 74 16.20 25.10 5.51
N GLY A 75 16.90 25.32 6.61
CA GLY A 75 17.48 26.63 6.92
C GLY A 75 18.97 26.50 7.22
N GLN A 76 19.58 25.48 6.63
CA GLN A 76 21.04 25.35 6.66
C GLN A 76 21.55 24.91 5.29
N GLY A 77 21.81 25.91 4.45
CA GLY A 77 22.10 25.67 3.04
C GLY A 77 23.16 26.65 2.54
N ALA A 78 23.89 26.23 1.51
CA ALA A 78 24.78 27.13 0.78
C ALA A 78 24.44 27.12 -0.70
N GLY A 79 24.49 28.31 -1.29
CA GLY A 79 23.99 28.52 -2.64
C GLY A 79 24.77 29.64 -3.33
N ALA A 80 25.99 29.85 -2.86
CA ALA A 80 26.95 30.72 -3.55
C ALA A 80 28.17 29.91 -3.97
N LEU A 81 29.09 29.73 -3.03
CA LEU A 81 30.20 28.81 -3.19
C LEU A 81 30.23 27.79 -2.06
N ILE A 82 30.38 28.30 -0.84
CA ILE A 82 30.19 27.51 0.36
C ILE A 82 30.23 28.40 1.60
N HIS A 83 29.05 28.62 2.18
CA HIS A 83 28.88 29.62 3.22
C HIS A 83 27.63 29.32 4.04
N SER A 84 27.84 29.14 5.35
CA SER A 84 26.79 28.64 6.23
C SER A 84 26.24 29.78 7.09
N GLN A 85 25.06 30.26 6.71
CA GLN A 85 24.31 31.19 7.54
C GLN A 85 22.85 31.27 7.06
ZN ZN B . -7.92 -10.60 1.59
ZN ZN C . 3.84 2.71 2.60
N MET A 1 -10.00 -15.16 -11.49
CA MET A 1 -9.63 -14.60 -12.81
C MET A 1 -10.42 -13.33 -13.08
N ALA A 2 -9.85 -12.47 -13.90
CA ALA A 2 -10.56 -11.29 -14.39
C ALA A 2 -10.94 -10.39 -13.22
N GLN A 3 -11.70 -9.34 -13.53
CA GLN A 3 -12.34 -8.51 -12.51
C GLN A 3 -13.68 -9.11 -12.11
N LYS A 4 -14.06 -8.85 -10.86
CA LYS A 4 -15.20 -9.51 -10.25
C LYS A 4 -16.07 -8.50 -9.51
N VAL A 5 -17.34 -8.44 -9.90
CA VAL A 5 -18.35 -7.68 -9.16
C VAL A 5 -19.74 -8.17 -9.50
N GLY A 6 -20.41 -8.74 -8.50
CA GLY A 6 -21.75 -9.27 -8.66
C GLY A 6 -22.13 -10.16 -7.48
N GLY A 7 -22.68 -9.54 -6.46
CA GLY A 7 -23.28 -10.27 -5.34
C GLY A 7 -22.44 -10.09 -4.09
N SER A 8 -21.33 -10.82 -4.03
CA SER A 8 -20.32 -10.63 -3.01
C SER A 8 -19.03 -10.11 -3.63
N ASP A 9 -18.01 -9.97 -2.79
CA ASP A 9 -16.64 -9.75 -3.25
C ASP A 9 -15.83 -11.04 -3.14
N GLY A 10 -14.52 -10.91 -3.30
CA GLY A 10 -13.59 -11.97 -2.94
C GLY A 10 -12.15 -11.51 -3.12
N CYS A 11 -11.21 -12.35 -2.70
CA CYS A 11 -9.86 -11.89 -2.37
C CYS A 11 -8.84 -12.89 -2.96
N PRO A 12 -8.08 -12.40 -3.97
CA PRO A 12 -6.84 -13.06 -4.44
C PRO A 12 -5.81 -13.29 -3.34
N ARG A 13 -5.99 -12.57 -2.24
CA ARG A 13 -4.95 -12.46 -1.22
C ARG A 13 -5.08 -13.58 -0.20
N CYS A 14 -6.13 -13.48 0.61
CA CYS A 14 -6.36 -14.42 1.70
C CYS A 14 -7.16 -15.62 1.21
N GLY A 15 -7.94 -15.39 0.16
CA GLY A 15 -8.74 -16.45 -0.44
C GLY A 15 -10.11 -16.53 0.22
N GLN A 16 -10.70 -15.35 0.42
CA GLN A 16 -12.02 -15.25 1.04
C GLN A 16 -12.98 -14.49 0.13
N ALA A 17 -14.23 -14.92 0.13
CA ALA A 17 -15.32 -14.14 -0.46
C ALA A 17 -16.04 -13.33 0.62
N VAL A 18 -16.42 -12.12 0.25
CA VAL A 18 -16.80 -11.09 1.22
C VAL A 18 -18.31 -10.87 1.19
N TYR A 19 -18.90 -10.79 2.37
CA TYR A 19 -20.35 -10.87 2.52
C TYR A 19 -21.02 -9.71 1.78
N ALA A 20 -20.96 -8.53 2.39
CA ALA A 20 -21.32 -7.29 1.70
C ALA A 20 -20.19 -6.87 0.77
N ALA A 21 -19.20 -6.19 1.33
CA ALA A 21 -17.93 -5.97 0.65
C ALA A 21 -16.96 -5.23 1.58
N GLU A 22 -15.78 -5.83 1.74
CA GLU A 22 -14.64 -5.11 2.31
C GLU A 22 -13.54 -4.96 1.24
N LYS A 23 -13.95 -5.16 -0.02
CA LYS A 23 -13.02 -5.50 -1.07
C LYS A 23 -12.63 -4.23 -1.86
N VAL A 24 -11.63 -4.39 -2.73
CA VAL A 24 -10.71 -3.28 -3.04
C VAL A 24 -9.95 -3.59 -4.31
N ILE A 25 -9.45 -2.53 -4.98
CA ILE A 25 -8.92 -2.66 -6.33
C ILE A 25 -7.66 -1.81 -6.49
N GLY A 26 -6.56 -2.49 -6.78
CA GLY A 26 -5.38 -1.83 -7.37
C GLY A 26 -5.36 -2.06 -8.87
N ALA A 27 -4.45 -1.37 -9.54
CA ALA A 27 -4.48 -1.28 -10.99
C ALA A 27 -4.34 -2.66 -11.63
N GLY A 28 -3.94 -3.62 -10.80
CA GLY A 28 -3.58 -4.94 -11.30
C GLY A 28 -4.32 -6.04 -10.55
N LYS A 29 -4.84 -5.67 -9.38
CA LYS A 29 -5.26 -6.65 -8.38
C LYS A 29 -6.56 -6.20 -7.71
N SER A 30 -7.27 -7.16 -7.13
CA SER A 30 -8.33 -6.88 -6.19
C SER A 30 -8.05 -7.57 -4.85
N TRP A 31 -8.46 -6.90 -3.77
CA TRP A 31 -7.98 -7.21 -2.44
C TRP A 31 -9.09 -6.97 -1.41
N HIS A 32 -8.77 -7.28 -0.16
CA HIS A 32 -9.51 -6.78 0.99
C HIS A 32 -8.98 -5.39 1.39
N LYS A 33 -9.83 -4.65 2.09
CA LYS A 33 -9.41 -3.45 2.82
C LYS A 33 -8.35 -3.81 3.85
N SER A 34 -8.40 -5.06 4.33
CA SER A 34 -7.60 -5.47 5.45
C SER A 34 -6.60 -6.55 5.03
N CYS A 35 -6.38 -6.64 3.73
CA CYS A 35 -5.23 -7.36 3.19
C CYS A 35 -4.34 -6.43 2.37
N PHE A 36 -4.59 -5.13 2.54
CA PHE A 36 -4.06 -4.11 1.65
C PHE A 36 -2.73 -3.59 2.18
N ARG A 37 -1.65 -3.96 1.50
CA ARG A 37 -0.31 -3.81 2.04
C ARG A 37 0.59 -3.06 1.05
N CYS A 38 1.19 -1.99 1.56
CA CYS A 38 2.33 -1.35 0.92
C CYS A 38 3.47 -2.34 0.73
N ALA A 39 3.67 -2.73 -0.53
CA ALA A 39 4.71 -3.70 -0.87
C ALA A 39 6.09 -3.14 -0.54
N LYS A 40 6.16 -1.80 -0.51
CA LYS A 40 7.42 -1.11 -0.31
C LYS A 40 7.79 -1.11 1.18
N CYS A 41 7.12 -0.23 1.94
CA CYS A 41 7.61 0.13 3.26
C CYS A 41 7.26 -0.95 4.28
N GLY A 42 6.31 -1.79 3.90
CA GLY A 42 5.93 -2.94 4.72
C GLY A 42 4.80 -2.57 5.66
N LYS A 43 4.18 -1.42 5.39
CA LYS A 43 3.03 -0.97 6.15
C LYS A 43 1.74 -1.48 5.50
N SER A 44 1.11 -2.45 6.17
CA SER A 44 -0.26 -2.84 5.84
C SER A 44 -1.25 -1.79 6.32
N LEU A 45 -1.80 -1.06 5.35
CA LEU A 45 -2.72 0.03 5.64
C LEU A 45 -3.89 0.01 4.65
N GLU A 46 -4.73 1.04 4.74
CA GLU A 46 -6.08 1.00 4.19
C GLU A 46 -6.25 2.08 3.12
N SER A 47 -7.46 2.16 2.59
CA SER A 47 -7.73 2.95 1.39
C SER A 47 -7.41 4.42 1.66
N THR A 48 -7.88 4.91 2.81
CA THR A 48 -7.82 6.33 3.12
C THR A 48 -6.38 6.81 3.15
N THR A 49 -5.46 5.85 3.18
CA THR A 49 -4.04 6.15 3.31
C THR A 49 -3.20 5.16 2.51
N LEU A 50 -3.69 4.85 1.32
CA LEU A 50 -2.92 4.08 0.34
C LEU A 50 -3.09 4.67 -1.05
N ALA A 51 -2.50 3.99 -2.03
CA ALA A 51 -2.76 4.26 -3.43
C ALA A 51 -2.40 3.05 -4.29
N ASP A 52 -3.17 2.87 -5.37
CA ASP A 52 -2.82 1.91 -6.41
C ASP A 52 -1.96 2.57 -7.47
N LYS A 53 -1.01 1.80 -7.99
CA LYS A 53 0.04 2.34 -8.85
C LYS A 53 0.53 1.28 -9.83
N ASP A 54 0.03 1.37 -11.06
CA ASP A 54 0.62 0.65 -12.19
C ASP A 54 0.55 -0.86 -11.94
N GLY A 55 -0.43 -1.26 -11.14
CA GLY A 55 -0.75 -2.67 -10.97
C GLY A 55 -0.22 -3.17 -9.63
N GLU A 56 0.83 -2.52 -9.14
CA GLU A 56 1.30 -2.73 -7.78
C GLU A 56 0.90 -1.54 -6.91
N ILE A 57 1.14 -1.68 -5.61
CA ILE A 57 0.44 -0.88 -4.60
C ILE A 57 1.45 -0.27 -3.62
N TYR A 58 1.04 0.80 -2.96
CA TYR A 58 1.98 1.74 -2.33
C TYR A 58 1.18 2.85 -1.63
N CYS A 59 1.69 3.32 -0.49
CA CYS A 59 0.81 3.81 0.57
C CYS A 59 0.76 5.33 0.58
N LYS A 60 -0.32 5.86 1.16
CA LYS A 60 -0.41 7.28 1.44
C LYS A 60 0.46 7.61 2.67
N GLY A 61 0.85 6.55 3.37
CA GLY A 61 1.90 6.63 4.38
C GLY A 61 3.23 7.00 3.76
N CYS A 62 3.27 7.01 2.43
CA CYS A 62 4.55 7.05 1.70
C CYS A 62 4.62 8.33 0.87
N TYR A 63 3.52 8.59 0.17
CA TYR A 63 3.29 9.87 -0.46
C TYR A 63 3.26 10.99 0.58
N ALA A 64 3.23 10.57 1.85
CA ALA A 64 3.39 11.48 2.97
C ALA A 64 4.80 11.40 3.53
N LYS A 65 5.13 10.24 4.11
CA LYS A 65 6.24 10.16 5.07
C LYS A 65 7.55 10.59 4.44
N ASN A 66 7.67 10.33 3.13
CA ASN A 66 8.83 10.77 2.37
C ASN A 66 8.40 11.15 0.95
N PHE A 67 7.10 11.35 0.79
CA PHE A 67 6.50 11.56 -0.52
C PHE A 67 6.74 10.35 -1.41
N GLY A 68 7.19 9.27 -0.79
CA GLY A 68 7.60 8.08 -1.50
C GLY A 68 8.22 7.06 -0.51
N PRO A 69 9.26 6.34 -1.00
CA PRO A 69 9.82 5.16 -0.28
C PRO A 69 10.40 5.50 1.08
N LYS A 70 10.33 4.53 1.98
CA LYS A 70 11.07 4.58 3.24
C LYS A 70 10.66 5.80 4.05
N GLY A 71 9.90 5.55 5.11
CA GLY A 71 9.58 6.56 6.09
C GLY A 71 9.38 5.93 7.47
N PHE A 72 9.97 6.57 8.48
CA PHE A 72 10.03 5.99 9.82
C PHE A 72 10.47 7.05 10.83
N GLY A 73 11.40 7.89 10.40
CA GLY A 73 11.90 8.99 11.23
C GLY A 73 12.60 8.44 12.46
N PHE A 74 11.78 7.93 13.40
CA PHE A 74 12.30 7.43 14.67
C PHE A 74 11.66 6.09 15.00
N GLY A 75 10.33 6.11 15.08
CA GLY A 75 9.55 4.91 15.36
C GLY A 75 8.27 5.26 16.09
N GLN A 76 7.35 5.87 15.37
CA GLN A 76 5.98 6.08 15.86
C GLN A 76 5.03 5.09 15.19
N GLY A 77 4.45 4.22 16.01
CA GLY A 77 3.69 3.08 15.53
C GLY A 77 4.02 1.84 16.34
N ALA A 78 5.27 1.40 16.22
CA ALA A 78 5.80 0.36 17.10
C ALA A 78 5.03 -0.93 16.93
N GLY A 79 5.68 -1.91 16.31
CA GLY A 79 5.16 -3.28 16.27
C GLY A 79 5.61 -3.97 14.98
N ALA A 80 5.61 -5.30 15.04
CA ALA A 80 5.95 -6.12 13.88
C ALA A 80 7.39 -5.84 13.45
N LEU A 81 8.21 -5.44 14.41
CA LEU A 81 9.65 -5.39 14.24
C LEU A 81 10.36 -6.06 15.42
N ILE A 82 10.08 -7.34 15.60
CA ILE A 82 10.49 -8.07 16.79
C ILE A 82 12.00 -8.30 16.78
N HIS A 83 12.73 -7.28 17.25
CA HIS A 83 14.15 -7.42 17.51
C HIS A 83 14.49 -6.91 18.91
N SER A 84 14.75 -7.84 19.81
CA SER A 84 14.87 -7.53 21.24
C SER A 84 16.34 -7.38 21.62
N GLN A 85 16.58 -7.40 22.93
CA GLN A 85 17.89 -7.05 23.47
C GLN A 85 18.19 -5.57 23.23
ZN ZN B . -8.18 -10.77 1.96
ZN ZN C . 4.44 2.76 2.17
N MET A 1 -14.12 -15.02 -13.95
CA MET A 1 -13.92 -13.98 -12.94
C MET A 1 -14.59 -12.68 -13.39
N ALA A 2 -15.91 -12.64 -13.26
CA ALA A 2 -16.67 -11.41 -13.49
C ALA A 2 -17.45 -11.03 -12.24
N GLN A 3 -18.09 -9.86 -12.30
CA GLN A 3 -19.05 -9.46 -11.29
C GLN A 3 -20.23 -10.44 -11.25
N LYS A 4 -20.12 -11.43 -10.37
CA LYS A 4 -21.04 -12.55 -10.37
C LYS A 4 -22.46 -12.08 -10.10
N VAL A 5 -22.59 -11.16 -9.14
CA VAL A 5 -23.89 -10.76 -8.63
C VAL A 5 -23.97 -9.23 -8.54
N GLY A 6 -23.08 -8.57 -9.26
CA GLY A 6 -23.18 -7.13 -9.47
C GLY A 6 -23.11 -6.39 -8.14
N GLY A 7 -22.63 -7.10 -7.11
CA GLY A 7 -22.70 -6.62 -5.74
C GLY A 7 -21.86 -7.50 -4.82
N SER A 8 -20.73 -7.95 -5.35
CA SER A 8 -19.71 -8.61 -4.55
C SER A 8 -18.32 -8.32 -5.10
N ASP A 9 -17.32 -8.56 -4.27
CA ASP A 9 -15.93 -8.44 -4.70
C ASP A 9 -15.02 -9.28 -3.80
N GLY A 10 -14.09 -9.99 -4.43
CA GLY A 10 -13.40 -11.10 -3.78
C GLY A 10 -11.92 -10.81 -3.65
N CYS A 11 -11.22 -11.67 -2.92
CA CYS A 11 -9.87 -11.39 -2.46
C CYS A 11 -8.92 -12.51 -2.94
N PRO A 12 -8.18 -12.21 -4.03
CA PRO A 12 -7.03 -13.04 -4.46
C PRO A 12 -5.92 -13.17 -3.41
N ARG A 13 -6.00 -12.31 -2.41
CA ARG A 13 -4.89 -12.10 -1.48
C ARG A 13 -4.87 -13.22 -0.43
N CYS A 14 -5.94 -13.29 0.35
CA CYS A 14 -6.06 -14.28 1.40
C CYS A 14 -6.74 -15.53 0.89
N GLY A 15 -7.55 -15.36 -0.15
CA GLY A 15 -8.18 -16.48 -0.84
C GLY A 15 -9.63 -16.62 -0.41
N GLN A 16 -10.16 -15.54 0.15
CA GLN A 16 -11.59 -15.42 0.39
C GLN A 16 -12.24 -14.55 -0.67
N ALA A 17 -13.56 -14.51 -0.67
CA ALA A 17 -14.32 -13.53 -1.43
C ALA A 17 -15.37 -12.85 -0.53
N VAL A 18 -15.63 -11.59 -0.82
CA VAL A 18 -16.35 -10.72 0.10
C VAL A 18 -17.78 -10.49 -0.39
N TYR A 19 -18.70 -10.45 0.57
CA TYR A 19 -20.12 -10.34 0.24
C TYR A 19 -20.73 -9.14 0.95
N ALA A 20 -20.19 -8.85 2.14
CA ALA A 20 -20.53 -7.63 2.86
C ALA A 20 -19.51 -6.54 2.54
N ALA A 21 -18.78 -6.73 1.44
CA ALA A 21 -17.97 -5.67 0.85
C ALA A 21 -16.91 -5.21 1.84
N GLU A 22 -15.70 -5.73 1.67
CA GLU A 22 -14.51 -5.14 2.29
C GLU A 22 -13.46 -4.87 1.21
N LYS A 23 -13.93 -4.73 -0.02
CA LYS A 23 -13.08 -4.86 -1.19
C LYS A 23 -12.56 -3.49 -1.63
N VAL A 24 -11.24 -3.33 -1.58
CA VAL A 24 -10.57 -2.29 -2.37
C VAL A 24 -10.35 -2.78 -3.80
N ILE A 25 -9.68 -1.94 -4.58
CA ILE A 25 -9.19 -2.33 -5.90
C ILE A 25 -7.83 -1.69 -6.17
N GLY A 26 -6.94 -2.48 -6.74
CA GLY A 26 -5.69 -1.96 -7.30
C GLY A 26 -5.54 -2.40 -8.75
N ALA A 27 -4.31 -2.77 -9.11
CA ALA A 27 -3.95 -2.99 -10.50
C ALA A 27 -4.68 -4.22 -11.05
N GLY A 28 -5.92 -3.98 -11.47
CA GLY A 28 -6.81 -5.06 -11.84
C GLY A 28 -7.07 -5.98 -10.65
N LYS A 29 -6.80 -5.46 -9.46
CA LYS A 29 -6.82 -6.26 -8.24
C LYS A 29 -8.01 -5.89 -7.37
N SER A 30 -8.26 -6.72 -6.36
CA SER A 30 -9.16 -6.35 -5.27
C SER A 30 -8.73 -7.04 -3.98
N TRP A 31 -8.96 -6.35 -2.87
CA TRP A 31 -8.33 -6.70 -1.59
C TRP A 31 -9.32 -6.47 -0.45
N HIS A 32 -9.05 -7.14 0.67
CA HIS A 32 -9.62 -6.78 1.95
C HIS A 32 -8.86 -5.59 2.55
N LYS A 33 -9.56 -4.85 3.40
CA LYS A 33 -8.95 -3.77 4.16
C LYS A 33 -7.83 -4.31 5.05
N SER A 34 -7.93 -5.60 5.35
CA SER A 34 -6.98 -6.25 6.23
C SER A 34 -5.73 -6.69 5.46
N CYS A 35 -5.93 -6.98 4.18
CA CYS A 35 -4.92 -7.65 3.37
C CYS A 35 -4.10 -6.62 2.60
N PHE A 36 -4.20 -5.37 3.03
CA PHE A 36 -3.70 -4.24 2.24
C PHE A 36 -2.35 -3.78 2.76
N ARG A 37 -1.30 -4.18 2.06
CA ARG A 37 0.07 -4.04 2.56
C ARG A 37 0.92 -3.26 1.58
N CYS A 38 1.53 -2.19 2.08
CA CYS A 38 2.54 -1.46 1.33
C CYS A 38 3.78 -2.34 1.11
N ALA A 39 3.95 -2.71 -0.16
CA ALA A 39 5.16 -3.40 -0.61
C ALA A 39 6.39 -2.50 -0.42
N LYS A 40 6.12 -1.19 -0.40
CA LYS A 40 7.17 -0.19 -0.44
C LYS A 40 7.87 -0.11 0.93
N CYS A 41 7.18 0.50 1.88
CA CYS A 41 7.76 0.86 3.15
C CYS A 41 7.68 -0.30 4.14
N GLY A 42 6.89 -1.30 3.75
CA GLY A 42 6.73 -2.50 4.55
C GLY A 42 5.79 -2.24 5.72
N LYS A 43 5.03 -1.17 5.62
CA LYS A 43 3.90 -0.93 6.50
C LYS A 43 2.62 -1.49 5.89
N SER A 44 2.07 -2.51 6.53
CA SER A 44 0.73 -3.00 6.19
C SER A 44 -0.33 -2.16 6.90
N LEU A 45 -1.12 -1.44 6.10
CA LEU A 45 -2.05 -0.47 6.60
C LEU A 45 -3.46 -0.69 6.01
N GLU A 46 -4.31 0.29 6.29
CA GLU A 46 -5.72 0.21 6.00
C GLU A 46 -6.40 1.56 6.27
N SER A 47 -7.70 1.60 5.95
CA SER A 47 -8.55 2.72 6.33
C SER A 47 -8.13 3.98 5.59
N THR A 48 -6.90 4.41 5.85
CA THR A 48 -6.24 5.41 5.03
C THR A 48 -6.10 4.92 3.60
N THR A 49 -5.45 5.74 2.76
CA THR A 49 -5.52 5.57 1.32
C THR A 49 -4.37 4.71 0.83
N LEU A 50 -4.30 4.54 -0.49
CA LEU A 50 -3.37 3.60 -1.09
C LEU A 50 -2.93 4.08 -2.46
N ALA A 51 -2.30 3.18 -3.21
CA ALA A 51 -1.77 3.51 -4.53
C ALA A 51 -1.42 2.23 -5.29
N ASP A 52 -2.37 1.78 -6.10
CA ASP A 52 -2.18 0.59 -6.92
C ASP A 52 -1.10 0.84 -7.97
N LYS A 53 -0.59 -0.26 -8.51
CA LYS A 53 0.28 -0.20 -9.69
C LYS A 53 0.72 -1.61 -10.09
N ASP A 54 0.45 -1.95 -11.35
CA ASP A 54 0.97 -3.18 -11.94
C ASP A 54 0.31 -4.39 -11.32
N GLY A 55 0.96 -4.91 -10.28
CA GLY A 55 0.41 -6.04 -9.53
C GLY A 55 0.59 -5.82 -8.02
N GLU A 56 0.84 -4.57 -7.66
CA GLU A 56 1.25 -4.23 -6.30
C GLU A 56 0.81 -2.79 -5.97
N ILE A 57 1.27 -2.31 -4.83
CA ILE A 57 0.64 -1.16 -4.17
C ILE A 57 1.68 -0.37 -3.37
N TYR A 58 1.37 0.89 -3.11
CA TYR A 58 2.03 1.65 -2.06
C TYR A 58 1.01 2.56 -1.36
N CYS A 59 1.43 3.15 -0.24
CA CYS A 59 0.48 3.49 0.83
C CYS A 59 0.18 4.98 0.83
N LYS A 60 -0.84 5.37 1.59
CA LYS A 60 -1.08 6.78 1.88
C LYS A 60 -0.16 7.25 3.00
N GLY A 61 0.44 6.29 3.69
CA GLY A 61 1.55 6.53 4.59
C GLY A 61 2.76 7.06 3.83
N CYS A 62 2.67 7.01 2.50
CA CYS A 62 3.86 7.16 1.66
C CYS A 62 3.70 8.40 0.78
N TYR A 63 2.54 8.47 0.13
CA TYR A 63 2.04 9.70 -0.48
C TYR A 63 1.89 10.79 0.57
N ALA A 64 1.87 10.38 1.83
CA ALA A 64 1.98 11.31 2.95
C ALA A 64 3.45 11.65 3.21
N LYS A 65 4.23 10.60 3.47
CA LYS A 65 5.62 10.78 3.87
C LYS A 65 6.41 11.49 2.79
N ASN A 66 5.79 11.59 1.61
CA ASN A 66 6.34 12.35 0.50
C ASN A 66 5.23 12.86 -0.40
N PHE A 67 4.40 13.75 0.15
CA PHE A 67 3.33 14.37 -0.61
C PHE A 67 3.89 15.18 -1.78
N GLY A 68 3.74 14.60 -2.97
CA GLY A 68 4.16 15.28 -4.19
C GLY A 68 5.70 15.38 -4.24
N PRO A 69 6.31 14.36 -4.88
CA PRO A 69 7.80 14.22 -4.92
C PRO A 69 8.52 15.49 -5.33
N LYS A 70 9.26 16.06 -4.39
CA LYS A 70 10.14 17.18 -4.66
C LYS A 70 11.20 16.80 -5.68
N GLY A 71 10.97 17.23 -6.93
CA GLY A 71 11.92 17.00 -8.00
C GLY A 71 12.42 18.34 -8.55
N PHE A 72 13.48 18.25 -9.36
CA PHE A 72 14.21 19.44 -9.78
C PHE A 72 14.93 20.08 -8.59
N GLY A 73 16.24 19.88 -8.56
CA GLY A 73 17.04 20.24 -7.39
C GLY A 73 17.51 21.68 -7.49
N PHE A 74 18.29 22.10 -6.49
CA PHE A 74 19.00 23.37 -6.55
C PHE A 74 20.47 23.14 -6.89
N GLY A 75 20.79 23.33 -8.17
CA GLY A 75 22.18 23.37 -8.62
C GLY A 75 22.80 21.97 -8.54
N GLN A 76 23.23 21.61 -7.34
CA GLN A 76 23.79 20.29 -7.10
C GLN A 76 23.19 19.67 -5.85
N GLY A 77 22.48 18.56 -6.04
CA GLY A 77 22.01 17.73 -4.94
C GLY A 77 23.19 17.01 -4.28
N ALA A 78 22.86 15.94 -3.56
CA ALA A 78 23.87 15.19 -2.83
C ALA A 78 24.56 16.06 -1.79
N GLY A 79 25.54 16.83 -2.26
CA GLY A 79 26.43 17.56 -1.36
C GLY A 79 27.14 18.68 -2.13
N ALA A 80 28.20 19.19 -1.52
CA ALA A 80 28.85 20.41 -2.02
C ALA A 80 30.35 20.17 -2.16
N LEU A 81 30.94 19.61 -1.11
CA LEU A 81 32.39 19.52 -0.99
C LEU A 81 32.88 18.16 -1.50
N ILE A 82 32.00 17.49 -2.23
CA ILE A 82 32.31 16.17 -2.77
C ILE A 82 31.79 16.04 -4.20
N HIS A 83 32.71 15.70 -5.10
CA HIS A 83 32.38 15.49 -6.49
C HIS A 83 31.82 16.77 -7.12
N SER A 84 32.12 17.88 -6.47
CA SER A 84 31.88 19.20 -7.05
C SER A 84 33.18 19.99 -7.14
N GLN A 85 33.98 19.63 -8.15
CA GLN A 85 35.36 20.11 -8.24
C GLN A 85 35.78 20.22 -9.71
ZN ZN B . -8.16 -10.73 1.94
ZN ZN C . 4.25 2.90 2.29
N MET A 1 -30.83 -12.97 -6.54
CA MET A 1 -29.95 -13.44 -7.62
C MET A 1 -28.50 -13.10 -7.30
N ALA A 2 -28.23 -11.81 -7.17
CA ALA A 2 -26.87 -11.31 -7.04
C ALA A 2 -26.87 -9.81 -6.79
N GLN A 3 -27.76 -9.13 -7.50
CA GLN A 3 -27.74 -7.67 -7.55
C GLN A 3 -28.50 -7.09 -6.35
N LYS A 4 -28.80 -5.80 -6.44
CA LYS A 4 -29.31 -5.04 -5.30
C LYS A 4 -28.23 -4.95 -4.21
N VAL A 5 -28.26 -3.85 -3.49
CA VAL A 5 -27.17 -3.50 -2.57
C VAL A 5 -27.04 -4.57 -1.49
N GLY A 6 -25.81 -4.69 -0.97
CA GLY A 6 -25.47 -5.79 -0.09
C GLY A 6 -23.94 -5.91 0.04
N GLY A 7 -23.27 -5.74 -1.09
CA GLY A 7 -21.81 -5.85 -1.13
C GLY A 7 -21.41 -7.07 -1.92
N SER A 8 -20.85 -8.05 -1.22
CA SER A 8 -20.55 -9.35 -1.81
C SER A 8 -19.43 -9.24 -2.82
N ASP A 9 -18.24 -9.70 -2.42
CA ASP A 9 -17.06 -9.59 -3.26
C ASP A 9 -15.88 -10.31 -2.58
N GLY A 10 -14.97 -10.81 -3.42
CA GLY A 10 -14.00 -11.81 -2.99
C GLY A 10 -12.58 -11.33 -3.20
N CYS A 11 -11.62 -12.08 -2.67
CA CYS A 11 -10.26 -11.60 -2.50
C CYS A 11 -9.27 -12.59 -3.13
N PRO A 12 -8.68 -12.15 -4.27
CA PRO A 12 -7.56 -12.87 -4.93
C PRO A 12 -6.29 -12.91 -4.09
N ARG A 13 -6.25 -12.05 -3.07
CA ARG A 13 -5.10 -11.96 -2.19
C ARG A 13 -5.08 -13.12 -1.20
N CYS A 14 -5.94 -13.03 -0.20
CA CYS A 14 -5.86 -13.88 0.98
C CYS A 14 -6.60 -15.20 0.72
N GLY A 15 -7.42 -15.20 -0.31
CA GLY A 15 -8.06 -16.41 -0.79
C GLY A 15 -9.43 -16.60 -0.11
N GLN A 16 -9.97 -15.49 0.38
CA GLN A 16 -11.28 -15.49 0.99
C GLN A 16 -12.28 -14.78 0.08
N ALA A 17 -13.55 -15.11 0.25
CA ALA A 17 -14.65 -14.36 -0.35
C ALA A 17 -15.48 -13.69 0.76
N VAL A 18 -15.94 -12.48 0.46
CA VAL A 18 -16.45 -11.57 1.49
C VAL A 18 -17.98 -11.51 1.42
N TYR A 19 -18.59 -11.56 2.60
CA TYR A 19 -20.01 -11.27 2.73
C TYR A 19 -20.20 -9.93 3.43
N ALA A 20 -20.89 -9.02 2.75
CA ALA A 20 -20.80 -7.60 3.06
C ALA A 20 -19.37 -7.10 2.87
N ALA A 21 -19.13 -6.51 1.71
CA ALA A 21 -17.78 -6.36 1.19
C ALA A 21 -16.90 -5.56 2.16
N GLU A 22 -15.79 -6.17 2.55
CA GLU A 22 -14.73 -5.42 3.23
C GLU A 22 -13.62 -5.08 2.21
N LYS A 23 -13.99 -5.19 0.93
CA LYS A 23 -13.01 -5.32 -0.14
C LYS A 23 -12.83 -3.96 -0.83
N VAL A 24 -11.97 -3.95 -1.86
CA VAL A 24 -11.15 -2.76 -2.16
C VAL A 24 -10.57 -2.87 -3.55
N ILE A 25 -9.82 -1.85 -3.96
CA ILE A 25 -9.32 -1.75 -5.32
C ILE A 25 -7.89 -1.22 -5.33
N GLY A 26 -7.10 -1.78 -6.24
CA GLY A 26 -5.78 -1.23 -6.56
C GLY A 26 -5.37 -1.60 -7.98
N ALA A 27 -5.22 -0.58 -8.81
CA ALA A 27 -4.77 -0.77 -10.19
C ALA A 27 -5.79 -1.61 -10.96
N GLY A 28 -5.68 -2.93 -10.78
CA GLY A 28 -6.55 -3.87 -11.47
C GLY A 28 -7.13 -4.88 -10.48
N LYS A 29 -6.47 -4.99 -9.33
CA LYS A 29 -6.74 -6.07 -8.38
C LYS A 29 -7.85 -5.66 -7.42
N SER A 30 -8.61 -6.66 -6.97
CA SER A 30 -9.51 -6.49 -5.84
C SER A 30 -8.94 -7.19 -4.60
N TRP A 31 -9.17 -6.58 -3.45
CA TRP A 31 -8.51 -6.97 -2.22
C TRP A 31 -9.48 -6.82 -1.03
N HIS A 32 -8.93 -6.96 0.17
CA HIS A 32 -9.58 -6.51 1.39
C HIS A 32 -8.94 -5.19 1.86
N LYS A 33 -9.67 -4.48 2.71
CA LYS A 33 -9.06 -3.54 3.65
C LYS A 33 -8.14 -4.29 4.61
N SER A 34 -6.92 -3.78 4.73
CA SER A 34 -5.89 -4.41 5.53
C SER A 34 -5.42 -5.72 4.89
N CYS A 35 -5.79 -5.92 3.63
CA CYS A 35 -5.05 -6.80 2.73
C CYS A 35 -4.15 -5.96 1.82
N PHE A 36 -4.53 -4.68 1.70
CA PHE A 36 -3.73 -3.72 0.97
C PHE A 36 -2.36 -3.56 1.61
N ARG A 37 -1.35 -4.16 0.97
CA ARG A 37 -0.04 -4.35 1.58
C ARG A 37 1.00 -3.50 0.86
N CYS A 38 1.33 -2.36 1.45
CA CYS A 38 2.53 -1.62 1.07
C CYS A 38 3.77 -2.47 1.34
N ALA A 39 4.47 -2.80 0.26
CA ALA A 39 5.80 -3.39 0.33
C ALA A 39 6.87 -2.32 0.16
N LYS A 40 6.63 -1.18 0.83
CA LYS A 40 7.54 -0.04 0.72
C LYS A 40 7.90 0.48 2.10
N CYS A 41 6.88 0.74 2.91
CA CYS A 41 7.07 0.86 4.36
C CYS A 41 6.83 -0.49 5.03
N GLY A 42 6.25 -1.40 4.25
CA GLY A 42 6.18 -2.81 4.62
C GLY A 42 4.92 -3.08 5.46
N LYS A 43 3.98 -2.16 5.38
CA LYS A 43 2.89 -2.09 6.36
C LYS A 43 1.57 -2.52 5.72
N SER A 44 0.71 -3.11 6.53
CA SER A 44 -0.72 -3.18 6.22
C SER A 44 -1.34 -1.78 6.34
N LEU A 45 -2.22 -1.46 5.39
CA LEU A 45 -2.53 -0.09 5.05
C LEU A 45 -3.89 0.33 5.64
N GLU A 46 -4.40 1.44 5.10
CA GLU A 46 -5.77 1.86 5.36
C GLU A 46 -6.65 1.57 4.14
N SER A 47 -7.81 2.22 4.11
CA SER A 47 -8.85 1.89 3.16
C SER A 47 -8.74 2.76 1.91
N THR A 48 -8.34 4.01 2.13
CA THR A 48 -8.42 5.04 1.09
C THR A 48 -7.17 5.90 1.12
N THR A 49 -6.03 5.27 1.38
CA THR A 49 -4.74 5.91 1.25
C THR A 49 -3.71 4.93 0.70
N LEU A 50 -3.70 4.81 -0.62
CA LEU A 50 -2.90 3.78 -1.29
C LEU A 50 -2.53 4.23 -2.70
N ALA A 51 -1.57 3.54 -3.29
CA ALA A 51 -1.06 3.88 -4.60
C ALA A 51 -0.64 2.62 -5.36
N ASP A 52 -1.35 2.36 -6.46
CA ASP A 52 -1.10 1.18 -7.27
C ASP A 52 -0.14 1.49 -8.40
N LYS A 53 0.46 0.46 -8.96
CA LYS A 53 1.49 0.61 -9.97
C LYS A 53 2.02 -0.76 -10.40
N ASP A 54 1.79 -1.09 -11.67
CA ASP A 54 2.42 -2.24 -12.30
C ASP A 54 2.02 -3.53 -11.59
N GLY A 55 0.97 -3.42 -10.77
CA GLY A 55 0.39 -4.59 -10.12
C GLY A 55 0.90 -4.72 -8.69
N GLU A 56 2.01 -4.03 -8.42
CA GLU A 56 2.46 -3.82 -7.05
C GLU A 56 2.16 -2.38 -6.62
N ILE A 57 2.37 -2.11 -5.33
CA ILE A 57 1.73 -0.98 -4.68
C ILE A 57 2.62 -0.43 -3.57
N TYR A 58 2.70 0.89 -3.48
CA TYR A 58 3.07 1.57 -2.23
C TYR A 58 2.00 2.60 -1.88
N CYS A 59 2.11 3.20 -0.69
CA CYS A 59 0.91 3.63 0.04
C CYS A 59 0.79 5.14 0.06
N LYS A 60 -0.47 5.62 0.05
CA LYS A 60 -0.73 7.03 0.32
C LYS A 60 -0.45 7.33 1.80
N GLY A 61 -0.24 6.25 2.55
CA GLY A 61 0.39 6.30 3.86
C GLY A 61 1.84 6.69 3.77
N CYS A 62 2.33 6.86 2.54
CA CYS A 62 3.77 6.97 2.30
C CYS A 62 4.05 8.31 1.60
N TYR A 63 3.29 8.53 0.53
CA TYR A 63 3.18 9.84 -0.08
C TYR A 63 2.63 10.86 0.92
N ALA A 64 2.12 10.33 2.03
CA ALA A 64 1.77 11.13 3.19
C ALA A 64 2.93 11.17 4.18
N LYS A 65 3.22 10.01 4.76
CA LYS A 65 4.07 9.92 5.93
C LYS A 65 5.46 10.48 5.63
N ASN A 66 5.82 10.42 4.35
CA ASN A 66 7.12 10.91 3.91
C ASN A 66 6.95 11.99 2.85
N PHE A 67 5.74 12.54 2.79
CA PHE A 67 5.49 13.75 2.01
C PHE A 67 5.81 13.53 0.54
N GLY A 68 5.86 12.26 0.16
CA GLY A 68 6.00 11.88 -1.23
C GLY A 68 7.40 11.27 -1.47
N PRO A 69 8.42 12.15 -1.46
CA PRO A 69 9.80 11.78 -1.84
C PRO A 69 10.35 10.59 -1.07
N LYS A 70 11.52 10.12 -1.49
CA LYS A 70 12.07 8.86 -1.01
C LYS A 70 13.04 9.11 0.14
N GLY A 71 14.02 9.97 -0.11
CA GLY A 71 15.14 10.15 0.79
C GLY A 71 16.47 9.93 0.07
N PHE A 72 17.55 10.27 0.75
CA PHE A 72 18.89 9.93 0.29
C PHE A 72 19.53 8.93 1.24
N GLY A 73 20.59 8.28 0.76
CA GLY A 73 21.44 7.44 1.60
C GLY A 73 22.85 8.02 1.66
N PHE A 74 23.80 7.26 1.12
CA PHE A 74 25.15 7.75 0.89
C PHE A 74 25.26 8.39 -0.49
N GLY A 75 24.25 8.14 -1.31
CA GLY A 75 24.21 8.67 -2.66
C GLY A 75 23.28 7.82 -3.54
N GLN A 76 23.83 7.36 -4.65
CA GLN A 76 23.15 6.38 -5.49
C GLN A 76 23.72 4.98 -5.23
N GLY A 77 23.03 4.25 -4.37
CA GLY A 77 23.54 2.98 -3.85
C GLY A 77 23.30 1.86 -4.85
N ALA A 78 22.57 0.84 -4.40
CA ALA A 78 22.42 -0.39 -5.15
C ALA A 78 23.78 -1.07 -5.32
N GLY A 79 24.67 -0.81 -4.37
CA GLY A 79 25.93 -1.55 -4.27
C GLY A 79 26.86 -1.16 -5.43
N ALA A 80 28.08 -0.81 -5.07
CA ALA A 80 29.15 -0.62 -6.05
C ALA A 80 30.48 -0.36 -5.35
N LEU A 81 30.68 -1.07 -4.25
CA LEU A 81 31.89 -0.91 -3.45
C LEU A 81 32.75 -2.17 -3.53
N ILE A 82 33.88 -2.14 -2.80
CA ILE A 82 34.69 -3.32 -2.61
C ILE A 82 35.68 -3.10 -1.46
N HIS A 83 35.14 -3.01 -0.25
CA HIS A 83 35.95 -2.85 0.94
C HIS A 83 35.46 -3.76 2.06
N SER A 84 34.21 -3.54 2.47
CA SER A 84 33.52 -4.45 3.36
C SER A 84 32.05 -4.61 2.93
N GLN A 85 31.26 -5.15 3.85
CA GLN A 85 29.81 -5.17 3.68
C GLN A 85 29.26 -3.75 3.59
ZN ZN B . -8.01 -10.35 1.52
ZN ZN C . 3.90 2.69 2.62
N MET A 1 -19.94 11.92 -15.46
CA MET A 1 -20.85 10.78 -15.66
C MET A 1 -20.35 9.57 -14.91
N ALA A 2 -21.11 9.16 -13.90
CA ALA A 2 -20.67 8.11 -12.98
C ALA A 2 -21.66 6.95 -12.99
N GLN A 3 -21.21 5.81 -13.49
CA GLN A 3 -22.08 4.68 -13.77
C GLN A 3 -21.81 3.55 -12.80
N LYS A 4 -21.09 3.87 -11.73
CA LYS A 4 -20.81 2.91 -10.68
C LYS A 4 -19.97 1.75 -11.21
N VAL A 5 -18.68 1.81 -10.94
CA VAL A 5 -17.79 0.68 -11.17
C VAL A 5 -16.81 0.52 -10.00
N GLY A 6 -16.62 -0.73 -9.59
CA GLY A 6 -15.63 -1.06 -8.58
C GLY A 6 -16.31 -1.31 -7.23
N GLY A 7 -15.49 -1.62 -6.23
CA GLY A 7 -15.99 -2.09 -4.95
C GLY A 7 -16.40 -3.56 -5.05
N SER A 8 -16.72 -4.14 -3.89
CA SER A 8 -17.15 -5.52 -3.82
C SER A 8 -16.02 -6.45 -4.29
N ASP A 9 -16.40 -7.70 -4.55
CA ASP A 9 -15.53 -8.66 -5.18
C ASP A 9 -14.51 -9.20 -4.17
N GLY A 10 -13.79 -10.24 -4.57
CA GLY A 10 -13.23 -11.20 -3.62
C GLY A 10 -11.71 -11.06 -3.55
N CYS A 11 -11.09 -11.93 -2.74
CA CYS A 11 -9.73 -11.70 -2.26
C CYS A 11 -8.85 -12.92 -2.61
N PRO A 12 -8.08 -12.78 -3.69
CA PRO A 12 -6.94 -13.69 -4.00
C PRO A 12 -5.86 -13.69 -2.92
N ARG A 13 -5.94 -12.70 -2.03
CA ARG A 13 -4.83 -12.38 -1.14
C ARG A 13 -4.82 -13.36 0.05
N CYS A 14 -5.92 -13.36 0.79
CA CYS A 14 -6.06 -14.26 1.93
C CYS A 14 -6.77 -15.55 1.50
N GLY A 15 -7.77 -15.38 0.63
CA GLY A 15 -8.58 -16.49 0.18
C GLY A 15 -10.03 -16.05 -0.01
N GLN A 16 -10.54 -15.33 0.97
CA GLN A 16 -11.96 -15.05 1.08
C GLN A 16 -12.45 -14.25 -0.12
N ALA A 17 -13.69 -13.79 -0.05
CA ALA A 17 -14.19 -12.77 -0.96
C ALA A 17 -15.27 -11.94 -0.29
N VAL A 18 -15.37 -10.67 -0.68
CA VAL A 18 -16.15 -9.70 0.08
C VAL A 18 -17.22 -9.08 -0.80
N TYR A 19 -18.37 -8.83 -0.20
CA TYR A 19 -19.51 -8.27 -0.91
C TYR A 19 -20.01 -7.00 -0.23
N ALA A 20 -19.19 -6.50 0.69
CA ALA A 20 -19.49 -5.25 1.37
C ALA A 20 -18.33 -4.84 2.28
N ALA A 21 -17.73 -5.84 2.93
CA ALA A 21 -16.95 -5.59 4.14
C ALA A 21 -15.78 -4.66 3.85
N GLU A 22 -14.71 -5.22 3.25
CA GLU A 22 -13.39 -4.62 3.34
C GLU A 22 -12.70 -4.64 1.98
N LYS A 23 -13.48 -4.95 0.94
CA LYS A 23 -12.92 -5.31 -0.34
C LYS A 23 -12.49 -4.06 -1.11
N VAL A 24 -11.53 -4.26 -2.02
CA VAL A 24 -10.60 -3.19 -2.38
C VAL A 24 -10.07 -3.41 -3.79
N ILE A 25 -9.28 -2.45 -4.27
CA ILE A 25 -8.71 -2.53 -5.61
C ILE A 25 -7.35 -1.84 -5.65
N GLY A 26 -6.44 -2.44 -6.40
CA GLY A 26 -5.20 -1.76 -6.81
C GLY A 26 -4.76 -2.24 -8.18
N ALA A 27 -4.92 -1.36 -9.17
CA ALA A 27 -4.60 -1.69 -10.56
C ALA A 27 -5.47 -2.84 -11.04
N GLY A 28 -5.05 -4.05 -10.71
CA GLY A 28 -5.63 -5.26 -11.30
C GLY A 28 -5.82 -6.32 -10.23
N LYS A 29 -5.87 -5.88 -8.98
CA LYS A 29 -5.99 -6.79 -7.84
C LYS A 29 -7.24 -6.46 -7.02
N SER A 30 -7.74 -7.46 -6.32
CA SER A 30 -8.77 -7.26 -5.31
C SER A 30 -8.27 -7.74 -3.95
N TRP A 31 -8.59 -6.95 -2.92
CA TRP A 31 -8.02 -7.15 -1.59
C TRP A 31 -9.07 -6.80 -0.53
N HIS A 32 -8.84 -7.31 0.68
CA HIS A 32 -9.44 -6.73 1.89
C HIS A 32 -8.61 -5.51 2.32
N LYS A 33 -9.23 -4.67 3.15
CA LYS A 33 -8.50 -3.80 4.07
C LYS A 33 -7.93 -4.63 5.22
N SER A 34 -6.67 -4.38 5.53
CA SER A 34 -5.84 -5.31 6.28
C SER A 34 -5.47 -6.54 5.45
N CYS A 35 -5.76 -6.48 4.16
CA CYS A 35 -5.04 -7.27 3.16
C CYS A 35 -4.26 -6.34 2.24
N PHE A 36 -4.81 -5.14 2.08
CA PHE A 36 -4.16 -4.08 1.33
C PHE A 36 -2.81 -3.73 1.95
N ARG A 37 -1.75 -4.09 1.23
CA ARG A 37 -0.39 -4.04 1.78
C ARG A 37 0.50 -3.19 0.87
N CYS A 38 1.13 -2.18 1.48
CA CYS A 38 2.22 -1.46 0.85
C CYS A 38 3.40 -2.39 0.56
N ALA A 39 3.63 -2.59 -0.74
CA ALA A 39 4.80 -3.31 -1.21
C ALA A 39 5.95 -2.34 -1.49
N LYS A 40 5.84 -1.15 -0.92
CA LYS A 40 7.00 -0.27 -0.75
C LYS A 40 7.59 -0.43 0.64
N CYS A 41 6.92 0.16 1.63
CA CYS A 41 7.51 0.34 2.95
C CYS A 41 7.34 -0.90 3.80
N GLY A 42 6.34 -1.70 3.45
CA GLY A 42 6.12 -2.99 4.08
C GLY A 42 5.07 -2.88 5.18
N LYS A 43 4.12 -1.98 4.95
CA LYS A 43 3.02 -1.77 5.88
C LYS A 43 1.71 -2.27 5.28
N SER A 44 1.08 -3.19 5.99
CA SER A 44 -0.32 -3.56 5.73
C SER A 44 -1.26 -2.51 6.34
N LEU A 45 -1.93 -1.78 5.47
CA LEU A 45 -2.79 -0.68 5.88
C LEU A 45 -3.96 -0.51 4.92
N GLU A 46 -4.66 0.61 5.08
CA GLU A 46 -5.55 1.11 4.03
C GLU A 46 -6.03 2.51 4.39
N SER A 47 -7.06 2.56 5.23
CA SER A 47 -7.51 3.80 5.85
C SER A 47 -8.11 4.74 4.81
N THR A 48 -7.26 5.24 3.92
CA THR A 48 -7.61 6.33 3.03
C THR A 48 -6.90 6.19 1.70
N THR A 49 -5.69 6.73 1.62
CA THR A 49 -5.01 6.92 0.35
C THR A 49 -4.23 5.67 -0.04
N LEU A 50 -4.62 5.08 -1.16
CA LEU A 50 -3.88 3.96 -1.73
C LEU A 50 -3.51 4.27 -3.18
N ALA A 51 -2.44 3.63 -3.64
CA ALA A 51 -1.77 4.03 -4.86
C ALA A 51 -1.27 2.80 -5.63
N ASP A 52 -2.07 2.40 -6.62
CA ASP A 52 -1.77 1.20 -7.40
C ASP A 52 -0.88 1.55 -8.59
N LYS A 53 -0.11 0.57 -9.03
CA LYS A 53 0.60 0.65 -10.30
C LYS A 53 1.43 -0.60 -10.52
N ASP A 54 1.38 -1.11 -11.75
CA ASP A 54 2.26 -2.19 -12.18
C ASP A 54 1.99 -3.45 -11.36
N GLY A 55 0.72 -3.64 -11.03
CA GLY A 55 0.29 -4.84 -10.33
C GLY A 55 0.24 -4.62 -8.83
N GLU A 56 0.94 -3.57 -8.39
CA GLU A 56 1.22 -3.38 -6.97
C GLU A 56 0.81 -1.97 -6.55
N ILE A 57 1.19 -1.61 -5.33
CA ILE A 57 0.52 -0.53 -4.59
C ILE A 57 1.51 0.16 -3.66
N TYR A 58 1.18 1.39 -3.29
CA TYR A 58 1.84 2.03 -2.14
C TYR A 58 0.82 2.80 -1.30
N CYS A 59 1.27 3.32 -0.16
CA CYS A 59 0.36 3.57 0.96
C CYS A 59 0.11 5.06 1.13
N LYS A 60 -1.02 5.38 1.78
CA LYS A 60 -1.25 6.70 2.31
C LYS A 60 -0.18 7.07 3.35
N GLY A 61 0.37 6.01 3.96
CA GLY A 61 1.44 6.17 4.93
C GLY A 61 2.71 6.68 4.27
N CYS A 62 2.67 6.80 2.94
CA CYS A 62 3.91 6.99 2.16
C CYS A 62 3.83 8.33 1.43
N TYR A 63 2.67 8.57 0.82
CA TYR A 63 2.28 9.91 0.39
C TYR A 63 2.21 10.86 1.58
N ALA A 64 2.12 10.26 2.77
CA ALA A 64 2.01 11.03 4.00
C ALA A 64 3.39 11.23 4.63
N LYS A 65 4.15 10.13 4.67
CA LYS A 65 5.51 10.16 5.20
C LYS A 65 6.38 11.10 4.37
N ASN A 66 6.03 11.22 3.10
CA ASN A 66 6.75 12.09 2.17
C ASN A 66 5.96 13.38 1.94
N PHE A 67 5.24 13.80 2.96
CA PHE A 67 4.61 15.11 2.97
C PHE A 67 4.13 15.46 4.38
N GLY A 68 4.74 16.50 4.95
CA GLY A 68 4.38 16.97 6.27
C GLY A 68 5.66 17.34 7.06
N PRO A 69 6.58 16.36 7.14
CA PRO A 69 7.79 16.46 7.99
C PRO A 69 8.60 17.74 7.74
N LYS A 70 9.28 18.18 8.79
CA LYS A 70 9.91 19.50 8.79
C LYS A 70 11.03 19.56 7.76
N GLY A 71 11.61 20.74 7.62
CA GLY A 71 12.55 21.02 6.54
C GLY A 71 13.82 20.19 6.70
N PHE A 72 14.50 19.99 5.58
CA PHE A 72 15.69 19.13 5.56
C PHE A 72 16.77 19.71 6.47
N GLY A 73 17.91 19.02 6.51
CA GLY A 73 19.10 19.53 7.17
C GLY A 73 20.02 20.18 6.14
N PHE A 74 20.86 19.34 5.53
CA PHE A 74 21.82 19.82 4.55
C PHE A 74 22.27 18.68 3.65
N GLY A 75 21.57 18.53 2.53
CA GLY A 75 21.73 17.37 1.67
C GLY A 75 22.65 17.69 0.49
N GLN A 76 23.75 18.35 0.81
CA GLN A 76 24.84 18.54 -0.14
C GLN A 76 25.97 19.35 0.49
N GLY A 77 26.93 18.63 1.05
CA GLY A 77 28.17 19.23 1.51
C GLY A 77 27.94 20.03 2.79
N ALA A 78 28.00 21.35 2.65
CA ALA A 78 28.01 22.25 3.80
C ALA A 78 26.63 22.88 3.99
N GLY A 79 26.26 23.06 5.26
CA GLY A 79 25.08 23.83 5.61
C GLY A 79 25.49 25.14 6.28
N ALA A 80 25.26 25.21 7.59
CA ALA A 80 25.79 26.28 8.42
C ALA A 80 27.27 26.05 8.71
N LEU A 81 28.11 26.51 7.79
CA LEU A 81 29.55 26.30 7.89
C LEU A 81 30.26 27.61 8.23
N ILE A 82 31.48 27.48 8.73
CA ILE A 82 32.37 28.63 8.90
C ILE A 82 33.20 28.85 7.64
N HIS A 83 33.20 30.08 7.17
CA HIS A 83 33.77 30.42 5.87
C HIS A 83 35.26 30.08 5.84
N SER A 84 35.98 30.59 6.83
CA SER A 84 37.43 30.55 6.83
C SER A 84 37.92 29.22 7.40
N GLN A 85 39.24 29.05 7.43
CA GLN A 85 39.86 27.78 7.73
C GLN A 85 39.55 26.76 6.63
ZN ZN B . -8.19 -10.70 2.13
ZN ZN C . 4.13 2.68 2.32
N MET A 1 -9.02 -22.33 -5.03
CA MET A 1 -9.22 -21.08 -4.27
C MET A 1 -10.48 -20.39 -4.76
N ALA A 2 -10.77 -20.56 -6.04
CA ALA A 2 -11.86 -19.82 -6.68
C ALA A 2 -12.04 -20.30 -8.13
N GLN A 3 -13.29 -20.36 -8.55
CA GLN A 3 -13.62 -20.57 -9.95
C GLN A 3 -13.17 -19.38 -10.80
N LYS A 4 -12.95 -18.27 -10.12
CA LYS A 4 -12.54 -17.03 -10.78
C LYS A 4 -13.62 -16.55 -11.74
N VAL A 5 -13.78 -15.24 -11.80
CA VAL A 5 -14.91 -14.62 -12.49
C VAL A 5 -16.23 -15.05 -11.85
N GLY A 6 -16.21 -15.17 -10.52
CA GLY A 6 -17.30 -15.77 -9.78
C GLY A 6 -18.40 -14.73 -9.52
N GLY A 7 -18.05 -13.72 -8.74
CA GLY A 7 -19.03 -12.78 -8.22
C GLY A 7 -18.34 -11.47 -7.81
N SER A 8 -18.15 -11.32 -6.51
CA SER A 8 -17.73 -10.05 -5.92
C SER A 8 -16.32 -9.69 -6.41
N ASP A 9 -15.70 -8.76 -5.69
CA ASP A 9 -14.27 -8.50 -5.86
C ASP A 9 -13.50 -9.07 -4.67
N GLY A 10 -12.78 -10.16 -4.92
CA GLY A 10 -12.31 -11.03 -3.86
C GLY A 10 -10.78 -11.00 -3.79
N CYS A 11 -10.21 -11.94 -3.04
CA CYS A 11 -8.93 -11.70 -2.34
C CYS A 11 -8.10 -12.99 -2.38
N PRO A 12 -7.05 -12.98 -3.24
CA PRO A 12 -5.96 -13.97 -3.19
C PRO A 12 -5.22 -14.00 -1.84
N ARG A 13 -5.44 -12.97 -1.05
CA ARG A 13 -4.61 -12.71 0.12
C ARG A 13 -5.09 -13.56 1.30
N CYS A 14 -6.31 -13.27 1.74
CA CYS A 14 -6.89 -13.96 2.89
C CYS A 14 -7.65 -15.20 2.46
N GLY A 15 -8.16 -15.15 1.22
CA GLY A 15 -8.89 -16.26 0.64
C GLY A 15 -10.38 -16.10 0.87
N GLN A 16 -10.79 -14.87 1.17
CA GLN A 16 -12.20 -14.49 1.15
C GLN A 16 -12.55 -13.84 -0.19
N ALA A 17 -13.74 -13.26 -0.25
CA ALA A 17 -14.09 -12.32 -1.31
C ALA A 17 -15.34 -11.53 -0.93
N VAL A 18 -15.39 -10.29 -1.39
CA VAL A 18 -16.20 -9.25 -0.74
C VAL A 18 -16.76 -8.28 -1.77
N TYR A 19 -18.01 -7.88 -1.55
CA TYR A 19 -18.60 -6.78 -2.30
C TYR A 19 -18.94 -5.62 -1.36
N ALA A 20 -18.99 -5.91 -0.07
CA ALA A 20 -19.65 -5.04 0.89
C ALA A 20 -19.05 -5.24 2.29
N ALA A 21 -17.74 -5.41 2.33
CA ALA A 21 -16.97 -5.23 3.56
C ALA A 21 -15.69 -4.46 3.28
N GLU A 22 -14.70 -5.17 2.76
CA GLU A 22 -13.32 -4.66 2.75
C GLU A 22 -12.73 -4.69 1.35
N LYS A 23 -13.57 -5.04 0.37
CA LYS A 23 -13.09 -5.19 -1.00
C LYS A 23 -12.57 -3.86 -1.54
N VAL A 24 -11.32 -3.88 -2.01
CA VAL A 24 -10.82 -2.86 -2.90
C VAL A 24 -10.62 -3.43 -4.30
N ILE A 25 -10.16 -2.58 -5.21
CA ILE A 25 -9.61 -3.01 -6.49
C ILE A 25 -8.51 -2.05 -6.95
N GLY A 26 -7.50 -2.62 -7.59
CA GLY A 26 -6.28 -1.89 -7.91
C GLY A 26 -5.54 -2.56 -9.05
N ALA A 27 -5.58 -1.92 -10.22
CA ALA A 27 -4.73 -2.31 -11.34
C ALA A 27 -5.03 -3.75 -11.77
N GLY A 28 -6.29 -4.13 -11.57
CA GLY A 28 -6.72 -5.48 -11.89
C GLY A 28 -7.03 -6.27 -10.62
N LYS A 29 -6.22 -6.02 -9.59
CA LYS A 29 -6.26 -6.82 -8.37
C LYS A 29 -7.51 -6.51 -7.56
N SER A 30 -7.85 -7.42 -6.67
CA SER A 30 -8.86 -7.16 -5.65
C SER A 30 -8.37 -7.61 -4.28
N TRP A 31 -8.57 -6.74 -3.29
CA TRP A 31 -7.97 -6.89 -1.98
C TRP A 31 -9.05 -6.67 -0.89
N HIS A 32 -8.62 -6.81 0.35
CA HIS A 32 -9.29 -6.18 1.49
C HIS A 32 -8.35 -5.20 2.19
N LYS A 33 -8.94 -4.29 2.95
CA LYS A 33 -8.19 -3.21 3.55
C LYS A 33 -7.11 -3.75 4.50
N SER A 34 -7.53 -4.71 5.32
CA SER A 34 -6.62 -5.37 6.24
C SER A 34 -5.52 -6.09 5.46
N CYS A 35 -5.89 -6.62 4.31
CA CYS A 35 -4.94 -7.28 3.42
C CYS A 35 -4.12 -6.26 2.66
N PHE A 36 -4.61 -5.02 2.65
CA PHE A 36 -4.07 -3.99 1.77
C PHE A 36 -2.65 -3.63 2.19
N ARG A 37 -1.68 -4.10 1.41
CA ARG A 37 -0.28 -4.09 1.82
C ARG A 37 0.54 -3.21 0.88
N CYS A 38 1.17 -2.20 1.47
CA CYS A 38 2.18 -1.40 0.80
C CYS A 38 3.33 -2.29 0.31
N ALA A 39 3.48 -2.28 -1.03
CA ALA A 39 4.61 -2.94 -1.66
C ALA A 39 5.74 -1.95 -1.92
N LYS A 40 5.82 -0.94 -1.07
CA LYS A 40 7.05 -0.17 -0.90
C LYS A 40 7.60 -0.38 0.52
N CYS A 41 6.95 0.24 1.49
CA CYS A 41 7.50 0.32 2.84
C CYS A 41 7.29 -0.98 3.59
N GLY A 42 6.53 -1.88 2.96
CA GLY A 42 6.27 -3.19 3.51
C GLY A 42 5.43 -3.08 4.78
N LYS A 43 4.79 -1.93 4.95
CA LYS A 43 3.74 -1.78 5.96
C LYS A 43 2.40 -2.23 5.38
N SER A 44 1.91 -3.35 5.91
CA SER A 44 0.56 -3.80 5.59
C SER A 44 -0.47 -3.03 6.42
N LEU A 45 -1.12 -2.07 5.76
CA LEU A 45 -2.04 -1.18 6.41
C LEU A 45 -3.47 -1.37 5.83
N GLU A 46 -4.31 -0.42 6.22
CA GLU A 46 -5.76 -0.58 6.14
C GLU A 46 -6.46 0.74 6.46
N SER A 47 -7.69 0.87 5.97
CA SER A 47 -8.59 1.92 6.42
C SER A 47 -7.99 3.29 6.13
N THR A 48 -6.91 3.28 5.34
CA THR A 48 -6.25 4.51 4.95
C THR A 48 -5.84 4.45 3.48
N THR A 49 -5.54 5.62 2.92
CA THR A 49 -5.44 5.78 1.47
C THR A 49 -4.33 4.90 0.92
N LEU A 50 -4.26 4.85 -0.41
CA LEU A 50 -3.35 3.93 -1.10
C LEU A 50 -2.98 4.48 -2.47
N ALA A 51 -2.45 3.59 -3.30
CA ALA A 51 -2.07 3.94 -4.66
C ALA A 51 -1.62 2.70 -5.43
N ASP A 52 -2.55 2.14 -6.19
CA ASP A 52 -2.28 0.93 -6.95
C ASP A 52 -1.66 1.28 -8.30
N LYS A 53 -0.58 0.58 -8.63
CA LYS A 53 -0.04 0.58 -9.99
C LYS A 53 0.72 -0.72 -10.25
N ASP A 54 0.68 -1.15 -11.50
CA ASP A 54 1.55 -2.23 -11.97
C ASP A 54 1.28 -3.51 -11.20
N GLY A 55 0.04 -3.65 -10.75
CA GLY A 55 -0.41 -4.87 -10.08
C GLY A 55 -0.38 -4.69 -8.57
N GLU A 56 0.48 -3.77 -8.13
CA GLU A 56 0.75 -3.58 -6.71
C GLU A 56 0.40 -2.15 -6.30
N ILE A 57 0.76 -1.81 -5.07
CA ILE A 57 0.11 -0.71 -4.34
C ILE A 57 1.13 0.05 -3.52
N TYR A 58 0.64 1.09 -2.85
CA TYR A 58 1.52 2.00 -2.10
C TYR A 58 0.66 2.94 -1.24
N CYS A 59 1.16 3.26 -0.04
CA CYS A 59 0.27 3.48 1.11
C CYS A 59 -0.01 4.95 1.31
N LYS A 60 -1.00 5.25 2.16
CA LYS A 60 -1.22 6.60 2.63
C LYS A 60 -0.21 6.95 3.74
N GLY A 61 0.40 5.89 4.27
CA GLY A 61 1.53 6.03 5.18
C GLY A 61 2.74 6.63 4.47
N CYS A 62 2.64 6.75 3.14
CA CYS A 62 3.81 7.00 2.31
C CYS A 62 3.64 8.33 1.58
N TYR A 63 2.47 8.47 0.96
CA TYR A 63 2.01 9.75 0.45
C TYR A 63 1.88 10.76 1.60
N ALA A 64 1.92 10.23 2.82
CA ALA A 64 2.07 11.06 4.01
C ALA A 64 3.54 11.16 4.41
N LYS A 65 4.09 10.05 4.88
CA LYS A 65 5.37 10.07 5.57
C LYS A 65 6.47 10.57 4.65
N ASN A 66 6.31 10.28 3.36
CA ASN A 66 7.37 10.49 2.38
C ASN A 66 7.75 11.96 2.31
N PHE A 67 6.85 12.80 2.82
CA PHE A 67 6.95 14.24 2.63
C PHE A 67 8.25 14.78 3.24
N GLY A 68 9.22 15.02 2.37
CA GLY A 68 10.49 15.60 2.78
C GLY A 68 11.63 15.01 1.92
N PRO A 69 12.82 15.63 2.05
CA PRO A 69 14.04 15.16 1.35
C PRO A 69 14.34 13.68 1.58
N LYS A 70 14.96 13.07 0.58
CA LYS A 70 15.51 11.72 0.72
C LYS A 70 17.02 11.78 0.89
N GLY A 71 17.45 11.59 2.13
CA GLY A 71 18.87 11.41 2.44
C GLY A 71 19.04 10.51 3.66
N PHE A 72 19.06 11.12 4.83
CA PHE A 72 18.99 10.39 6.08
C PHE A 72 17.61 9.79 6.28
N GLY A 73 17.58 8.57 6.81
CA GLY A 73 16.34 7.86 7.01
C GLY A 73 16.01 7.75 8.50
N PHE A 74 16.54 8.72 9.26
CA PHE A 74 16.38 8.74 10.70
C PHE A 74 15.24 9.67 11.10
N GLY A 75 14.98 10.64 10.24
CA GLY A 75 14.09 11.75 10.56
C GLY A 75 14.65 12.57 11.71
N GLN A 76 15.94 12.90 11.59
CA GLN A 76 16.61 13.72 12.59
C GLN A 76 16.57 13.07 13.96
N GLY A 77 17.10 13.78 14.95
CA GLY A 77 17.33 13.22 16.26
C GLY A 77 16.52 13.96 17.32
N ALA A 78 16.59 13.48 18.55
CA ALA A 78 16.05 14.19 19.70
C ALA A 78 16.75 15.54 19.87
N GLY A 79 17.91 15.65 19.23
CA GLY A 79 18.60 16.93 19.10
C GLY A 79 19.41 17.22 20.36
N ALA A 80 20.54 16.53 20.49
CA ALA A 80 21.52 16.86 21.52
C ALA A 80 22.75 15.97 21.36
N LEU A 81 22.65 14.76 21.90
CA LEU A 81 23.79 13.87 22.04
C LEU A 81 23.98 13.03 20.78
N ILE A 82 24.66 11.91 20.94
CA ILE A 82 25.10 11.09 19.81
C ILE A 82 24.70 9.63 20.01
N HIS A 83 23.46 9.44 20.45
CA HIS A 83 22.87 8.12 20.49
C HIS A 83 21.73 8.02 19.48
N SER A 84 21.74 8.93 18.51
CA SER A 84 20.63 9.08 17.58
C SER A 84 20.48 7.81 16.73
N GLN A 85 19.31 7.19 16.83
CA GLN A 85 18.94 6.11 15.94
C GLN A 85 17.48 5.71 16.18
ZN ZN B . -8.40 -10.14 2.14
ZN ZN C . 4.11 2.67 2.37
N MET A 1 -14.85 -22.68 -3.52
CA MET A 1 -14.33 -21.30 -3.47
C MET A 1 -15.37 -20.39 -2.83
N ALA A 2 -16.34 -19.98 -3.63
CA ALA A 2 -17.50 -19.24 -3.11
C ALA A 2 -18.51 -19.00 -4.22
N GLN A 3 -17.99 -18.61 -5.39
CA GLN A 3 -18.74 -18.58 -6.63
C GLN A 3 -20.06 -17.82 -6.49
N LYS A 4 -21.12 -18.55 -6.14
CA LYS A 4 -22.44 -17.97 -6.01
C LYS A 4 -22.90 -17.39 -7.36
N VAL A 5 -23.99 -16.64 -7.31
CA VAL A 5 -24.41 -15.82 -8.43
C VAL A 5 -24.03 -14.36 -8.19
N GLY A 6 -23.79 -14.04 -6.92
CA GLY A 6 -23.20 -12.77 -6.54
C GLY A 6 -23.13 -12.64 -5.02
N GLY A 7 -21.92 -12.74 -4.50
CA GLY A 7 -21.72 -12.88 -3.06
C GLY A 7 -21.01 -11.65 -2.50
N SER A 8 -21.58 -10.48 -2.78
CA SER A 8 -20.95 -9.21 -2.45
C SER A 8 -19.64 -9.08 -3.22
N ASP A 9 -18.60 -9.70 -2.69
CA ASP A 9 -17.35 -9.90 -3.43
C ASP A 9 -16.40 -10.79 -2.64
N GLY A 10 -15.17 -10.88 -3.12
CA GLY A 10 -14.21 -11.85 -2.62
C GLY A 10 -12.78 -11.36 -2.82
N CYS A 11 -11.84 -12.10 -2.24
CA CYS A 11 -10.46 -11.62 -2.11
C CYS A 11 -9.49 -12.64 -2.75
N PRO A 12 -8.93 -12.22 -3.90
CA PRO A 12 -7.80 -12.93 -4.56
C PRO A 12 -6.56 -13.05 -3.66
N ARG A 13 -6.54 -12.24 -2.61
CA ARG A 13 -5.35 -12.04 -1.81
C ARG A 13 -5.22 -13.13 -0.76
N CYS A 14 -6.12 -13.09 0.21
CA CYS A 14 -6.07 -13.98 1.37
C CYS A 14 -6.84 -15.27 1.09
N GLY A 15 -7.68 -15.21 0.05
CA GLY A 15 -8.48 -16.35 -0.34
C GLY A 15 -9.72 -16.47 0.54
N GLN A 16 -10.05 -15.37 1.21
CA GLN A 16 -11.35 -15.21 1.85
C GLN A 16 -12.30 -14.43 0.95
N ALA A 17 -13.55 -14.89 0.90
CA ALA A 17 -14.59 -14.19 0.16
C ALA A 17 -15.48 -13.41 1.11
N VAL A 18 -15.90 -12.23 0.66
CA VAL A 18 -16.47 -11.22 1.55
C VAL A 18 -17.99 -11.16 1.34
N TYR A 19 -18.70 -11.08 2.46
CA TYR A 19 -20.14 -10.84 2.45
C TYR A 19 -20.43 -9.37 2.73
N ALA A 20 -20.24 -8.98 3.98
CA ALA A 20 -20.10 -7.56 4.33
C ALA A 20 -18.88 -6.97 3.64
N ALA A 21 -19.12 -6.30 2.52
CA ALA A 21 -18.08 -6.04 1.53
C ALA A 21 -16.96 -5.22 2.15
N GLU A 22 -15.79 -5.86 2.27
CA GLU A 22 -14.60 -5.15 2.73
C GLU A 22 -13.59 -5.06 1.58
N LYS A 23 -14.10 -5.08 0.36
CA LYS A 23 -13.30 -5.39 -0.81
C LYS A 23 -12.91 -4.10 -1.54
N VAL A 24 -11.92 -4.22 -2.43
CA VAL A 24 -10.99 -3.11 -2.69
C VAL A 24 -10.38 -3.27 -4.07
N ILE A 25 -9.64 -2.24 -4.50
CA ILE A 25 -9.07 -2.21 -5.84
C ILE A 25 -7.71 -1.52 -5.82
N GLY A 26 -6.81 -2.01 -6.67
CA GLY A 26 -5.56 -1.33 -6.95
C GLY A 26 -5.00 -1.75 -8.30
N ALA A 27 -5.00 -0.81 -9.24
CA ALA A 27 -4.68 -1.10 -10.63
C ALA A 27 -5.70 -2.10 -11.21
N GLY A 28 -5.47 -3.38 -10.94
CA GLY A 28 -6.21 -4.44 -11.59
C GLY A 28 -6.38 -5.63 -10.64
N LYS A 29 -6.07 -5.38 -9.36
CA LYS A 29 -6.24 -6.39 -8.34
C LYS A 29 -7.43 -6.05 -7.45
N SER A 30 -8.09 -7.11 -6.96
CA SER A 30 -9.10 -6.96 -5.92
C SER A 30 -8.60 -7.54 -4.60
N TRP A 31 -8.95 -6.88 -3.51
CA TRP A 31 -8.36 -7.16 -2.20
C TRP A 31 -9.37 -6.84 -1.10
N HIS A 32 -8.90 -7.00 0.14
CA HIS A 32 -9.63 -6.53 1.31
C HIS A 32 -9.16 -5.13 1.68
N LYS A 33 -9.97 -4.47 2.51
CA LYS A 33 -9.58 -3.21 3.14
C LYS A 33 -8.37 -3.42 4.04
N SER A 34 -8.11 -4.68 4.37
CA SER A 34 -7.09 -5.02 5.36
C SER A 34 -6.12 -6.04 4.78
N CYS A 35 -6.04 -6.06 3.45
CA CYS A 35 -5.08 -6.89 2.73
C CYS A 35 -4.17 -6.03 1.87
N PHE A 36 -4.55 -4.77 1.73
CA PHE A 36 -3.77 -3.81 0.94
C PHE A 36 -2.37 -3.66 1.54
N ARG A 37 -1.39 -4.19 0.82
CA ARG A 37 -0.05 -4.36 1.36
C ARG A 37 0.93 -3.43 0.63
N CYS A 38 1.29 -2.34 1.31
CA CYS A 38 2.46 -1.55 0.90
C CYS A 38 3.72 -2.41 1.03
N ALA A 39 4.36 -2.64 -0.13
CA ALA A 39 5.68 -3.22 -0.17
C ALA A 39 6.74 -2.12 -0.31
N LYS A 40 6.54 -1.05 0.46
CA LYS A 40 7.43 0.09 0.41
C LYS A 40 7.87 0.50 1.82
N CYS A 41 6.89 0.69 2.69
CA CYS A 41 7.14 0.68 4.13
C CYS A 41 6.92 -0.73 4.69
N GLY A 42 6.34 -1.58 3.84
CA GLY A 42 6.31 -3.01 4.08
C GLY A 42 5.13 -3.37 4.98
N LYS A 43 4.17 -2.45 5.06
CA LYS A 43 3.15 -2.50 6.11
C LYS A 43 1.80 -2.86 5.53
N SER A 44 0.98 -3.53 6.34
CA SER A 44 -0.46 -3.58 6.09
C SER A 44 -1.07 -2.19 6.32
N LEU A 45 -2.00 -1.82 5.44
CA LEU A 45 -2.36 -0.43 5.24
C LEU A 45 -3.69 -0.10 5.93
N GLU A 46 -4.24 1.04 5.53
CA GLU A 46 -5.37 1.63 6.24
C GLU A 46 -6.31 2.32 5.26
N SER A 47 -7.20 3.15 5.81
CA SER A 47 -8.29 3.72 5.04
C SER A 47 -7.80 4.85 4.15
N THR A 48 -6.61 5.35 4.46
CA THR A 48 -5.90 6.28 3.60
C THR A 48 -5.60 5.63 2.26
N THR A 49 -5.68 6.43 1.20
CA THR A 49 -5.63 5.93 -0.16
C THR A 49 -4.28 5.27 -0.43
N LEU A 50 -3.98 5.07 -1.71
CA LEU A 50 -2.79 4.32 -2.12
C LEU A 50 -2.37 4.73 -3.52
N ALA A 51 -1.41 3.98 -4.07
CA ALA A 51 -0.73 4.37 -5.30
C ALA A 51 -0.20 3.13 -6.02
N ASP A 52 -1.10 2.45 -6.72
CA ASP A 52 -0.73 1.32 -7.55
C ASP A 52 -0.02 1.79 -8.82
N LYS A 53 0.78 0.90 -9.38
CA LYS A 53 1.34 1.11 -10.72
C LYS A 53 2.21 -0.08 -11.11
N ASP A 54 2.06 -0.51 -12.36
CA ASP A 54 2.88 -1.58 -12.90
C ASP A 54 2.67 -2.87 -12.12
N GLY A 55 1.55 -2.92 -11.41
CA GLY A 55 1.12 -4.14 -10.73
C GLY A 55 1.75 -4.25 -9.36
N GLU A 56 2.26 -3.12 -8.87
CA GLU A 56 2.63 -3.00 -7.46
C GLU A 56 2.13 -1.68 -6.90
N ILE A 57 2.38 -1.46 -5.62
CA ILE A 57 1.62 -0.50 -4.83
C ILE A 57 2.45 0.01 -3.66
N TYR A 58 2.41 1.32 -3.44
CA TYR A 58 2.81 1.89 -2.15
C TYR A 58 1.74 2.85 -1.66
N CYS A 59 1.92 3.38 -0.44
CA CYS A 59 0.76 3.75 0.39
C CYS A 59 0.63 5.25 0.53
N LYS A 60 -0.63 5.71 0.65
CA LYS A 60 -0.87 7.09 1.06
C LYS A 60 -0.53 7.27 2.54
N GLY A 61 -0.29 6.13 3.19
CA GLY A 61 0.41 6.08 4.47
C GLY A 61 1.86 6.51 4.33
N CYS A 62 2.28 6.77 3.09
CA CYS A 62 3.70 6.92 2.80
C CYS A 62 3.93 8.31 2.19
N TYR A 63 3.08 8.63 1.21
CA TYR A 63 2.91 9.99 0.72
C TYR A 63 2.44 10.90 1.86
N ALA A 64 2.08 10.27 2.96
CA ALA A 64 1.71 10.99 4.17
C ALA A 64 2.86 10.95 5.18
N LYS A 65 3.44 9.77 5.34
CA LYS A 65 4.44 9.56 6.38
C LYS A 65 5.84 9.78 5.82
N ASN A 66 5.91 10.52 4.71
CA ASN A 66 7.16 11.09 4.23
C ASN A 66 7.21 12.58 4.53
N PHE A 67 6.03 13.16 4.71
CA PHE A 67 5.90 14.56 5.08
C PHE A 67 6.49 15.45 3.99
N GLY A 68 7.82 15.57 4.01
CA GLY A 68 8.53 16.49 3.14
C GLY A 68 9.97 15.99 2.94
N PRO A 69 10.19 15.29 1.81
CA PRO A 69 11.46 14.58 1.54
C PRO A 69 12.70 15.48 1.62
N LYS A 70 12.54 16.70 1.10
CA LYS A 70 13.55 17.74 1.27
C LYS A 70 14.85 17.33 0.59
N GLY A 71 15.79 18.27 0.58
CA GLY A 71 17.16 17.97 0.16
C GLY A 71 17.72 19.11 -0.69
N PHE A 72 18.92 19.56 -0.33
CA PHE A 72 19.68 20.48 -1.15
C PHE A 72 21.16 20.41 -0.81
N GLY A 73 21.98 20.68 -1.82
CA GLY A 73 23.43 20.68 -1.65
C GLY A 73 24.07 19.60 -2.51
N PHE A 74 23.24 18.64 -2.92
CA PHE A 74 23.73 17.42 -3.56
C PHE A 74 23.16 17.31 -4.97
N GLY A 75 24.06 17.37 -5.95
CA GLY A 75 23.67 17.52 -7.35
C GLY A 75 24.68 16.80 -8.25
N GLN A 76 24.87 15.51 -7.98
CA GLN A 76 25.59 14.64 -8.89
C GLN A 76 27.07 15.01 -8.93
N GLY A 77 27.92 14.01 -8.69
CA GLY A 77 29.35 14.14 -8.93
C GLY A 77 29.97 15.11 -7.92
N ALA A 78 31.22 14.84 -7.56
CA ALA A 78 32.03 15.78 -6.80
C ALA A 78 33.44 15.25 -6.63
N GLY A 79 34.42 16.09 -6.98
CA GLY A 79 35.82 15.73 -6.84
C GLY A 79 36.68 16.63 -7.72
N ALA A 80 36.13 17.00 -8.87
CA ALA A 80 36.90 17.66 -9.93
C ALA A 80 37.03 19.15 -9.63
N LEU A 81 38.22 19.68 -9.90
CA LEU A 81 38.57 21.02 -9.49
C LEU A 81 38.50 21.17 -7.97
N ILE A 82 38.53 20.02 -7.29
CA ILE A 82 38.69 19.99 -5.85
C ILE A 82 40.10 19.53 -5.48
N HIS A 83 41.05 20.46 -5.56
CA HIS A 83 42.46 20.12 -5.49
C HIS A 83 42.78 19.48 -4.15
N SER A 84 43.34 18.27 -4.21
CA SER A 84 43.90 17.60 -3.04
C SER A 84 44.57 16.29 -3.44
N GLN A 85 45.76 16.08 -2.90
CA GLN A 85 46.61 14.99 -3.33
C GLN A 85 46.20 13.68 -2.67
ZN ZN B . -8.08 -10.41 1.86
ZN ZN C . 3.88 2.63 2.74
N MET A 1 -13.84 -21.42 -10.99
CA MET A 1 -13.91 -20.47 -9.86
C MET A 1 -14.22 -19.07 -10.38
N ALA A 2 -15.06 -19.02 -11.41
CA ALA A 2 -15.33 -17.78 -12.13
C ALA A 2 -16.82 -17.58 -12.30
N GLN A 3 -17.50 -18.66 -12.68
CA GLN A 3 -18.96 -18.70 -12.67
C GLN A 3 -19.52 -17.80 -13.77
N LYS A 4 -19.50 -16.50 -13.50
CA LYS A 4 -19.80 -15.50 -14.52
C LYS A 4 -18.67 -14.49 -14.62
N VAL A 5 -18.63 -13.57 -13.66
CA VAL A 5 -17.68 -12.47 -13.70
C VAL A 5 -17.56 -11.82 -12.32
N GLY A 6 -16.78 -12.46 -11.46
CA GLY A 6 -16.61 -11.98 -10.10
C GLY A 6 -17.92 -12.07 -9.32
N GLY A 7 -18.86 -11.22 -9.70
CA GLY A 7 -20.09 -11.04 -8.94
C GLY A 7 -19.80 -10.27 -7.65
N SER A 8 -19.44 -11.01 -6.61
CA SER A 8 -18.90 -10.42 -5.39
C SER A 8 -17.61 -9.66 -5.68
N ASP A 9 -16.90 -9.29 -4.62
CA ASP A 9 -15.54 -8.79 -4.74
C ASP A 9 -14.63 -9.50 -3.74
N GLY A 10 -13.90 -10.49 -4.23
CA GLY A 10 -13.26 -11.49 -3.37
C GLY A 10 -11.75 -11.27 -3.33
N CYS A 11 -11.06 -12.13 -2.58
CA CYS A 11 -9.72 -11.81 -2.11
C CYS A 11 -8.80 -13.02 -2.37
N PRO A 12 -7.99 -12.91 -3.45
CA PRO A 12 -6.86 -13.84 -3.71
C PRO A 12 -5.81 -13.85 -2.60
N ARG A 13 -5.89 -12.86 -1.72
CA ARG A 13 -4.81 -12.57 -0.79
C ARG A 13 -4.89 -13.50 0.42
N CYS A 14 -5.99 -13.40 1.15
CA CYS A 14 -6.21 -14.24 2.31
C CYS A 14 -6.91 -15.54 1.90
N GLY A 15 -7.49 -15.51 0.71
CA GLY A 15 -8.12 -16.68 0.14
C GLY A 15 -9.65 -16.60 0.26
N GLN A 16 -10.09 -15.65 1.09
CA GLN A 16 -11.50 -15.36 1.25
C GLN A 16 -12.00 -14.50 0.09
N ALA A 17 -13.31 -14.25 0.09
CA ALA A 17 -13.88 -13.17 -0.71
C ALA A 17 -14.83 -12.33 0.13
N VAL A 18 -15.30 -11.24 -0.46
CA VAL A 18 -16.09 -10.24 0.25
C VAL A 18 -17.47 -10.12 -0.39
N TYR A 19 -18.40 -9.60 0.40
CA TYR A 19 -19.76 -9.37 -0.07
C TYR A 19 -19.91 -7.92 -0.55
N ALA A 20 -18.86 -7.42 -1.20
CA ALA A 20 -18.75 -5.99 -1.46
C ALA A 20 -18.70 -5.21 -0.14
N ALA A 21 -17.59 -5.41 0.57
CA ALA A 21 -17.42 -4.86 1.91
C ALA A 21 -16.09 -4.11 2.01
N GLU A 22 -15.01 -4.86 1.85
CA GLU A 22 -13.67 -4.34 2.05
C GLU A 22 -12.87 -4.42 0.74
N LYS A 23 -13.60 -4.37 -0.36
CA LYS A 23 -13.04 -4.72 -1.66
C LYS A 23 -12.39 -3.50 -2.30
N VAL A 24 -11.07 -3.54 -2.42
CA VAL A 24 -10.33 -2.61 -3.27
C VAL A 24 -10.04 -3.25 -4.62
N ILE A 25 -9.34 -2.49 -5.47
CA ILE A 25 -8.84 -3.00 -6.74
C ILE A 25 -7.45 -2.47 -7.02
N GLY A 26 -6.73 -3.16 -7.90
CA GLY A 26 -5.47 -2.67 -8.42
C GLY A 26 -5.27 -3.14 -9.85
N ALA A 27 -5.80 -2.37 -10.80
CA ALA A 27 -5.86 -2.80 -12.19
C ALA A 27 -6.71 -4.05 -12.31
N GLY A 28 -6.08 -5.19 -12.05
CA GLY A 28 -6.74 -6.48 -12.13
C GLY A 28 -7.04 -7.03 -10.74
N LYS A 29 -6.33 -6.49 -9.75
CA LYS A 29 -6.33 -7.04 -8.41
C LYS A 29 -7.66 -6.77 -7.72
N SER A 30 -7.95 -7.56 -6.70
CA SER A 30 -9.03 -7.26 -5.76
C SER A 30 -8.68 -7.76 -4.37
N TRP A 31 -8.71 -6.84 -3.40
CA TRP A 31 -8.12 -7.07 -2.10
C TRP A 31 -9.18 -6.90 -1.01
N HIS A 32 -8.75 -7.11 0.24
CA HIS A 32 -9.46 -6.59 1.40
C HIS A 32 -8.86 -5.24 1.81
N LYS A 33 -9.64 -4.51 2.60
CA LYS A 33 -9.15 -3.33 3.30
C LYS A 33 -8.01 -3.72 4.25
N SER A 34 -8.21 -4.83 4.94
CA SER A 34 -7.22 -5.32 5.90
C SER A 34 -6.32 -6.37 5.25
N CYS A 35 -6.28 -6.33 3.92
CA CYS A 35 -5.29 -7.07 3.15
C CYS A 35 -4.44 -6.11 2.31
N PHE A 36 -5.00 -4.91 2.10
CA PHE A 36 -4.30 -3.84 1.41
C PHE A 36 -3.02 -3.47 2.16
N ARG A 37 -1.89 -3.77 1.52
CA ARG A 37 -0.59 -3.64 2.15
C ARG A 37 0.42 -3.03 1.17
N CYS A 38 1.07 -1.97 1.62
CA CYS A 38 2.26 -1.45 0.97
C CYS A 38 3.36 -2.52 0.90
N ALA A 39 3.64 -2.94 -0.34
CA ALA A 39 4.77 -3.81 -0.61
C ALA A 39 6.03 -3.00 -0.93
N LYS A 40 6.02 -1.76 -0.46
CA LYS A 40 7.19 -0.90 -0.50
C LYS A 40 7.84 -0.81 0.87
N CYS A 41 7.21 -0.03 1.74
CA CYS A 41 7.70 0.17 3.10
C CYS A 41 7.40 -1.06 3.96
N GLY A 42 6.40 -1.82 3.50
CA GLY A 42 6.08 -3.11 4.10
C GLY A 42 4.79 -3.01 4.91
N LYS A 43 4.42 -1.78 5.24
CA LYS A 43 3.33 -1.53 6.18
C LYS A 43 1.98 -1.80 5.52
N SER A 44 1.17 -2.60 6.18
CA SER A 44 -0.25 -2.70 5.86
C SER A 44 -0.94 -1.36 6.12
N LEU A 45 -1.84 -0.99 5.22
CA LEU A 45 -2.79 0.09 5.49
C LEU A 45 -3.95 0.04 4.48
N GLU A 46 -4.82 1.04 4.61
CA GLU A 46 -6.18 0.97 4.06
C GLU A 46 -6.87 2.32 4.19
N SER A 47 -8.20 2.27 4.17
CA SER A 47 -9.03 3.44 4.41
C SER A 47 -8.91 4.43 3.26
N THR A 48 -7.91 5.30 3.35
CA THR A 48 -7.74 6.39 2.39
C THR A 48 -6.28 6.79 2.31
N THR A 49 -5.42 5.93 2.83
CA THR A 49 -4.01 6.22 3.00
C THR A 49 -3.16 5.27 2.18
N LEU A 50 -3.58 5.06 0.94
CA LEU A 50 -2.91 4.13 0.04
C LEU A 50 -2.90 4.66 -1.38
N ALA A 51 -2.12 4.00 -2.23
CA ALA A 51 -2.12 4.29 -3.66
C ALA A 51 -1.83 3.03 -4.46
N ASP A 52 -2.73 2.74 -5.40
CA ASP A 52 -2.63 1.55 -6.23
C ASP A 52 -2.63 1.92 -7.70
N LYS A 53 -1.89 1.14 -8.49
CA LYS A 53 -1.99 1.19 -9.94
C LYS A 53 -1.01 0.21 -10.57
N ASP A 54 -1.32 -0.20 -11.80
CA ASP A 54 -0.40 -1.00 -12.59
C ASP A 54 -0.11 -2.33 -11.90
N GLY A 55 -1.00 -2.70 -10.98
CA GLY A 55 -1.02 -4.06 -10.45
C GLY A 55 -0.40 -4.08 -9.05
N GLU A 56 0.51 -3.15 -8.82
CA GLU A 56 1.19 -3.02 -7.54
C GLU A 56 0.85 -1.67 -6.90
N ILE A 57 1.38 -1.47 -5.70
CA ILE A 57 0.86 -0.45 -4.79
C ILE A 57 1.92 -0.01 -3.80
N TYR A 58 2.01 1.30 -3.58
CA TYR A 58 2.60 1.82 -2.34
C TYR A 58 1.71 2.92 -1.77
N CYS A 59 2.07 3.48 -0.61
CA CYS A 59 1.07 3.88 0.38
C CYS A 59 1.00 5.36 0.60
N LYS A 60 -0.20 5.84 1.00
CA LYS A 60 -0.32 7.18 1.52
C LYS A 60 0.00 7.21 3.02
N GLY A 61 0.32 6.02 3.54
CA GLY A 61 1.21 5.86 4.69
C GLY A 61 2.56 6.47 4.40
N CYS A 62 2.82 6.75 3.13
CA CYS A 62 4.20 6.88 2.63
C CYS A 62 4.36 8.33 2.10
N TYR A 63 3.40 8.67 1.23
CA TYR A 63 3.20 10.06 0.82
C TYR A 63 2.86 10.93 2.03
N ALA A 64 2.53 10.25 3.13
CA ALA A 64 2.44 10.89 4.44
C ALA A 64 3.78 10.81 5.15
N LYS A 65 4.18 9.58 5.49
CA LYS A 65 5.24 9.35 6.46
C LYS A 65 6.55 9.97 5.98
N ASN A 66 6.80 9.82 4.68
CA ASN A 66 8.06 10.28 4.09
C ASN A 66 7.88 11.66 3.47
N PHE A 67 6.95 12.43 4.04
CA PHE A 67 6.83 13.84 3.74
C PHE A 67 6.89 14.66 5.02
N GLY A 68 8.10 14.88 5.52
CA GLY A 68 8.32 15.59 6.76
C GLY A 68 9.58 15.05 7.46
N PRO A 69 9.38 13.93 8.21
CA PRO A 69 10.44 13.39 9.11
C PRO A 69 11.76 13.13 8.39
N LYS A 70 12.72 12.61 9.15
CA LYS A 70 13.98 12.14 8.59
C LYS A 70 14.01 10.60 8.59
N GLY A 71 14.93 10.06 7.82
CA GLY A 71 15.24 8.63 7.87
C GLY A 71 16.75 8.41 7.82
N PHE A 72 17.14 7.13 7.86
CA PHE A 72 18.54 6.77 8.04
C PHE A 72 19.36 7.23 6.84
N GLY A 73 19.24 6.51 5.74
CA GLY A 73 20.12 6.68 4.60
C GLY A 73 20.57 5.33 4.05
N PHE A 74 21.88 5.11 4.11
CA PHE A 74 22.47 3.89 3.57
C PHE A 74 23.07 3.04 4.70
N GLY A 75 23.66 3.73 5.66
CA GLY A 75 24.46 3.08 6.69
C GLY A 75 25.66 3.96 7.07
N GLN A 76 26.50 3.41 7.94
CA GLN A 76 27.56 4.19 8.57
C GLN A 76 28.92 3.59 8.22
N GLY A 77 29.66 4.30 7.37
CA GLY A 77 31.05 3.98 7.10
C GLY A 77 31.16 2.90 6.02
N ALA A 78 32.37 2.72 5.52
CA ALA A 78 32.59 1.89 4.34
C ALA A 78 32.95 0.46 4.76
N GLY A 79 34.11 0.34 5.41
CA GLY A 79 34.70 -0.96 5.68
C GLY A 79 36.19 -0.82 6.01
N ALA A 80 36.77 -1.90 6.51
CA ALA A 80 38.17 -1.91 6.90
C ALA A 80 38.41 -0.90 8.02
N LEU A 81 38.60 -1.43 9.23
CA LEU A 81 38.81 -0.61 10.40
C LEU A 81 39.76 -1.30 11.38
N ILE A 82 39.20 -2.20 12.17
CA ILE A 82 39.99 -3.06 13.05
C ILE A 82 40.84 -2.24 14.02
N HIS A 83 40.23 -1.19 14.55
CA HIS A 83 40.97 -0.23 15.38
C HIS A 83 41.89 0.61 14.50
N SER A 84 43.03 0.03 14.16
CA SER A 84 44.11 0.77 13.52
C SER A 84 44.47 0.13 12.18
N GLN A 85 45.27 0.84 11.40
CA GLN A 85 45.54 0.48 10.02
C GLN A 85 46.61 -0.61 9.96
ZN ZN B . -8.22 -10.60 2.25
ZN ZN C . 4.47 2.61 2.14
N MET A 1 -25.24 -14.11 -10.45
CA MET A 1 -25.66 -13.73 -11.81
C MET A 1 -24.63 -14.22 -12.82
N ALA A 2 -23.56 -13.43 -12.98
CA ALA A 2 -22.42 -13.84 -13.78
C ALA A 2 -21.20 -13.00 -13.44
N GLN A 3 -21.41 -11.70 -13.36
CA GLN A 3 -20.32 -10.73 -13.27
C GLN A 3 -20.57 -9.77 -12.12
N LYS A 4 -19.52 -9.52 -11.34
CA LYS A 4 -19.53 -8.51 -10.30
C LYS A 4 -20.52 -8.88 -9.21
N VAL A 5 -21.80 -8.67 -9.50
CA VAL A 5 -22.84 -8.76 -8.50
C VAL A 5 -23.63 -10.06 -8.68
N GLY A 6 -23.29 -11.04 -7.86
CA GLY A 6 -23.79 -12.40 -8.04
C GLY A 6 -23.40 -13.27 -6.85
N GLY A 7 -22.13 -13.21 -6.49
CA GLY A 7 -21.63 -13.88 -5.29
C GLY A 7 -20.43 -13.13 -4.72
N SER A 8 -20.71 -11.98 -4.11
CA SER A 8 -19.75 -11.29 -3.27
C SER A 8 -18.57 -10.81 -4.10
N ASP A 9 -17.68 -10.06 -3.47
CA ASP A 9 -16.37 -9.75 -4.04
C ASP A 9 -15.27 -10.35 -3.17
N GLY A 10 -14.32 -11.02 -3.82
CA GLY A 10 -13.46 -11.99 -3.14
C GLY A 10 -11.99 -11.58 -3.27
N CYS A 11 -11.12 -12.33 -2.60
CA CYS A 11 -9.80 -11.83 -2.23
C CYS A 11 -8.72 -12.79 -2.76
N PRO A 12 -7.94 -12.28 -3.74
CA PRO A 12 -6.73 -12.98 -4.25
C PRO A 12 -5.65 -13.17 -3.21
N ARG A 13 -5.86 -12.57 -2.04
CA ARG A 13 -4.86 -12.56 -0.99
C ARG A 13 -5.06 -13.74 -0.04
N CYS A 14 -6.14 -13.66 0.73
CA CYS A 14 -6.38 -14.60 1.81
C CYS A 14 -7.20 -15.80 1.32
N GLY A 15 -8.05 -15.52 0.33
CA GLY A 15 -8.90 -16.54 -0.26
C GLY A 15 -10.28 -16.53 0.41
N GLN A 16 -10.84 -15.32 0.53
CA GLN A 16 -12.17 -15.14 1.08
C GLN A 16 -13.07 -14.41 0.07
N ALA A 17 -14.36 -14.59 0.24
CA ALA A 17 -15.36 -13.78 -0.47
C ALA A 17 -16.13 -12.91 0.51
N VAL A 18 -16.36 -11.66 0.11
CA VAL A 18 -16.77 -10.62 1.05
C VAL A 18 -18.19 -10.17 0.73
N TYR A 19 -19.00 -10.04 1.77
CA TYR A 19 -20.44 -9.89 1.63
C TYR A 19 -20.81 -8.40 1.65
N ALA A 20 -20.65 -7.79 2.81
CA ALA A 20 -20.70 -6.34 2.94
C ALA A 20 -19.58 -5.70 2.11
N ALA A 21 -18.69 -6.56 1.63
CA ALA A 21 -17.55 -6.10 0.84
C ALA A 21 -16.67 -5.17 1.67
N GLU A 22 -15.47 -5.67 1.99
CA GLU A 22 -14.46 -4.82 2.64
C GLU A 22 -13.27 -4.63 1.69
N LYS A 23 -13.57 -4.63 0.39
CA LYS A 23 -12.55 -4.89 -0.62
C LYS A 23 -12.19 -3.59 -1.35
N VAL A 24 -11.34 -3.72 -2.37
CA VAL A 24 -10.38 -2.66 -2.71
C VAL A 24 -9.74 -2.95 -4.05
N ILE A 25 -9.16 -1.92 -4.66
CA ILE A 25 -8.66 -2.01 -6.02
C ILE A 25 -7.35 -1.26 -6.17
N GLY A 26 -6.46 -1.80 -7.00
CA GLY A 26 -5.29 -1.07 -7.47
C GLY A 26 -4.68 -1.77 -8.69
N ALA A 27 -4.33 -0.95 -9.67
CA ALA A 27 -3.75 -1.44 -10.92
C ALA A 27 -4.74 -2.37 -11.63
N GLY A 28 -4.76 -3.62 -11.18
CA GLY A 28 -5.53 -4.66 -11.83
C GLY A 28 -5.96 -5.73 -10.83
N LYS A 29 -5.86 -5.38 -9.55
CA LYS A 29 -5.99 -6.34 -8.47
C LYS A 29 -7.13 -5.94 -7.53
N SER A 30 -7.87 -6.95 -7.08
CA SER A 30 -8.84 -6.77 -6.01
C SER A 30 -8.30 -7.36 -4.71
N TRP A 31 -8.64 -6.72 -3.60
CA TRP A 31 -8.06 -7.03 -2.31
C TRP A 31 -9.09 -6.74 -1.20
N HIS A 32 -8.80 -7.28 -0.02
CA HIS A 32 -9.36 -6.77 1.23
C HIS A 32 -8.67 -5.46 1.61
N LYS A 33 -9.46 -4.56 2.20
CA LYS A 33 -8.95 -3.36 2.81
C LYS A 33 -7.98 -3.71 3.94
N SER A 34 -8.13 -4.93 4.44
CA SER A 34 -7.28 -5.42 5.52
C SER A 34 -6.36 -6.53 5.01
N CYS A 35 -6.20 -6.58 3.69
CA CYS A 35 -5.15 -7.37 3.06
C CYS A 35 -4.23 -6.47 2.24
N PHE A 36 -4.33 -5.18 2.51
CA PHE A 36 -3.80 -4.16 1.60
C PHE A 36 -2.42 -3.69 2.08
N ARG A 37 -1.40 -4.06 1.31
CA ARG A 37 -0.02 -3.99 1.79
C ARG A 37 0.81 -3.10 0.87
N CYS A 38 1.38 -2.05 1.45
CA CYS A 38 2.46 -1.29 0.84
C CYS A 38 3.65 -2.18 0.54
N ALA A 39 3.88 -2.38 -0.75
CA ALA A 39 5.06 -3.10 -1.22
C ALA A 39 6.34 -2.37 -0.84
N LYS A 40 6.19 -1.07 -0.65
CA LYS A 40 7.33 -0.20 -0.35
C LYS A 40 7.77 -0.39 1.10
N CYS A 41 7.03 0.24 2.01
CA CYS A 41 7.50 0.47 3.36
C CYS A 41 7.23 -0.74 4.24
N GLY A 42 6.45 -1.67 3.69
CA GLY A 42 6.16 -2.92 4.37
C GLY A 42 5.03 -2.73 5.37
N LYS A 43 4.33 -1.62 5.21
CA LYS A 43 3.16 -1.34 6.05
C LYS A 43 1.89 -1.91 5.42
N SER A 44 1.45 -3.04 5.96
CA SER A 44 0.12 -3.56 5.67
C SER A 44 -0.94 -2.67 6.32
N LEU A 45 -1.42 -1.70 5.55
CA LEU A 45 -2.30 -0.66 6.06
C LEU A 45 -3.54 -0.54 5.18
N GLU A 46 -4.37 0.45 5.51
CA GLU A 46 -5.75 0.49 5.04
C GLU A 46 -6.37 1.85 5.40
N SER A 47 -6.14 2.25 6.65
CA SER A 47 -6.76 3.44 7.20
C SER A 47 -6.36 4.68 6.39
N THR A 48 -5.06 4.95 6.37
CA THR A 48 -4.49 5.85 5.38
C THR A 48 -4.62 5.27 3.98
N THR A 49 -5.07 6.09 3.04
CA THR A 49 -5.53 5.63 1.75
C THR A 49 -4.38 4.97 1.00
N LEU A 50 -4.66 4.57 -0.25
CA LEU A 50 -3.78 3.70 -1.00
C LEU A 50 -3.32 4.38 -2.28
N ALA A 51 -2.46 3.68 -3.02
CA ALA A 51 -1.91 4.21 -4.26
C ALA A 51 -1.30 3.07 -5.08
N ASP A 52 -1.98 2.74 -6.18
CA ASP A 52 -1.68 1.53 -6.94
C ASP A 52 -0.73 1.85 -8.09
N LYS A 53 0.15 0.91 -8.39
CA LYS A 53 0.91 0.92 -9.63
C LYS A 53 0.83 -0.44 -10.31
N ASP A 54 1.57 -0.59 -11.41
CA ASP A 54 1.43 -1.73 -12.30
C ASP A 54 1.74 -3.02 -11.55
N GLY A 55 0.69 -3.62 -10.99
CA GLY A 55 0.77 -4.96 -10.44
C GLY A 55 0.90 -4.91 -8.92
N GLU A 56 1.38 -3.77 -8.44
CA GLU A 56 1.69 -3.59 -7.03
C GLU A 56 1.14 -2.24 -6.54
N ILE A 57 1.47 -1.91 -5.30
CA ILE A 57 0.74 -0.90 -4.55
C ILE A 57 1.66 -0.17 -3.58
N TYR A 58 1.12 0.82 -2.90
CA TYR A 58 1.94 1.86 -2.27
C TYR A 58 1.02 2.85 -1.53
N CYS A 59 1.46 3.31 -0.35
CA CYS A 59 0.52 3.64 0.72
C CYS A 59 0.29 5.15 0.79
N LYS A 60 -0.72 5.53 1.57
CA LYS A 60 -0.92 6.93 1.91
C LYS A 60 -0.07 7.30 3.14
N GLY A 61 0.46 6.27 3.78
CA GLY A 61 1.52 6.41 4.76
C GLY A 61 2.79 6.97 4.12
N CYS A 62 2.79 7.01 2.79
CA CYS A 62 4.05 7.19 2.05
C CYS A 62 3.95 8.49 1.23
N TYR A 63 2.82 8.62 0.54
CA TYR A 63 2.40 9.91 0.00
C TYR A 63 2.22 10.93 1.12
N ALA A 64 2.13 10.42 2.34
CA ALA A 64 2.21 11.25 3.53
C ALA A 64 3.67 11.45 3.96
N LYS A 65 4.41 10.34 3.90
CA LYS A 65 5.83 10.37 4.22
C LYS A 65 6.58 11.29 3.26
N ASN A 66 5.88 11.69 2.20
CA ASN A 66 6.47 12.54 1.18
C ASN A 66 6.01 13.99 1.36
N PHE A 67 5.90 14.38 2.64
CA PHE A 67 5.51 15.74 2.97
C PHE A 67 6.70 16.68 2.84
N GLY A 68 7.90 16.12 2.99
CA GLY A 68 9.13 16.83 2.71
C GLY A 68 9.87 17.16 4.02
N PRO A 69 10.73 16.22 4.45
CA PRO A 69 11.65 16.45 5.59
C PRO A 69 12.54 17.68 5.41
N LYS A 70 12.39 18.63 6.34
CA LYS A 70 13.15 19.86 6.30
C LYS A 70 14.30 19.81 7.31
N GLY A 71 14.17 18.91 8.28
CA GLY A 71 15.07 18.88 9.43
C GLY A 71 14.31 19.24 10.69
N PHE A 72 13.60 18.27 11.25
CA PHE A 72 12.65 18.51 12.33
C PHE A 72 13.01 17.67 13.54
N GLY A 73 13.57 18.33 14.54
CA GLY A 73 13.78 17.71 15.86
C GLY A 73 15.14 17.01 15.90
N PHE A 74 15.11 15.70 15.76
CA PHE A 74 16.29 14.86 15.99
C PHE A 74 16.94 14.48 14.67
N GLY A 75 18.26 14.58 14.64
CA GLY A 75 19.05 14.07 13.53
C GLY A 75 18.94 14.99 12.32
N GLN A 76 19.38 16.23 12.51
CA GLN A 76 19.38 17.22 11.44
C GLN A 76 20.42 16.88 10.39
N GLY A 77 21.43 16.12 10.82
CA GLY A 77 22.53 15.74 9.94
C GLY A 77 23.38 14.65 10.60
N ALA A 78 24.22 14.02 9.79
CA ALA A 78 25.25 13.12 10.29
C ALA A 78 24.61 11.96 11.05
N GLY A 79 25.41 10.91 11.26
CA GLY A 79 24.91 9.65 11.77
C GLY A 79 25.06 9.59 13.29
N ALA A 80 24.53 8.53 13.89
CA ALA A 80 24.38 8.44 15.33
C ALA A 80 25.18 7.25 15.86
N LEU A 81 26.36 7.54 16.39
CA LEU A 81 27.13 6.55 17.13
C LEU A 81 26.68 6.52 18.59
N ILE A 82 25.46 6.04 18.79
CA ILE A 82 24.78 6.15 20.08
C ILE A 82 24.50 7.61 20.40
N HIS A 83 23.65 7.82 21.40
CA HIS A 83 23.09 9.14 21.69
C HIS A 83 24.21 10.11 22.04
N SER A 84 24.69 10.83 21.03
CA SER A 84 25.89 11.64 21.15
C SER A 84 25.53 13.12 21.04
N GLN A 85 25.35 13.58 19.81
CA GLN A 85 24.80 14.91 19.56
C GLN A 85 23.40 14.81 18.96
ZN ZN B . -8.10 -10.87 2.13
ZN ZN C . 4.23 2.87 2.38
N MET A 1 -27.08 -9.16 -18.34
CA MET A 1 -26.55 -9.38 -16.98
C MET A 1 -25.38 -8.43 -16.73
N ALA A 2 -25.64 -7.39 -15.94
CA ALA A 2 -24.69 -6.32 -15.74
C ALA A 2 -23.80 -6.62 -14.53
N GLN A 3 -24.34 -6.31 -13.35
CA GLN A 3 -23.64 -6.56 -12.10
C GLN A 3 -22.29 -5.86 -12.06
N LYS A 4 -22.28 -4.68 -11.44
CA LYS A 4 -21.08 -3.87 -11.36
C LYS A 4 -19.97 -4.61 -10.61
N VAL A 5 -20.40 -5.52 -9.75
CA VAL A 5 -19.48 -6.35 -8.99
C VAL A 5 -20.14 -7.68 -8.62
N GLY A 6 -21.44 -7.60 -8.35
CA GLY A 6 -22.22 -8.78 -7.97
C GLY A 6 -22.85 -8.58 -6.60
N GLY A 7 -22.43 -9.43 -5.66
CA GLY A 7 -23.05 -9.48 -4.34
C GLY A 7 -21.98 -9.40 -3.26
N SER A 8 -21.48 -10.56 -2.86
CA SER A 8 -20.28 -10.64 -2.04
C SER A 8 -19.08 -10.03 -2.77
N ASP A 9 -17.91 -10.20 -2.18
CA ASP A 9 -16.66 -9.93 -2.88
C ASP A 9 -15.75 -11.17 -2.84
N GLY A 10 -14.47 -10.95 -3.10
CA GLY A 10 -13.44 -11.94 -2.80
C GLY A 10 -12.06 -11.38 -3.08
N CYS A 11 -11.03 -12.18 -2.80
CA CYS A 11 -9.69 -11.67 -2.57
C CYS A 11 -8.67 -12.55 -3.32
N PRO A 12 -8.05 -11.93 -4.36
CA PRO A 12 -6.85 -12.47 -5.03
C PRO A 12 -5.69 -12.78 -4.06
N ARG A 13 -5.75 -12.14 -2.90
CA ARG A 13 -4.62 -12.09 -1.97
C ARG A 13 -4.63 -13.32 -1.06
N CYS A 14 -5.57 -13.31 -0.12
CA CYS A 14 -5.62 -14.31 0.92
C CYS A 14 -6.40 -15.55 0.45
N GLY A 15 -7.18 -15.36 -0.60
CA GLY A 15 -7.88 -16.46 -1.25
C GLY A 15 -9.18 -16.76 -0.51
N GLN A 16 -9.63 -15.80 0.28
CA GLN A 16 -10.95 -15.85 0.89
C GLN A 16 -11.97 -15.13 0.02
N ALA A 17 -13.24 -15.32 0.35
CA ALA A 17 -14.31 -14.53 -0.23
C ALA A 17 -15.11 -13.83 0.88
N VAL A 18 -15.58 -12.63 0.57
CA VAL A 18 -16.04 -11.70 1.59
C VAL A 18 -17.56 -11.69 1.64
N TYR A 19 -18.10 -11.74 2.85
CA TYR A 19 -19.51 -12.03 3.06
C TYR A 19 -20.36 -10.82 2.67
N ALA A 20 -20.38 -9.83 3.55
CA ALA A 20 -20.93 -8.52 3.21
C ALA A 20 -20.03 -7.82 2.20
N ALA A 21 -19.00 -7.17 2.72
CA ALA A 21 -17.88 -6.70 1.90
C ALA A 21 -16.81 -6.06 2.79
N GLU A 22 -15.56 -6.45 2.54
CA GLU A 22 -14.42 -5.65 3.00
C GLU A 22 -13.46 -5.41 1.81
N LYS A 23 -14.00 -5.59 0.61
CA LYS A 23 -13.17 -5.83 -0.57
C LYS A 23 -13.10 -4.55 -1.42
N VAL A 24 -12.10 -4.49 -2.29
CA VAL A 24 -11.45 -3.21 -2.63
C VAL A 24 -10.89 -3.28 -4.04
N ILE A 25 -10.32 -2.17 -4.49
CA ILE A 25 -9.84 -2.07 -5.86
C ILE A 25 -8.58 -1.21 -5.91
N GLY A 26 -7.70 -1.55 -6.85
CA GLY A 26 -6.56 -0.71 -7.20
C GLY A 26 -5.90 -1.20 -8.48
N ALA A 27 -5.52 -0.24 -9.33
CA ALA A 27 -4.87 -0.55 -10.59
C ALA A 27 -5.78 -1.39 -11.48
N GLY A 28 -5.79 -2.69 -11.21
CA GLY A 28 -6.74 -3.59 -11.84
C GLY A 28 -6.97 -4.82 -10.95
N LYS A 29 -6.80 -4.61 -9.65
CA LYS A 29 -6.76 -5.72 -8.70
C LYS A 29 -7.92 -5.60 -7.71
N SER A 30 -8.33 -6.74 -7.18
CA SER A 30 -9.26 -6.77 -6.04
C SER A 30 -8.54 -7.26 -4.79
N TRP A 31 -8.92 -6.67 -3.66
CA TRP A 31 -8.22 -6.89 -2.40
C TRP A 31 -9.20 -6.80 -1.23
N HIS A 32 -8.70 -7.18 -0.06
CA HIS A 32 -9.33 -6.82 1.21
C HIS A 32 -8.84 -5.44 1.67
N LYS A 33 -9.73 -4.73 2.35
CA LYS A 33 -9.37 -3.49 3.00
C LYS A 33 -8.30 -3.73 4.06
N SER A 34 -8.11 -5.01 4.38
CA SER A 34 -7.10 -5.40 5.36
C SER A 34 -5.85 -5.94 4.65
N CYS A 35 -6.09 -6.62 3.53
CA CYS A 35 -5.00 -7.13 2.71
C CYS A 35 -4.33 -5.98 1.96
N PHE A 36 -5.03 -4.86 1.88
CA PHE A 36 -4.52 -3.66 1.24
C PHE A 36 -3.25 -3.19 1.95
N ARG A 37 -2.12 -3.75 1.54
CA ARG A 37 -0.87 -3.63 2.27
C ARG A 37 0.20 -3.00 1.38
N CYS A 38 0.81 -1.94 1.91
CA CYS A 38 2.06 -1.42 1.38
C CYS A 38 3.15 -2.49 1.45
N ALA A 39 3.49 -3.02 0.27
CA ALA A 39 4.64 -3.89 0.11
C ALA A 39 5.94 -3.15 0.44
N LYS A 40 5.86 -1.83 0.36
CA LYS A 40 7.04 -0.98 0.34
C LYS A 40 7.63 -0.84 1.74
N CYS A 41 6.88 -0.18 2.61
CA CYS A 41 7.32 0.07 3.98
C CYS A 41 6.90 -1.07 4.89
N GLY A 42 5.82 -1.75 4.51
CA GLY A 42 5.39 -2.96 5.18
C GLY A 42 4.12 -2.70 5.99
N LYS A 43 3.41 -1.65 5.60
CA LYS A 43 2.30 -1.13 6.40
C LYS A 43 0.96 -1.41 5.72
N SER A 44 0.19 -2.31 6.34
CA SER A 44 -1.21 -2.50 5.98
C SER A 44 -2.01 -1.23 6.30
N LEU A 45 -2.48 -0.58 5.25
CA LEU A 45 -3.32 0.60 5.39
C LEU A 45 -4.33 0.68 4.25
N GLU A 46 -5.19 1.70 4.35
CA GLU A 46 -6.31 1.86 3.43
C GLU A 46 -6.99 3.21 3.67
N SER A 47 -6.98 3.62 4.93
CA SER A 47 -7.84 4.70 5.39
C SER A 47 -7.54 5.99 4.64
N THR A 48 -6.34 6.53 4.87
CA THR A 48 -5.97 7.82 4.33
C THR A 48 -5.99 7.78 2.80
N THR A 49 -4.97 7.15 2.23
CA THR A 49 -4.98 6.73 0.84
C THR A 49 -3.70 6.00 0.49
N LEU A 50 -3.51 5.76 -0.81
CA LEU A 50 -2.46 4.88 -1.29
C LEU A 50 -2.31 5.01 -2.80
N ALA A 51 -1.49 4.13 -3.37
CA ALA A 51 -1.02 4.28 -4.75
C ALA A 51 -0.85 2.92 -5.40
N ASP A 52 -1.95 2.37 -5.90
CA ASP A 52 -1.91 1.18 -6.73
C ASP A 52 -1.29 1.50 -8.08
N LYS A 53 -0.59 0.52 -8.64
CA LYS A 53 -0.12 0.58 -10.02
C LYS A 53 0.48 -0.76 -10.44
N ASP A 54 0.35 -1.06 -11.73
CA ASP A 54 0.68 -2.38 -12.25
C ASP A 54 -0.20 -3.44 -11.60
N GLY A 55 0.36 -4.08 -10.58
CA GLY A 55 -0.40 -5.03 -9.77
C GLY A 55 0.13 -5.07 -8.34
N GLU A 56 0.80 -3.97 -7.96
CA GLU A 56 1.21 -3.78 -6.57
C GLU A 56 1.17 -2.29 -6.22
N ILE A 57 1.40 -2.00 -4.94
CA ILE A 57 0.97 -0.74 -4.34
C ILE A 57 2.03 -0.23 -3.37
N TYR A 58 2.06 1.09 -3.19
CA TYR A 58 2.64 1.69 -2.00
C TYR A 58 1.71 2.77 -1.46
N CYS A 59 2.06 3.34 -0.30
CA CYS A 59 1.04 3.89 0.60
C CYS A 59 1.08 5.42 0.58
N LYS A 60 -0.02 6.03 0.99
CA LYS A 60 -0.06 7.46 1.25
C LYS A 60 0.72 7.78 2.53
N GLY A 61 0.98 6.72 3.30
CA GLY A 61 1.93 6.76 4.40
C GLY A 61 3.34 7.02 3.90
N CYS A 62 3.52 6.94 2.57
CA CYS A 62 4.86 6.82 2.00
C CYS A 62 5.15 8.06 1.13
N TYR A 63 4.18 8.40 0.28
CA TYR A 63 4.13 9.69 -0.37
C TYR A 63 4.03 10.81 0.67
N ALA A 64 3.73 10.39 1.90
CA ALA A 64 3.72 11.29 3.04
C ALA A 64 5.09 11.31 3.71
N LYS A 65 5.47 10.17 4.27
CA LYS A 65 6.60 10.11 5.21
C LYS A 65 7.88 10.57 4.52
N ASN A 66 7.85 10.58 3.20
CA ASN A 66 8.88 11.23 2.41
C ASN A 66 8.54 12.70 2.19
N PHE A 67 7.35 12.91 1.62
CA PHE A 67 6.90 14.25 1.26
C PHE A 67 7.85 14.88 0.25
N GLY A 68 8.71 14.04 -0.33
CA GLY A 68 9.83 14.51 -1.12
C GLY A 68 10.17 13.46 -2.20
N PRO A 69 11.49 13.31 -2.45
CA PRO A 69 12.00 12.57 -3.63
C PRO A 69 11.65 11.08 -3.61
N LYS A 70 12.52 10.30 -2.98
CA LYS A 70 12.48 8.85 -3.09
C LYS A 70 13.64 8.23 -2.31
N GLY A 71 14.77 8.92 -2.30
CA GLY A 71 16.04 8.33 -1.91
C GLY A 71 15.97 7.83 -0.48
N PHE A 72 15.70 6.54 -0.33
CA PHE A 72 15.88 5.85 0.95
C PHE A 72 15.49 4.38 0.81
N GLY A 73 16.49 3.52 0.87
CA GLY A 73 16.31 2.11 0.54
C GLY A 73 17.34 1.25 1.29
N PHE A 74 16.84 0.19 1.92
CA PHE A 74 17.70 -0.85 2.46
C PHE A 74 18.52 -0.31 3.64
N GLY A 75 18.93 -1.23 4.51
CA GLY A 75 19.90 -0.92 5.55
C GLY A 75 19.43 -1.45 6.89
N GLN A 76 20.37 -1.62 7.80
CA GLN A 76 20.06 -1.91 9.20
C GLN A 76 19.51 -3.32 9.34
N GLY A 77 18.28 -3.50 8.86
CA GLY A 77 17.51 -4.70 9.13
C GLY A 77 18.23 -5.93 8.58
N ALA A 78 17.98 -6.21 7.30
CA ALA A 78 18.73 -7.23 6.58
C ALA A 78 18.54 -8.59 7.23
N GLY A 79 17.82 -9.46 6.51
CA GLY A 79 17.55 -10.80 6.99
C GLY A 79 16.71 -10.77 8.25
N ALA A 80 15.62 -11.53 8.23
CA ALA A 80 14.60 -11.45 9.27
C ALA A 80 13.73 -12.71 9.27
N LEU A 81 12.93 -12.83 8.22
CA LEU A 81 11.88 -13.84 8.16
C LEU A 81 12.47 -15.24 8.17
N ILE A 82 12.71 -15.76 6.96
CA ILE A 82 13.06 -17.16 6.78
C ILE A 82 14.56 -17.31 6.57
N HIS A 83 15.03 -18.55 6.63
CA HIS A 83 16.46 -18.84 6.67
C HIS A 83 16.84 -19.74 5.50
N SER A 84 17.47 -19.13 4.50
CA SER A 84 18.10 -19.88 3.42
C SER A 84 17.05 -20.60 2.59
N GLN A 85 16.98 -20.26 1.32
CA GLN A 85 16.19 -21.01 0.35
C GLN A 85 16.58 -20.61 -1.07
ZN ZN B . -7.65 -10.78 1.67
ZN ZN C . 4.34 2.60 2.63
N MET A 1 -21.85 -30.68 -3.92
CA MET A 1 -22.75 -30.32 -2.81
C MET A 1 -22.32 -28.98 -2.20
N ALA A 2 -23.04 -27.93 -2.59
CA ALA A 2 -22.87 -26.62 -1.97
C ALA A 2 -23.91 -25.64 -2.50
N GLN A 3 -23.67 -25.14 -3.70
CA GLN A 3 -24.44 -24.03 -4.24
C GLN A 3 -24.25 -22.78 -3.39
N LYS A 4 -23.12 -22.13 -3.57
CA LYS A 4 -22.87 -20.84 -2.93
C LYS A 4 -22.99 -19.71 -3.95
N VAL A 5 -24.12 -19.02 -3.91
CA VAL A 5 -24.49 -18.06 -4.94
C VAL A 5 -24.24 -16.64 -4.46
N GLY A 6 -23.22 -16.01 -5.05
CA GLY A 6 -23.01 -14.57 -4.86
C GLY A 6 -21.51 -14.27 -4.83
N GLY A 7 -21.00 -13.83 -5.97
CA GLY A 7 -19.59 -13.50 -6.09
C GLY A 7 -19.38 -11.99 -6.04
N SER A 8 -18.64 -11.56 -5.03
CA SER A 8 -18.18 -10.17 -4.95
C SER A 8 -16.77 -10.04 -5.52
N ASP A 9 -16.14 -8.90 -5.20
CA ASP A 9 -14.73 -8.72 -5.51
C ASP A 9 -13.87 -9.32 -4.39
N GLY A 10 -13.28 -10.48 -4.69
CA GLY A 10 -12.77 -11.36 -3.65
C GLY A 10 -11.23 -11.41 -3.71
N CYS A 11 -10.65 -12.36 -2.98
CA CYS A 11 -9.31 -12.17 -2.39
C CYS A 11 -8.52 -13.49 -2.53
N PRO A 12 -7.54 -13.46 -3.45
CA PRO A 12 -6.56 -14.57 -3.61
C PRO A 12 -5.74 -14.83 -2.34
N ARG A 13 -5.77 -13.87 -1.44
CA ARG A 13 -4.88 -13.86 -0.28
C ARG A 13 -5.46 -14.70 0.85
N CYS A 14 -6.57 -14.22 1.40
CA CYS A 14 -7.14 -14.79 2.61
C CYS A 14 -8.09 -15.94 2.26
N GLY A 15 -8.72 -15.81 1.09
CA GLY A 15 -9.60 -16.86 0.59
C GLY A 15 -11.04 -16.57 0.97
N GLN A 16 -11.30 -15.31 1.32
CA GLN A 16 -12.66 -14.80 1.38
C GLN A 16 -13.04 -14.14 0.06
N ALA A 17 -14.18 -13.43 0.07
CA ALA A 17 -14.49 -12.49 -0.99
C ALA A 17 -15.65 -11.58 -0.56
N VAL A 18 -15.59 -10.32 -1.00
CA VAL A 18 -16.26 -9.22 -0.31
C VAL A 18 -16.80 -8.22 -1.31
N TYR A 19 -18.01 -7.75 -1.04
CA TYR A 19 -18.58 -6.62 -1.78
C TYR A 19 -18.66 -5.39 -0.88
N ALA A 20 -18.60 -5.63 0.42
CA ALA A 20 -18.94 -4.61 1.41
C ALA A 20 -17.74 -4.34 2.32
N ALA A 21 -17.26 -5.41 2.96
CA ALA A 21 -16.40 -5.27 4.12
C ALA A 21 -15.11 -4.53 3.74
N GLU A 22 -14.23 -5.24 3.04
CA GLU A 22 -12.85 -4.78 2.90
C GLU A 22 -12.52 -4.49 1.44
N LYS A 23 -13.54 -4.56 0.60
CA LYS A 23 -13.34 -4.71 -0.85
C LYS A 23 -12.54 -3.55 -1.40
N VAL A 24 -11.42 -3.87 -2.02
CA VAL A 24 -10.68 -2.92 -2.85
C VAL A 24 -10.52 -3.46 -4.26
N ILE A 25 -10.07 -2.58 -5.16
CA ILE A 25 -9.63 -2.99 -6.49
C ILE A 25 -8.47 -2.11 -6.95
N GLY A 26 -7.50 -2.76 -7.60
CA GLY A 26 -6.24 -2.11 -7.93
C GLY A 26 -5.49 -2.91 -8.99
N ALA A 27 -5.23 -2.27 -10.12
CA ALA A 27 -4.34 -2.82 -11.12
C ALA A 27 -4.88 -4.15 -11.65
N GLY A 28 -6.16 -4.36 -11.39
CA GLY A 28 -6.82 -5.61 -11.77
C GLY A 28 -7.10 -6.47 -10.53
N LYS A 29 -6.34 -6.21 -9.48
CA LYS A 29 -6.37 -7.04 -8.29
C LYS A 29 -7.56 -6.68 -7.42
N SER A 30 -8.25 -7.71 -6.95
CA SER A 30 -9.27 -7.55 -5.91
C SER A 30 -8.72 -8.00 -4.56
N TRP A 31 -8.69 -7.06 -3.62
CA TRP A 31 -8.06 -7.26 -2.33
C TRP A 31 -9.09 -6.99 -1.21
N HIS A 32 -8.64 -7.26 0.02
CA HIS A 32 -9.22 -6.66 1.21
C HIS A 32 -8.29 -5.58 1.76
N LYS A 33 -8.89 -4.63 2.46
CA LYS A 33 -8.14 -3.53 3.08
C LYS A 33 -7.15 -4.08 4.09
N SER A 34 -7.50 -5.25 4.65
CA SER A 34 -6.65 -5.91 5.63
C SER A 34 -5.59 -6.76 4.92
N CYS A 35 -5.89 -7.14 3.69
CA CYS A 35 -4.91 -7.79 2.83
C CYS A 35 -4.24 -6.77 1.91
N PHE A 36 -4.24 -5.52 2.36
CA PHE A 36 -3.81 -4.40 1.54
C PHE A 36 -2.51 -3.80 2.08
N ARG A 37 -1.40 -4.34 1.60
CA ARG A 37 -0.10 -4.10 2.21
C ARG A 37 0.78 -3.26 1.27
N CYS A 38 1.35 -2.21 1.83
CA CYS A 38 2.41 -1.46 1.17
C CYS A 38 3.66 -2.33 1.00
N ALA A 39 3.93 -2.66 -0.27
CA ALA A 39 5.17 -3.31 -0.65
C ALA A 39 6.22 -2.28 -1.06
N LYS A 40 5.98 -1.03 -0.64
CA LYS A 40 7.01 -0.01 -0.67
C LYS A 40 7.76 0.03 0.66
N CYS A 41 7.09 0.60 1.67
CA CYS A 41 7.73 0.84 2.96
C CYS A 41 7.68 -0.43 3.81
N GLY A 42 6.73 -1.29 3.50
CA GLY A 42 6.73 -2.67 3.98
C GLY A 42 5.47 -2.94 4.78
N LYS A 43 4.94 -1.90 5.40
CA LYS A 43 3.88 -2.02 6.38
C LYS A 43 2.52 -2.16 5.72
N SER A 44 1.66 -2.96 6.34
CA SER A 44 0.31 -3.16 5.85
C SER A 44 -0.65 -2.16 6.48
N LEU A 45 -1.53 -1.60 5.65
CA LEU A 45 -2.51 -0.64 6.11
C LEU A 45 -3.86 -0.88 5.41
N GLU A 46 -4.74 0.13 5.61
CA GLU A 46 -6.11 0.03 5.18
C GLU A 46 -6.82 1.38 5.36
N SER A 47 -7.03 1.74 6.62
CA SER A 47 -7.92 2.83 6.98
C SER A 47 -7.41 4.15 6.39
N THR A 48 -6.12 4.17 6.09
CA THR A 48 -5.53 5.26 5.32
C THR A 48 -5.45 4.89 3.85
N THR A 49 -5.39 5.92 3.01
CA THR A 49 -5.57 5.75 1.57
C THR A 49 -4.48 4.83 1.00
N LEU A 50 -4.48 4.72 -0.33
CA LEU A 50 -3.52 3.88 -1.01
C LEU A 50 -3.18 4.47 -2.39
N ALA A 51 -2.36 3.74 -3.14
CA ALA A 51 -1.78 4.25 -4.36
C ALA A 51 -1.42 3.11 -5.30
N ASP A 52 -2.45 2.58 -5.97
CA ASP A 52 -2.25 1.52 -6.95
C ASP A 52 -1.50 2.05 -8.16
N LYS A 53 -0.18 1.94 -8.10
CA LYS A 53 0.68 2.19 -9.25
C LYS A 53 0.64 1.02 -10.22
N ASP A 54 1.19 1.23 -11.41
CA ASP A 54 1.07 0.29 -12.50
C ASP A 54 1.66 -1.07 -12.13
N GLY A 55 0.81 -1.91 -11.56
CA GLY A 55 1.16 -3.30 -11.30
C GLY A 55 1.19 -3.58 -9.80
N GLU A 56 1.30 -2.50 -9.02
CA GLU A 56 1.55 -2.61 -7.59
C GLU A 56 1.03 -1.37 -6.87
N ILE A 57 1.37 -1.26 -5.59
CA ILE A 57 0.66 -0.38 -4.67
C ILE A 57 1.60 0.12 -3.58
N TYR A 58 1.45 1.40 -3.24
CA TYR A 58 2.02 1.91 -1.99
C TYR A 58 0.97 2.75 -1.24
N CYS A 59 1.39 3.34 -0.13
CA CYS A 59 0.44 3.65 0.95
C CYS A 59 0.22 5.15 1.07
N LYS A 60 -0.89 5.51 1.70
CA LYS A 60 -1.12 6.91 2.09
C LYS A 60 -0.25 7.26 3.30
N GLY A 61 0.31 6.22 3.91
CA GLY A 61 1.41 6.35 4.85
C GLY A 61 2.66 6.88 4.16
N CYS A 62 2.61 6.94 2.83
CA CYS A 62 3.84 7.11 2.05
C CYS A 62 3.77 8.44 1.29
N TYR A 63 2.60 8.68 0.69
CA TYR A 63 2.22 10.01 0.24
C TYR A 63 2.17 10.97 1.43
N ALA A 64 2.20 10.38 2.63
CA ALA A 64 2.33 11.14 3.86
C ALA A 64 3.79 11.26 4.26
N LYS A 65 4.48 10.12 4.29
CA LYS A 65 5.80 10.03 4.88
C LYS A 65 6.78 10.95 4.14
N ASN A 66 6.34 11.41 2.98
CA ASN A 66 7.17 12.27 2.14
C ASN A 66 7.49 13.57 2.88
N PHE A 67 6.70 13.86 3.91
CA PHE A 67 6.74 15.15 4.57
C PHE A 67 7.99 15.25 5.45
N GLY A 68 8.37 14.12 6.03
CA GLY A 68 9.41 14.08 7.05
C GLY A 68 10.60 13.23 6.54
N PRO A 69 11.69 13.93 6.19
CA PRO A 69 12.98 13.28 5.81
C PRO A 69 13.47 12.27 6.85
N LYS A 70 13.20 12.59 8.12
CA LYS A 70 13.79 11.86 9.23
C LYS A 70 13.31 10.41 9.22
N GLY A 71 14.18 9.51 9.69
CA GLY A 71 13.95 8.08 9.55
C GLY A 71 15.26 7.32 9.77
N PHE A 72 15.72 6.66 8.72
CA PHE A 72 17.05 6.07 8.69
C PHE A 72 18.03 7.02 8.02
N GLY A 73 19.30 6.60 7.99
CA GLY A 73 20.32 7.28 7.22
C GLY A 73 21.18 6.27 6.46
N PHE A 74 21.39 6.56 5.19
CA PHE A 74 22.37 5.82 4.38
C PHE A 74 23.73 6.52 4.42
N GLY A 75 24.62 5.98 5.24
CA GLY A 75 25.88 6.65 5.56
C GLY A 75 27.00 5.62 5.73
N GLN A 76 27.42 5.04 4.62
CA GLN A 76 28.41 3.98 4.63
C GLN A 76 29.33 4.09 3.42
N GLY A 77 29.32 5.26 2.80
CA GLY A 77 29.97 5.46 1.51
C GLY A 77 30.37 6.92 1.34
N ALA A 78 30.98 7.21 0.20
CA ALA A 78 31.23 8.58 -0.21
C ALA A 78 31.84 8.61 -1.61
N GLY A 79 33.00 7.98 -1.75
CA GLY A 79 33.60 7.73 -3.05
C GLY A 79 34.99 8.33 -3.12
N ALA A 80 35.99 7.47 -2.94
CA ALA A 80 37.39 7.88 -3.02
C ALA A 80 38.29 6.66 -3.23
N LEU A 81 38.81 6.53 -4.45
CA LEU A 81 39.84 5.56 -4.75
C LEU A 81 39.33 4.14 -4.48
N ILE A 82 38.85 3.50 -5.54
CA ILE A 82 38.14 2.23 -5.41
C ILE A 82 39.13 1.10 -5.11
N HIS A 83 38.58 -0.05 -4.73
CA HIS A 83 39.37 -1.27 -4.62
C HIS A 83 39.42 -1.99 -5.95
N SER A 84 40.64 -2.20 -6.45
CA SER A 84 40.89 -3.05 -7.60
C SER A 84 42.34 -3.51 -7.62
N GLN A 85 43.22 -2.61 -8.05
CA GLN A 85 44.60 -2.94 -8.33
C GLN A 85 44.68 -3.87 -9.54
ZN ZN B . -8.36 -10.77 2.06
ZN ZN C . 4.17 2.82 2.34
#